data_6IF5
#
_entry.id   6IF5
#
_cell.length_a   99.285
_cell.length_b   139.039
_cell.length_c   150.300
_cell.angle_alpha   90.00
_cell.angle_beta   90.00
_cell.angle_gamma   90.00
#
_symmetry.space_group_name_H-M   'P 21 21 21'
#
loop_
_entity.id
_entity.type
_entity.pdbx_description
1 polymer 'Toll-like receptor 7'
2 branched 2-acetamido-2-deoxy-beta-D-glucopyranose-(1-4)-2-acetamido-2-deoxy-beta-D-glucopyranose
3 non-polymer 2-acetamido-2-deoxy-beta-D-glucopyranose
4 non-polymer 'SULFATE ION'
5 non-polymer "GUANOSINE-5'-PHOSPHATE-2',3'-CYCLIC PHOSPHATE"
6 water water
#
_entity_poly.entity_id   1
_entity_poly.type   'polypeptide(L)'
_entity_poly.pdbx_seq_one_letter_code
;RSPWARWFPKTLPCDVTLDVSKNHVIVDCTDKHLTEIPGGIPTNTTNLTLTINHIPDISPASFHRLVHLVEIDFRCNCVP
IRLGSKSNMCPRRLQIKPRSFSGLTYLKSLYLDGNQLLEIPQGLPPSLQLLSLEANNIFSIRKEQLTELANIEILYLGQN
CYYRNPCYVSYSIEKDAFLNLTKLKVLSLKDNNVTTVPTVLPSTLTELYLYNNMIAEIQEDDFNNLNQLQILDLSGNCPR
CYNAPFPCTPCKNNSPLQIPVNAFDALTELKVLRLHSNSLQHVPPRWFKNINNLQELDLSQNFLAKEIGDAKFLHFLPNL
IQLDLSFNFELQVYRASMNLSQAFSSLKSLKILRIRGYVFKELKSFQLSPLHNLQNLEVLDLGTNFIKIANLSMFKQFKR
LKVIDLSVNKISPSGDSLVPRGSSNARTSVESYEPQVLEQLYYFRYDKYARSCRFKNKEASFTSVQESCYKYGQTLDLSK
NSIFFIKSSDFQHLSFLKCLNLSGNLISQTLNGSEFQPLAELRYLDFSNNRLDLLHSTAFEELRKLEVLDISSNSHYFQS
EGITHMLNFTKNLKVLQKLMMNDNDISSSTSRTMESESLRTLEFRGNHLDVLWRDGDNRYLQLFKNLLKLEELDISKNSL
SFLPSGVFDGMPPNLKNLSLAKNGLKSFIWEKLRYLKNLETLDLSHNQLTTVPERLSNCSRSLKNLILKNNQIRSLTKYF
LQDAFQLRYLDLSSNKIQMIQKTSFPENVLNNLKMLLLHHNRFLCTCDAVWFVWWVQHTEVTIPYLATDVTCVGPGAHKG
QSVISLDLYTCELDLTNEFLVPR
;
_entity_poly.pdbx_strand_id   B,A
#
# COMPACT_ATOMS: atom_id res chain seq x y z
N ALA A 5 -17.33 -3.57 -42.69
CA ALA A 5 -16.29 -4.46 -43.25
C ALA A 5 -16.75 -5.93 -43.12
N ARG A 6 -17.08 -6.44 -41.94
CA ARG A 6 -17.59 -7.85 -41.85
C ARG A 6 -19.04 -7.93 -42.34
N TRP A 7 -19.43 -9.04 -42.97
CA TRP A 7 -20.86 -9.23 -43.35
C TRP A 7 -21.68 -9.88 -42.24
N PHE A 8 -21.02 -10.68 -41.37
CA PHE A 8 -21.75 -11.47 -40.38
C PHE A 8 -21.12 -11.27 -39.00
N PRO A 9 -21.74 -10.50 -38.08
CA PRO A 9 -21.16 -10.25 -36.77
C PRO A 9 -20.96 -11.59 -36.02
N LYS A 10 -19.85 -11.70 -35.29
CA LYS A 10 -19.59 -12.85 -34.47
C LYS A 10 -20.19 -12.59 -33.10
N THR A 11 -21.22 -13.37 -32.77
CA THR A 11 -21.96 -13.29 -31.52
C THR A 11 -21.49 -14.37 -30.53
N LEU A 12 -20.73 -15.36 -31.01
CA LEU A 12 -20.28 -16.45 -30.13
C LEU A 12 -19.44 -15.86 -29.00
N PRO A 13 -19.78 -16.10 -27.71
CA PRO A 13 -18.99 -15.56 -26.61
C PRO A 13 -17.68 -16.31 -26.36
N CYS A 14 -17.06 -16.83 -27.42
CA CYS A 14 -15.78 -17.55 -27.32
C CYS A 14 -14.84 -16.94 -28.34
N ASP A 15 -13.54 -17.02 -28.05
CA ASP A 15 -12.52 -16.63 -28.98
C ASP A 15 -12.36 -17.75 -30.01
N VAL A 16 -12.35 -17.39 -31.29
CA VAL A 16 -12.13 -18.36 -32.34
C VAL A 16 -10.85 -17.98 -33.10
N THR A 17 -9.87 -18.91 -33.13
CA THR A 17 -8.66 -18.77 -33.90
C THR A 17 -8.66 -19.82 -35.01
N LEU A 18 -8.10 -19.44 -36.16
CA LEU A 18 -7.89 -20.30 -37.27
C LEU A 18 -6.39 -20.45 -37.45
N ASP A 19 -5.94 -21.70 -37.60
CA ASP A 19 -4.52 -22.06 -37.77
C ASP A 19 -4.42 -23.04 -38.97
N VAL A 20 -4.36 -22.48 -40.19
CA VAL A 20 -4.54 -23.27 -41.43
C VAL A 20 -3.51 -24.41 -41.51
N SER A 21 -2.26 -24.13 -41.15
CA SER A 21 -1.13 -25.10 -41.28
C SER A 21 -1.46 -26.44 -40.61
N LYS A 22 -1.80 -26.33 -39.31
CA LYS A 22 -2.06 -27.47 -38.42
C LYS A 22 -3.52 -27.94 -38.54
N ASN A 23 -4.29 -27.40 -39.49
CA ASN A 23 -5.70 -27.81 -39.71
C ASN A 23 -6.52 -27.60 -38.42
N HIS A 24 -6.22 -26.54 -37.65
CA HIS A 24 -6.89 -26.35 -36.35
C HIS A 24 -7.90 -25.20 -36.40
N VAL A 25 -9.02 -25.42 -35.71
CA VAL A 25 -10.02 -24.41 -35.46
C VAL A 25 -10.21 -24.37 -33.94
N ILE A 26 -9.70 -23.32 -33.29
CA ILE A 26 -9.57 -23.26 -31.82
C ILE A 26 -10.67 -22.36 -31.24
N VAL A 27 -11.48 -22.94 -30.36
CA VAL A 27 -12.56 -22.25 -29.77
C VAL A 27 -12.32 -22.24 -28.26
N ASP A 28 -12.00 -21.06 -27.74
CA ASP A 28 -11.69 -20.89 -26.33
C ASP A 28 -12.78 -20.08 -25.62
N CYS A 29 -13.60 -20.81 -24.85
CA CYS A 29 -14.67 -20.26 -24.04
C CYS A 29 -14.28 -20.30 -22.56
N THR A 30 -12.99 -20.14 -22.27
CA THR A 30 -12.56 -20.14 -20.84
C THR A 30 -13.23 -18.98 -20.10
N ASP A 31 -13.89 -19.31 -18.98
CA ASP A 31 -14.35 -18.29 -17.99
C ASP A 31 -15.30 -17.29 -18.63
N LYS A 32 -16.39 -17.76 -19.24
CA LYS A 32 -17.32 -16.87 -19.89
C LYS A 32 -18.65 -16.96 -19.18
N HIS A 33 -18.64 -17.42 -17.94
CA HIS A 33 -19.85 -17.48 -17.17
C HIS A 33 -20.96 -18.16 -17.98
N LEU A 34 -20.63 -19.30 -18.60
CA LEU A 34 -21.62 -20.10 -19.32
C LEU A 34 -22.29 -21.10 -18.39
N THR A 35 -23.59 -21.33 -18.62
CA THR A 35 -24.33 -22.39 -17.94
C THR A 35 -24.83 -23.43 -18.98
N GLU A 36 -24.53 -23.22 -20.27
CA GLU A 36 -24.72 -24.22 -21.32
C GLU A 36 -23.62 -24.02 -22.37
N ILE A 37 -23.34 -25.05 -23.14
CA ILE A 37 -22.44 -24.89 -24.30
C ILE A 37 -23.12 -23.91 -25.27
N PRO A 38 -22.43 -22.86 -25.77
CA PRO A 38 -23.02 -21.94 -26.75
C PRO A 38 -23.43 -22.60 -28.06
N GLY A 39 -24.56 -22.18 -28.62
CA GLY A 39 -24.92 -22.56 -29.98
C GLY A 39 -23.95 -21.95 -30.97
N GLY A 40 -23.88 -22.50 -32.18
CA GLY A 40 -23.15 -21.82 -33.25
C GLY A 40 -21.65 -22.07 -33.24
N ILE A 41 -21.17 -22.92 -32.32
CA ILE A 41 -19.76 -23.32 -32.32
C ILE A 41 -19.41 -23.87 -33.70
N PRO A 42 -18.30 -23.46 -34.37
CA PRO A 42 -18.03 -23.91 -35.71
C PRO A 42 -18.08 -25.43 -35.84
N THR A 43 -18.68 -25.89 -36.95
CA THR A 43 -18.82 -27.33 -37.22
C THR A 43 -17.43 -27.95 -37.31
N ASN A 44 -16.46 -27.18 -37.82
CA ASN A 44 -15.06 -27.60 -38.05
C ASN A 44 -14.16 -27.47 -36.80
N THR A 45 -14.72 -27.19 -35.62
CA THR A 45 -13.88 -26.97 -34.42
C THR A 45 -13.03 -28.23 -34.15
N THR A 46 -11.72 -28.05 -33.97
CA THR A 46 -10.81 -29.16 -33.55
C THR A 46 -10.46 -29.09 -32.05
N ASN A 47 -10.41 -27.89 -31.46
CA ASN A 47 -10.00 -27.70 -30.06
C ASN A 47 -11.00 -26.79 -29.35
N LEU A 48 -11.79 -27.34 -28.42
CA LEU A 48 -12.85 -26.65 -27.73
C LEU A 48 -12.50 -26.61 -26.24
N THR A 49 -12.35 -25.41 -25.69
CA THR A 49 -12.11 -25.21 -24.26
C THR A 49 -13.31 -24.55 -23.59
N LEU A 50 -13.85 -25.23 -22.60
CA LEU A 50 -14.97 -24.75 -21.81
C LEU A 50 -14.60 -24.68 -20.32
N THR A 51 -13.30 -24.60 -20.01
CA THR A 51 -12.80 -24.55 -18.67
C THR A 51 -13.35 -23.34 -17.90
N ILE A 52 -13.67 -23.58 -16.63
CA ILE A 52 -14.13 -22.54 -15.63
C ILE A 52 -15.44 -21.95 -16.15
N ASN A 53 -16.45 -22.81 -16.19
CA ASN A 53 -17.80 -22.41 -16.50
C ASN A 53 -18.70 -23.17 -15.52
N HIS A 54 -20.01 -23.04 -15.68
CA HIS A 54 -20.93 -23.71 -14.78
C HIS A 54 -21.91 -24.52 -15.61
N ILE A 55 -21.39 -25.26 -16.60
CA ILE A 55 -22.22 -26.13 -17.44
C ILE A 55 -22.53 -27.41 -16.67
N PRO A 56 -23.80 -27.77 -16.36
CA PRO A 56 -24.09 -28.83 -15.38
C PRO A 56 -24.12 -30.26 -15.94
N ASP A 57 -24.12 -30.39 -17.27
CA ASP A 57 -24.15 -31.72 -17.87
C ASP A 57 -23.63 -31.70 -19.31
N ILE A 58 -23.24 -32.90 -19.70
CA ILE A 58 -22.82 -33.22 -21.04
C ILE A 58 -23.75 -34.35 -21.52
N SER A 59 -24.07 -34.33 -22.82
CA SER A 59 -25.02 -35.24 -23.43
C SER A 59 -24.64 -35.40 -24.89
N PRO A 60 -25.30 -36.31 -25.65
CA PRO A 60 -25.01 -36.42 -27.07
C PRO A 60 -25.24 -35.12 -27.85
N ALA A 61 -26.13 -34.24 -27.39
CA ALA A 61 -26.34 -32.90 -28.00
C ALA A 61 -25.09 -32.00 -27.87
N SER A 62 -24.32 -32.18 -26.79
CA SER A 62 -23.19 -31.27 -26.49
C SER A 62 -22.28 -31.07 -27.70
N PHE A 63 -21.86 -32.18 -28.31
CA PHE A 63 -20.83 -32.15 -29.35
C PHE A 63 -21.35 -32.74 -30.67
N HIS A 64 -22.69 -32.78 -30.82
CA HIS A 64 -23.42 -33.38 -31.97
C HIS A 64 -22.69 -33.10 -33.30
N ARG A 65 -22.61 -31.83 -33.70
CA ARG A 65 -22.10 -31.48 -35.02
C ARG A 65 -20.57 -31.57 -35.09
N LEU A 66 -19.91 -31.70 -33.92
CA LEU A 66 -18.50 -31.32 -33.80
C LEU A 66 -17.63 -32.57 -33.95
N VAL A 67 -17.77 -33.21 -35.12
CA VAL A 67 -17.19 -34.54 -35.35
C VAL A 67 -15.68 -34.41 -35.60
N HIS A 68 -15.16 -33.19 -35.77
CA HIS A 68 -13.72 -33.06 -36.05
C HIS A 68 -12.90 -32.78 -34.76
N LEU A 69 -13.52 -32.89 -33.58
CA LEU A 69 -12.83 -32.46 -32.33
C LEU A 69 -11.63 -33.38 -32.07
N VAL A 70 -10.44 -32.81 -31.89
CA VAL A 70 -9.27 -33.58 -31.40
C VAL A 70 -9.04 -33.37 -29.89
N GLU A 71 -9.55 -32.26 -29.32
CA GLU A 71 -9.36 -31.96 -27.89
C GLU A 71 -10.60 -31.28 -27.31
N ILE A 72 -11.07 -31.81 -26.18
CA ILE A 72 -12.05 -31.14 -25.35
C ILE A 72 -11.42 -30.84 -23.99
N ASP A 73 -11.28 -29.54 -23.64
CA ASP A 73 -10.88 -29.13 -22.28
C ASP A 73 -12.13 -28.62 -21.56
N PHE A 74 -12.69 -29.49 -20.72
CA PHE A 74 -13.88 -29.28 -19.95
C PHE A 74 -13.49 -29.31 -18.48
N ARG A 75 -12.44 -28.56 -18.10
CA ARG A 75 -11.94 -28.55 -16.71
C ARG A 75 -12.82 -27.64 -15.86
N CYS A 76 -13.00 -28.00 -14.58
CA CYS A 76 -13.39 -27.06 -13.53
C CYS A 76 -14.78 -26.45 -13.81
N ASN A 77 -15.72 -27.30 -14.22
CA ASN A 77 -17.11 -26.88 -14.32
C ASN A 77 -17.86 -27.24 -13.05
N CYS A 78 -17.24 -27.99 -12.14
CA CYS A 78 -17.83 -28.27 -10.84
C CYS A 78 -16.71 -28.64 -9.86
N VAL A 79 -15.99 -27.63 -9.37
CA VAL A 79 -14.74 -27.93 -8.68
C VAL A 79 -15.05 -28.32 -7.23
N PRO A 80 -14.30 -29.29 -6.66
CA PRO A 80 -14.46 -29.69 -5.26
C PRO A 80 -14.50 -28.46 -4.33
N ILE A 81 -15.33 -28.55 -3.30
CA ILE A 81 -15.77 -27.35 -2.55
C ILE A 81 -14.54 -26.56 -2.05
N ARG A 82 -13.54 -27.26 -1.48
CA ARG A 82 -12.42 -26.59 -0.77
C ARG A 82 -11.45 -25.95 -1.77
N LEU A 83 -11.43 -26.48 -3.01
CA LEU A 83 -10.60 -25.93 -4.11
C LEU A 83 -11.33 -24.82 -4.89
N GLY A 84 -12.66 -24.77 -4.78
CA GLY A 84 -13.44 -23.88 -5.64
C GLY A 84 -13.87 -22.61 -4.94
N SER A 85 -14.55 -21.75 -5.71
CA SER A 85 -15.12 -20.49 -5.19
C SER A 85 -16.14 -20.76 -4.09
N LYS A 86 -16.05 -20.05 -2.94
CA LYS A 86 -17.03 -20.17 -1.90
C LYS A 86 -18.27 -19.26 -2.17
N SER A 87 -18.14 -18.24 -3.03
CA SER A 87 -19.28 -17.35 -3.36
C SER A 87 -20.20 -17.96 -4.43
N ASN A 88 -19.67 -18.93 -5.19
CA ASN A 88 -20.41 -19.57 -6.28
C ASN A 88 -20.00 -21.04 -6.30
N MET A 89 -20.51 -21.79 -5.31
CA MET A 89 -20.18 -23.19 -5.10
C MET A 89 -20.97 -24.02 -6.12
N CYS A 90 -20.41 -25.15 -6.54
CA CYS A 90 -21.10 -26.00 -7.45
C CYS A 90 -22.18 -26.79 -6.70
N PRO A 91 -23.46 -26.73 -7.14
CA PRO A 91 -24.53 -27.44 -6.44
C PRO A 91 -24.52 -28.97 -6.62
N ARG A 92 -24.07 -29.44 -7.78
CA ARG A 92 -24.22 -30.83 -8.12
C ARG A 92 -23.11 -31.23 -9.07
N ARG A 93 -22.55 -32.43 -8.88
CA ARG A 93 -21.45 -32.93 -9.74
C ARG A 93 -21.88 -32.85 -11.21
N LEU A 94 -20.89 -32.67 -12.10
CA LEU A 94 -21.13 -32.74 -13.53
C LEU A 94 -21.81 -34.07 -13.84
N GLN A 95 -22.84 -34.05 -14.70
CA GLN A 95 -23.54 -35.27 -15.18
C GLN A 95 -23.13 -35.51 -16.63
N ILE A 96 -22.61 -36.69 -16.91
CA ILE A 96 -22.24 -37.05 -18.27
C ILE A 96 -23.17 -38.19 -18.69
N LYS A 97 -24.07 -37.93 -19.65
CA LYS A 97 -25.01 -38.94 -20.14
C LYS A 97 -24.29 -39.93 -21.05
N PRO A 98 -24.83 -41.15 -21.25
CA PRO A 98 -24.26 -42.11 -22.18
C PRO A 98 -24.13 -41.52 -23.60
N ARG A 99 -23.08 -41.93 -24.30
CA ARG A 99 -22.86 -41.71 -25.73
C ARG A 99 -22.42 -40.27 -26.01
N SER A 100 -22.00 -39.50 -25.00
CA SER A 100 -21.58 -38.08 -25.22
C SER A 100 -20.28 -37.98 -26.01
N PHE A 101 -19.39 -38.98 -25.91
CA PHE A 101 -18.09 -38.85 -26.58
C PHE A 101 -17.88 -39.90 -27.67
N SER A 102 -18.72 -40.93 -27.71
CA SER A 102 -18.44 -42.12 -28.49
C SER A 102 -18.42 -41.81 -29.99
N GLY A 103 -19.11 -40.73 -30.40
CA GLY A 103 -19.18 -40.30 -31.77
C GLY A 103 -18.01 -39.42 -32.18
N LEU A 104 -17.11 -39.10 -31.24
CA LEU A 104 -15.98 -38.24 -31.57
C LEU A 104 -14.78 -39.14 -31.90
N THR A 105 -14.81 -39.56 -33.16
CA THR A 105 -13.92 -40.52 -33.75
C THR A 105 -12.47 -40.05 -33.72
N TYR A 106 -12.23 -38.73 -33.71
CA TYR A 106 -10.84 -38.23 -33.78
C TYR A 106 -10.34 -37.62 -32.44
N LEU A 107 -11.11 -37.75 -31.38
CA LEU A 107 -10.76 -37.15 -30.11
C LEU A 107 -9.48 -37.81 -29.56
N LYS A 108 -8.42 -37.01 -29.40
CA LYS A 108 -7.16 -37.41 -28.85
C LYS A 108 -7.00 -37.03 -27.36
N SER A 109 -7.54 -35.88 -26.93
CA SER A 109 -7.31 -35.35 -25.56
C SER A 109 -8.63 -34.96 -24.88
N LEU A 110 -8.85 -35.51 -23.69
CA LEU A 110 -10.01 -35.18 -22.90
C LEU A 110 -9.60 -34.78 -21.48
N TYR A 111 -9.78 -33.50 -21.14
CA TYR A 111 -9.59 -32.98 -19.74
C TYR A 111 -10.92 -32.79 -19.03
N LEU A 112 -11.18 -33.58 -17.97
CA LEU A 112 -12.34 -33.51 -17.16
C LEU A 112 -11.97 -33.32 -15.69
N ASP A 113 -10.87 -32.63 -15.44
CA ASP A 113 -10.42 -32.32 -14.07
C ASP A 113 -11.45 -31.40 -13.42
N GLY A 114 -11.65 -31.56 -12.12
CA GLY A 114 -12.36 -30.62 -11.28
C GLY A 114 -13.85 -30.56 -11.58
N ASN A 115 -14.52 -31.73 -11.64
CA ASN A 115 -15.93 -31.83 -11.97
C ASN A 115 -16.69 -32.67 -10.94
N GLN A 116 -16.01 -33.09 -9.86
CA GLN A 116 -16.58 -33.92 -8.81
C GLN A 116 -17.16 -35.25 -9.39
N LEU A 117 -16.57 -35.76 -10.45
CA LEU A 117 -17.03 -37.03 -11.00
C LEU A 117 -16.73 -38.16 -10.00
N LEU A 118 -17.61 -39.17 -9.97
CA LEU A 118 -17.52 -40.35 -9.06
C LEU A 118 -16.82 -41.56 -9.69
N GLU A 119 -16.77 -41.62 -11.01
CA GLU A 119 -16.26 -42.79 -11.71
C GLU A 119 -15.54 -42.33 -12.96
N ILE A 120 -14.68 -43.19 -13.50
CA ILE A 120 -14.09 -42.93 -14.78
C ILE A 120 -15.19 -42.91 -15.84
N PRO A 121 -15.34 -41.85 -16.67
CA PRO A 121 -16.35 -41.86 -17.74
C PRO A 121 -16.11 -43.00 -18.74
N GLN A 122 -17.20 -43.70 -19.06
CA GLN A 122 -17.16 -44.82 -20.00
C GLN A 122 -17.58 -44.32 -21.40
N GLY A 123 -17.47 -45.19 -22.40
CA GLY A 123 -17.90 -44.87 -23.74
C GLY A 123 -16.97 -43.87 -24.40
N LEU A 124 -15.70 -43.89 -24.02
CA LEU A 124 -14.75 -43.03 -24.60
C LEU A 124 -14.25 -43.67 -25.86
N PRO A 125 -14.01 -42.86 -26.92
CA PRO A 125 -13.56 -43.41 -28.20
C PRO A 125 -12.13 -43.92 -28.18
N PRO A 126 -11.84 -44.97 -28.98
CA PRO A 126 -10.52 -45.61 -29.00
C PRO A 126 -9.38 -44.74 -29.54
N SER A 127 -9.70 -43.58 -30.15
CA SER A 127 -8.64 -42.62 -30.55
C SER A 127 -7.95 -41.98 -29.33
N LEU A 128 -8.56 -42.06 -28.14
CA LEU A 128 -8.11 -41.17 -27.04
C LEU A 128 -6.71 -41.56 -26.58
N GLN A 129 -5.83 -40.56 -26.52
CA GLN A 129 -4.49 -40.71 -26.05
C GLN A 129 -4.22 -40.07 -24.68
N LEU A 130 -4.96 -39.01 -24.30
CA LEU A 130 -4.73 -38.29 -23.04
C LEU A 130 -6.08 -38.13 -22.36
N LEU A 131 -6.15 -38.59 -21.11
CA LEU A 131 -7.29 -38.45 -20.28
C LEU A 131 -6.85 -37.87 -18.96
N SER A 132 -7.46 -36.73 -18.57
CA SER A 132 -7.12 -36.07 -17.28
C SER A 132 -8.35 -36.00 -16.40
N LEU A 133 -8.26 -36.55 -15.19
CA LEU A 133 -9.36 -36.64 -14.22
C LEU A 133 -8.93 -36.20 -12.80
N GLU A 134 -8.05 -35.20 -12.73
CA GLU A 134 -7.53 -34.66 -11.48
C GLU A 134 -8.69 -33.98 -10.73
N ALA A 135 -8.66 -34.02 -9.38
CA ALA A 135 -9.59 -33.19 -8.59
C ALA A 135 -11.03 -33.59 -8.92
N ASN A 136 -11.25 -34.89 -9.06
CA ASN A 136 -12.59 -35.48 -9.07
C ASN A 136 -12.71 -36.27 -7.76
N ASN A 137 -13.65 -37.22 -7.69
CA ASN A 137 -13.90 -38.01 -6.49
C ASN A 137 -13.86 -39.51 -6.87
N ILE A 138 -12.82 -39.89 -7.63
CA ILE A 138 -12.56 -41.26 -8.10
C ILE A 138 -11.38 -41.82 -7.27
N PHE A 139 -11.68 -42.72 -6.35
CA PHE A 139 -10.69 -43.23 -5.44
C PHE A 139 -10.71 -44.76 -5.38
N SER A 140 -11.26 -45.40 -6.42
CA SER A 140 -11.11 -46.82 -6.61
C SER A 140 -10.99 -47.14 -8.11
N ILE A 141 -9.86 -47.75 -8.50
CA ILE A 141 -9.54 -48.01 -9.90
C ILE A 141 -9.68 -49.52 -10.14
N ARG A 142 -10.55 -49.86 -11.09
CA ARG A 142 -10.93 -51.24 -11.40
C ARG A 142 -10.54 -51.50 -12.86
N LYS A 143 -9.94 -52.67 -13.10
CA LYS A 143 -9.44 -53.04 -14.41
C LYS A 143 -10.56 -52.90 -15.46
N GLU A 144 -11.78 -53.29 -15.12
CA GLU A 144 -12.94 -53.26 -16.05
C GLU A 144 -13.25 -51.81 -16.52
N GLN A 145 -13.01 -50.81 -15.67
CA GLN A 145 -13.29 -49.41 -16.06
C GLN A 145 -12.25 -48.85 -17.04
N LEU A 146 -11.14 -49.56 -17.22
CA LEU A 146 -9.99 -49.09 -17.97
C LEU A 146 -9.86 -49.81 -19.33
N THR A 147 -10.69 -50.82 -19.58
CA THR A 147 -10.55 -51.59 -20.86
C THR A 147 -10.82 -50.66 -22.05
N GLU A 148 -11.75 -49.69 -21.90
CA GLU A 148 -11.98 -48.63 -22.92
C GLU A 148 -10.70 -47.82 -23.27
N LEU A 149 -9.67 -47.82 -22.42
CA LEU A 149 -8.51 -46.93 -22.62
C LEU A 149 -7.34 -47.66 -23.31
N ALA A 150 -7.64 -48.62 -24.19
CA ALA A 150 -6.59 -49.47 -24.79
C ALA A 150 -5.45 -48.66 -25.41
N ASN A 151 -5.76 -47.51 -26.02
CA ASN A 151 -4.77 -46.73 -26.72
C ASN A 151 -4.25 -45.53 -25.91
N ILE A 152 -4.59 -45.47 -24.61
CA ILE A 152 -4.22 -44.30 -23.80
C ILE A 152 -2.70 -44.24 -23.58
N GLU A 153 -2.13 -43.04 -23.72
CA GLU A 153 -0.72 -42.79 -23.49
C GLU A 153 -0.46 -41.98 -22.21
N ILE A 154 -1.36 -41.07 -21.85
CA ILE A 154 -1.13 -40.17 -20.68
C ILE A 154 -2.39 -40.21 -19.84
N LEU A 155 -2.25 -40.52 -18.54
CA LEU A 155 -3.36 -40.69 -17.66
C LEU A 155 -3.09 -39.94 -16.35
N TYR A 156 -3.86 -38.88 -16.10
CA TYR A 156 -3.75 -38.06 -14.88
C TYR A 156 -4.92 -38.40 -13.95
N LEU A 157 -4.63 -38.97 -12.78
CA LEU A 157 -5.65 -39.40 -11.83
C LEU A 157 -5.48 -38.80 -10.43
N GLY A 158 -4.56 -37.86 -10.28
CA GLY A 158 -4.17 -37.33 -8.99
C GLY A 158 -5.22 -36.40 -8.42
N GLN A 159 -4.99 -35.99 -7.16
CA GLN A 159 -5.83 -35.03 -6.40
C GLN A 159 -7.28 -35.49 -6.20
N ASN A 160 -7.51 -36.82 -6.20
CA ASN A 160 -8.83 -37.36 -6.01
C ASN A 160 -9.04 -37.76 -4.54
N CYS A 161 -7.99 -37.74 -3.71
CA CYS A 161 -8.14 -38.08 -2.26
C CYS A 161 -7.01 -37.50 -1.39
N TYR A 162 -7.16 -36.24 -0.99
CA TYR A 162 -6.14 -35.54 -0.18
C TYR A 162 -6.85 -34.46 0.64
N TYR A 163 -6.12 -33.69 1.45
CA TYR A 163 -6.76 -32.83 2.46
C TYR A 163 -7.64 -31.74 1.80
N ARG A 164 -7.36 -31.31 0.56
CA ARG A 164 -8.19 -30.26 -0.10
C ARG A 164 -9.40 -30.92 -0.82
N ASN A 165 -9.48 -32.25 -0.80
CA ASN A 165 -10.50 -32.97 -1.55
C ASN A 165 -10.61 -34.37 -0.95
N PRO A 166 -11.01 -34.49 0.33
CA PRO A 166 -10.88 -35.77 1.04
C PRO A 166 -11.82 -36.86 0.54
N CYS A 167 -11.42 -38.14 0.63
CA CYS A 167 -12.33 -39.25 0.32
C CYS A 167 -12.53 -40.17 1.54
N TYR A 168 -11.76 -40.01 2.61
CA TYR A 168 -12.01 -40.60 3.90
C TYR A 168 -11.69 -42.10 3.92
N VAL A 169 -11.06 -42.64 2.87
CA VAL A 169 -10.59 -44.01 2.81
C VAL A 169 -9.23 -44.01 2.11
N SER A 170 -8.48 -45.09 2.25
CA SER A 170 -7.32 -45.37 1.37
C SER A 170 -7.76 -45.53 -0.09
N TYR A 171 -6.91 -45.09 -1.00
CA TYR A 171 -7.15 -45.30 -2.44
C TYR A 171 -7.00 -46.79 -2.73
N SER A 172 -7.78 -47.31 -3.67
CA SER A 172 -7.74 -48.71 -4.06
C SER A 172 -7.45 -48.82 -5.55
N ILE A 173 -6.53 -49.71 -5.88
CA ILE A 173 -6.26 -50.07 -7.23
C ILE A 173 -6.22 -51.59 -7.30
N GLU A 174 -7.02 -52.17 -8.18
CA GLU A 174 -7.00 -53.58 -8.39
C GLU A 174 -5.65 -53.99 -8.99
N LYS A 175 -5.23 -55.20 -8.62
CA LYS A 175 -4.05 -55.82 -9.14
C LYS A 175 -4.10 -55.85 -10.67
N ASP A 176 -2.99 -55.47 -11.31
CA ASP A 176 -2.84 -55.42 -12.77
C ASP A 176 -3.84 -54.46 -13.45
N ALA A 177 -4.47 -53.54 -12.70
CA ALA A 177 -5.38 -52.54 -13.31
C ALA A 177 -4.79 -51.90 -14.58
N PHE A 178 -3.50 -51.50 -14.58
CA PHE A 178 -2.95 -50.76 -15.74
C PHE A 178 -2.18 -51.65 -16.70
N LEU A 179 -2.03 -52.93 -16.37
CA LEU A 179 -1.09 -53.81 -17.08
C LEU A 179 -1.42 -53.89 -18.58
N ASN A 180 -2.71 -53.96 -18.92
CA ASN A 180 -3.14 -54.15 -20.30
C ASN A 180 -3.27 -52.80 -21.03
N LEU A 181 -2.95 -51.66 -20.39
CA LEU A 181 -2.83 -50.43 -21.13
C LEU A 181 -1.43 -50.39 -21.74
N THR A 182 -1.28 -50.98 -22.93
CA THR A 182 0.04 -51.33 -23.43
C THR A 182 0.71 -50.19 -24.19
N LYS A 183 0.07 -49.00 -24.30
CA LYS A 183 0.75 -47.83 -24.82
C LYS A 183 0.98 -46.75 -23.74
N LEU A 184 0.58 -47.03 -22.49
CA LEU A 184 0.67 -46.05 -21.43
C LEU A 184 2.12 -45.60 -21.21
N LYS A 185 2.34 -44.28 -21.28
CA LYS A 185 3.65 -43.63 -21.10
C LYS A 185 3.72 -42.84 -19.79
N VAL A 186 2.64 -42.13 -19.43
CA VAL A 186 2.67 -41.22 -18.30
C VAL A 186 1.53 -41.57 -17.40
N LEU A 187 1.83 -41.95 -16.15
CA LEU A 187 0.81 -42.26 -15.15
C LEU A 187 1.05 -41.41 -13.91
N SER A 188 0.04 -40.63 -13.52
CA SER A 188 0.14 -39.79 -12.35
C SER A 188 -0.94 -40.15 -11.33
N LEU A 189 -0.50 -40.51 -10.11
CA LEU A 189 -1.41 -40.91 -9.03
C LEU A 189 -1.07 -40.13 -7.75
N LYS A 190 -0.61 -38.89 -7.94
CA LYS A 190 -0.20 -38.02 -6.88
C LYS A 190 -1.41 -37.60 -6.05
N ASP A 191 -1.14 -37.20 -4.80
CA ASP A 191 -2.12 -36.54 -3.96
C ASP A 191 -3.39 -37.38 -3.84
N ASN A 192 -3.25 -38.71 -3.59
CA ASN A 192 -4.36 -39.67 -3.75
C ASN A 192 -4.57 -40.60 -2.54
N ASN A 193 -3.79 -40.51 -1.46
CA ASN A 193 -3.95 -41.43 -0.31
C ASN A 193 -3.69 -42.90 -0.72
N VAL A 194 -2.78 -43.10 -1.68
CA VAL A 194 -2.34 -44.40 -2.13
C VAL A 194 -1.48 -45.05 -1.05
N THR A 195 -1.65 -46.36 -0.80
CA THR A 195 -0.88 -47.02 0.27
C THR A 195 0.22 -47.93 -0.29
N THR A 196 0.13 -48.39 -1.54
CA THR A 196 1.24 -49.20 -2.12
C THR A 196 1.43 -48.85 -3.59
N VAL A 197 2.61 -49.16 -4.13
CA VAL A 197 2.82 -48.98 -5.54
C VAL A 197 1.91 -49.97 -6.24
N PRO A 198 1.03 -49.53 -7.20
CA PRO A 198 0.17 -50.47 -7.90
C PRO A 198 1.13 -51.33 -8.73
N THR A 199 0.87 -52.64 -8.79
CA THR A 199 1.57 -53.53 -9.69
C THR A 199 0.56 -54.46 -10.37
N VAL A 200 0.91 -55.07 -11.51
CA VAL A 200 2.09 -54.81 -12.33
C VAL A 200 1.76 -53.65 -13.28
N LEU A 201 2.71 -52.73 -13.48
CA LEU A 201 2.49 -51.58 -14.35
C LEU A 201 3.04 -51.92 -15.73
N PRO A 202 2.51 -51.33 -16.82
CA PRO A 202 3.01 -51.60 -18.17
C PRO A 202 4.46 -51.09 -18.35
N SER A 203 5.27 -51.88 -19.07
CA SER A 203 6.70 -51.62 -19.23
C SER A 203 6.93 -50.48 -20.25
N THR A 204 5.85 -49.96 -20.83
CA THR A 204 5.93 -48.80 -21.71
C THR A 204 6.09 -47.50 -20.90
N LEU A 205 5.76 -47.52 -19.60
CA LEU A 205 5.86 -46.25 -18.77
C LEU A 205 7.18 -45.51 -18.96
N THR A 206 7.08 -44.18 -19.16
CA THR A 206 8.22 -43.30 -19.14
C THR A 206 8.18 -42.35 -17.94
N GLU A 207 7.00 -42.04 -17.38
CA GLU A 207 6.93 -41.15 -16.22
C GLU A 207 5.89 -41.69 -15.24
N LEU A 208 6.27 -41.75 -13.96
CA LEU A 208 5.48 -42.31 -12.89
C LEU A 208 5.59 -41.39 -11.68
N TYR A 209 4.44 -40.80 -11.34
CA TYR A 209 4.23 -39.79 -10.31
C TYR A 209 3.37 -40.42 -9.23
N LEU A 210 4.00 -40.70 -8.07
CA LEU A 210 3.35 -41.35 -6.93
C LEU A 210 3.55 -40.52 -5.66
N TYR A 211 3.80 -39.22 -5.83
CA TYR A 211 4.15 -38.36 -4.71
C TYR A 211 2.89 -37.95 -3.93
N ASN A 212 3.13 -37.54 -2.68
CA ASN A 212 2.16 -37.11 -1.72
C ASN A 212 1.08 -38.19 -1.52
N ASN A 213 1.50 -39.40 -1.14
CA ASN A 213 0.64 -40.49 -0.86
C ASN A 213 0.91 -41.01 0.55
N MET A 214 0.47 -42.23 0.81
CA MET A 214 0.75 -42.86 2.10
C MET A 214 1.50 -44.19 1.88
N ILE A 215 2.50 -44.19 0.99
CA ILE A 215 3.33 -45.38 0.72
C ILE A 215 4.44 -45.42 1.78
N ALA A 216 4.50 -46.51 2.58
CA ALA A 216 5.49 -46.61 3.69
C ALA A 216 6.71 -47.42 3.23
N GLU A 217 6.52 -48.22 2.19
CA GLU A 217 7.48 -49.21 1.79
C GLU A 217 7.38 -49.46 0.29
N ILE A 218 8.53 -49.53 -0.38
CA ILE A 218 8.66 -49.97 -1.73
C ILE A 218 9.08 -51.44 -1.65
N GLN A 219 8.45 -52.31 -2.41
CA GLN A 219 8.89 -53.71 -2.55
C GLN A 219 10.00 -53.78 -3.58
N GLU A 220 10.84 -54.82 -3.48
CA GLU A 220 12.02 -54.90 -4.29
C GLU A 220 11.67 -55.04 -5.76
N ASP A 221 10.49 -55.58 -6.06
CA ASP A 221 10.09 -55.86 -7.41
C ASP A 221 9.00 -54.86 -7.91
N ASP A 222 8.72 -53.80 -7.14
CA ASP A 222 7.68 -52.82 -7.53
C ASP A 222 7.97 -52.17 -8.90
N PHE A 223 9.24 -52.01 -9.30
CA PHE A 223 9.62 -51.33 -10.55
C PHE A 223 10.38 -52.23 -11.52
N ASN A 224 10.25 -53.56 -11.31
CA ASN A 224 11.03 -54.62 -11.98
C ASN A 224 10.97 -54.56 -13.50
N ASN A 225 9.83 -54.18 -14.04
CA ASN A 225 9.68 -54.29 -15.48
C ASN A 225 9.84 -52.92 -16.17
N LEU A 226 10.20 -51.85 -15.45
CA LEU A 226 9.99 -50.46 -16.00
C LEU A 226 11.26 -49.98 -16.67
N ASN A 227 11.64 -50.72 -17.71
CA ASN A 227 12.95 -50.49 -18.31
C ASN A 227 12.92 -49.26 -19.23
N GLN A 228 11.75 -48.63 -19.48
CA GLN A 228 11.75 -47.35 -20.26
C GLN A 228 11.52 -46.14 -19.35
N LEU A 229 11.47 -46.35 -18.04
CA LEU A 229 11.12 -45.26 -17.15
C LEU A 229 12.23 -44.20 -17.15
N GLN A 230 11.81 -42.93 -17.30
CA GLN A 230 12.71 -41.78 -17.34
C GLN A 230 12.54 -40.88 -16.10
N ILE A 231 11.32 -40.75 -15.60
CA ILE A 231 11.03 -39.90 -14.43
C ILE A 231 10.26 -40.74 -13.38
N LEU A 232 10.75 -40.72 -12.15
CA LEU A 232 10.14 -41.36 -11.04
C LEU A 232 10.08 -40.37 -9.88
N ASP A 233 8.87 -40.15 -9.35
CA ASP A 233 8.67 -39.24 -8.22
C ASP A 233 7.91 -39.97 -7.10
N LEU A 234 8.61 -40.23 -6.00
CA LEU A 234 8.09 -40.91 -4.83
C LEU A 234 7.99 -39.96 -3.63
N SER A 235 8.19 -38.66 -3.89
CA SER A 235 8.24 -37.57 -2.87
C SER A 235 7.02 -37.60 -1.94
N GLY A 236 7.17 -37.12 -0.70
CA GLY A 236 6.01 -36.88 0.16
C GLY A 236 5.32 -38.17 0.63
N ASN A 237 6.06 -39.28 0.66
CA ASN A 237 5.65 -40.53 1.32
C ASN A 237 6.61 -40.73 2.51
N CYS A 238 6.09 -40.76 3.72
CA CYS A 238 6.82 -40.51 5.00
C CYS A 238 7.39 -39.08 5.01
N PRO A 239 6.55 -38.05 4.98
CA PRO A 239 7.05 -36.68 4.85
C PRO A 239 7.84 -36.20 6.06
N ARG A 240 8.70 -35.20 5.82
CA ARG A 240 9.31 -34.37 6.84
C ARG A 240 8.35 -33.22 7.10
N CYS A 241 7.78 -33.17 8.30
CA CYS A 241 6.62 -32.31 8.54
C CYS A 241 6.97 -31.00 9.22
N TYR A 242 8.23 -30.79 9.61
CA TYR A 242 8.58 -29.57 10.36
C TYR A 242 8.30 -28.32 9.51
N ASN A 243 7.52 -27.40 10.08
CA ASN A 243 7.09 -26.14 9.48
C ASN A 243 6.28 -26.35 8.21
N ALA A 244 5.68 -27.51 8.01
CA ALA A 244 4.86 -27.77 6.83
C ALA A 244 3.67 -26.80 6.81
N PRO A 245 3.35 -26.17 5.67
CA PRO A 245 2.17 -25.31 5.58
C PRO A 245 0.87 -26.03 5.15
N PHE A 246 0.88 -27.36 5.25
CA PHE A 246 -0.31 -28.16 5.02
C PHE A 246 -0.36 -29.21 6.13
N PRO A 247 -1.53 -29.85 6.36
CA PRO A 247 -1.68 -30.89 7.39
C PRO A 247 -0.80 -32.05 6.93
N CYS A 248 0.13 -32.45 7.77
CA CYS A 248 1.20 -33.33 7.38
C CYS A 248 1.28 -34.45 8.44
N THR A 249 1.16 -35.71 8.02
CA THR A 249 1.28 -36.84 8.93
C THR A 249 2.53 -37.63 8.60
N PRO A 250 3.51 -37.71 9.52
CA PRO A 250 4.74 -38.49 9.31
C PRO A 250 4.49 -39.99 9.48
N CYS A 251 5.34 -40.82 8.91
CA CYS A 251 5.30 -42.25 9.17
C CYS A 251 5.66 -42.44 10.65
N LYS A 252 5.11 -43.46 11.30
CA LYS A 252 5.35 -43.67 12.75
C LYS A 252 6.85 -43.85 12.99
N ASN A 253 7.28 -43.47 14.19
CA ASN A 253 8.62 -43.75 14.76
C ASN A 253 9.69 -43.10 13.89
N ASN A 254 9.40 -41.88 13.43
CA ASN A 254 9.96 -41.14 12.28
C ASN A 254 10.75 -42.08 11.36
N SER A 255 10.02 -43.01 10.78
CA SER A 255 10.57 -43.92 9.86
C SER A 255 10.72 -43.22 8.49
N PRO A 256 11.80 -43.48 7.73
CA PRO A 256 11.90 -43.09 6.34
C PRO A 256 10.99 -43.96 5.48
N LEU A 257 10.70 -43.50 4.27
CA LEU A 257 10.23 -44.40 3.22
C LEU A 257 11.31 -45.46 3.03
N GLN A 258 10.92 -46.72 3.09
CA GLN A 258 11.84 -47.83 3.05
C GLN A 258 11.92 -48.32 1.62
N ILE A 259 13.10 -48.19 1.05
CA ILE A 259 13.37 -48.50 -0.31
C ILE A 259 14.48 -49.54 -0.35
N PRO A 260 14.21 -50.75 -0.83
CA PRO A 260 15.25 -51.77 -0.92
C PRO A 260 16.43 -51.26 -1.75
N VAL A 261 17.62 -51.82 -1.48
CA VAL A 261 18.84 -51.36 -2.13
C VAL A 261 18.81 -51.66 -3.63
N ASN A 262 17.98 -52.62 -4.06
CA ASN A 262 17.92 -53.06 -5.44
C ASN A 262 16.61 -52.65 -6.14
N ALA A 263 15.86 -51.73 -5.53
CA ALA A 263 14.54 -51.32 -6.03
C ALA A 263 14.64 -50.67 -7.43
N PHE A 264 15.77 -50.03 -7.75
CA PHE A 264 15.88 -49.24 -8.97
C PHE A 264 16.68 -49.99 -10.06
N ASP A 265 17.00 -51.28 -9.85
CA ASP A 265 17.92 -52.04 -10.74
C ASP A 265 17.38 -52.11 -12.17
N ALA A 266 16.07 -52.16 -12.37
CA ALA A 266 15.54 -52.26 -13.75
C ALA A 266 15.55 -50.90 -14.48
N LEU A 267 15.80 -49.81 -13.76
CA LEU A 267 15.53 -48.44 -14.29
C LEU A 267 16.77 -47.86 -14.98
N THR A 268 17.21 -48.50 -16.06
CA THR A 268 18.47 -48.15 -16.65
C THR A 268 18.35 -46.87 -17.48
N GLU A 269 17.13 -46.48 -17.90
CA GLU A 269 16.91 -45.19 -18.62
C GLU A 269 16.59 -44.00 -17.68
N LEU A 270 16.58 -44.19 -16.35
CA LEU A 270 16.08 -43.16 -15.42
C LEU A 270 16.94 -41.89 -15.53
N LYS A 271 16.28 -40.74 -15.71
CA LYS A 271 16.94 -39.44 -15.81
C LYS A 271 16.62 -38.56 -14.60
N VAL A 272 15.43 -38.72 -14.05
CA VAL A 272 14.93 -37.87 -12.96
C VAL A 272 14.40 -38.78 -11.84
N LEU A 273 14.93 -38.57 -10.64
CA LEU A 273 14.54 -39.24 -9.44
C LEU A 273 14.28 -38.17 -8.37
N ARG A 274 13.02 -38.10 -7.95
CA ARG A 274 12.58 -37.19 -6.95
C ARG A 274 12.20 -37.98 -5.68
N LEU A 275 12.98 -37.69 -4.62
CA LEU A 275 12.82 -38.26 -3.26
C LEU A 275 12.85 -37.12 -2.24
N HIS A 276 11.99 -36.13 -2.48
CA HIS A 276 11.79 -34.98 -1.60
C HIS A 276 10.80 -35.35 -0.49
N SER A 277 11.11 -34.98 0.74
CA SER A 277 10.21 -35.19 1.89
C SER A 277 9.88 -36.68 1.99
N ASN A 278 10.92 -37.51 2.13
CA ASN A 278 10.73 -38.94 2.38
C ASN A 278 11.36 -39.39 3.71
N SER A 279 11.78 -38.41 4.53
CA SER A 279 12.37 -38.53 5.83
C SER A 279 13.62 -39.43 5.77
N LEU A 280 14.36 -39.40 4.66
CA LEU A 280 15.48 -40.29 4.52
C LEU A 280 16.62 -39.87 5.46
N GLN A 281 17.33 -40.88 6.01
CA GLN A 281 18.48 -40.63 6.85
C GLN A 281 19.75 -41.07 6.15
N HIS A 282 19.64 -41.94 5.16
CA HIS A 282 20.84 -42.45 4.46
C HIS A 282 20.48 -42.57 3.00
N VAL A 283 21.49 -42.39 2.13
CA VAL A 283 21.36 -42.65 0.70
C VAL A 283 22.35 -43.77 0.36
N PRO A 284 21.86 -45.05 0.29
CA PRO A 284 22.68 -46.18 -0.13
C PRO A 284 23.25 -46.04 -1.54
N PRO A 285 24.59 -46.13 -1.73
CA PRO A 285 25.19 -46.10 -3.06
C PRO A 285 24.62 -47.21 -3.96
N ARG A 286 24.28 -48.34 -3.35
CA ARG A 286 23.70 -49.49 -4.07
C ARG A 286 22.47 -49.09 -4.90
N TRP A 287 21.64 -48.12 -4.44
CA TRP A 287 20.51 -47.60 -5.26
C TRP A 287 20.94 -47.31 -6.70
N PHE A 288 22.14 -46.73 -6.87
CA PHE A 288 22.54 -46.17 -8.17
C PHE A 288 23.40 -47.13 -9.02
N LYS A 289 23.44 -48.43 -8.68
CA LYS A 289 24.36 -49.39 -9.35
C LYS A 289 24.10 -49.47 -10.87
N ASN A 290 22.84 -49.59 -11.28
CA ASN A 290 22.43 -49.78 -12.67
C ASN A 290 21.86 -48.50 -13.31
N ILE A 291 21.96 -47.39 -12.60
CA ILE A 291 21.44 -46.13 -13.13
C ILE A 291 22.66 -45.27 -13.47
N ASN A 292 23.06 -45.27 -14.73
CA ASN A 292 24.30 -44.60 -15.15
C ASN A 292 23.97 -43.18 -15.68
N ASN A 293 22.70 -42.96 -16.08
CA ASN A 293 22.30 -41.81 -16.87
C ASN A 293 21.53 -40.77 -16.04
N LEU A 294 21.50 -40.90 -14.71
CA LEU A 294 20.70 -39.99 -13.89
C LEU A 294 21.20 -38.54 -14.06
N GLN A 295 20.26 -37.61 -14.30
CA GLN A 295 20.57 -36.21 -14.57
C GLN A 295 20.07 -35.29 -13.45
N GLU A 296 18.95 -35.64 -12.81
CA GLU A 296 18.35 -34.83 -11.78
C GLU A 296 18.01 -35.71 -10.56
N LEU A 297 18.44 -35.24 -9.39
CA LEU A 297 18.17 -35.89 -8.15
C LEU A 297 17.75 -34.86 -7.09
N ASP A 298 16.51 -35.03 -6.58
CA ASP A 298 15.97 -34.21 -5.53
C ASP A 298 15.90 -35.02 -4.25
N LEU A 299 16.72 -34.59 -3.27
CA LEU A 299 16.82 -35.17 -1.96
C LEU A 299 16.55 -34.11 -0.91
N SER A 300 15.73 -33.12 -1.27
CA SER A 300 15.36 -32.07 -0.33
C SER A 300 14.31 -32.57 0.68
N GLN A 301 14.26 -31.91 1.84
CA GLN A 301 13.33 -32.13 2.95
C GLN A 301 13.44 -33.56 3.45
N ASN A 302 14.66 -34.00 3.71
CA ASN A 302 14.86 -35.25 4.37
C ASN A 302 15.65 -34.98 5.68
N PHE A 303 16.35 -36.01 6.19
CA PHE A 303 17.19 -35.87 7.40
C PHE A 303 18.61 -36.33 7.07
N LEU A 304 19.18 -35.74 6.01
CA LEU A 304 20.45 -36.17 5.45
C LEU A 304 21.62 -35.25 5.87
N ALA A 305 21.51 -34.49 6.97
CA ALA A 305 22.59 -33.57 7.38
C ALA A 305 23.93 -34.31 7.53
N LYS A 306 23.93 -35.46 8.22
CA LYS A 306 25.17 -36.24 8.40
C LYS A 306 25.65 -36.82 7.08
N GLU A 307 24.72 -37.38 6.31
CA GLU A 307 25.04 -38.01 5.00
C GLU A 307 25.79 -37.05 4.06
N ILE A 308 25.50 -35.74 4.13
CA ILE A 308 26.13 -34.76 3.19
C ILE A 308 27.67 -34.74 3.35
N GLY A 309 28.18 -35.00 4.55
CA GLY A 309 29.63 -35.11 4.81
C GLY A 309 30.22 -36.48 4.49
N ASP A 310 29.40 -37.43 4.03
CA ASP A 310 29.88 -38.76 3.71
C ASP A 310 29.54 -39.03 2.23
N ALA A 311 28.28 -39.30 1.91
CA ALA A 311 27.75 -39.19 0.51
C ALA A 311 28.53 -40.04 -0.50
N LYS A 312 28.79 -41.32 -0.15
CA LYS A 312 29.50 -42.18 -1.05
C LYS A 312 28.72 -42.37 -2.35
N PHE A 313 27.38 -42.24 -2.29
CA PHE A 313 26.51 -42.42 -3.46
C PHE A 313 26.87 -41.49 -4.63
N LEU A 314 27.52 -40.35 -4.34
CA LEU A 314 27.81 -39.38 -5.41
C LEU A 314 28.82 -39.94 -6.44
N HIS A 315 29.64 -40.91 -6.01
CA HIS A 315 30.60 -41.58 -6.88
C HIS A 315 29.88 -42.33 -7.99
N PHE A 316 28.57 -42.58 -7.87
CA PHE A 316 27.82 -43.31 -8.91
C PHE A 316 27.07 -42.39 -9.86
N LEU A 317 27.27 -41.07 -9.76
CA LEU A 317 26.46 -40.11 -10.49
C LEU A 317 27.32 -39.16 -11.33
N PRO A 318 28.19 -39.64 -12.23
CA PRO A 318 29.05 -38.74 -13.02
C PRO A 318 28.34 -37.95 -14.13
N ASN A 319 27.10 -38.32 -14.48
CA ASN A 319 26.30 -37.62 -15.46
C ASN A 319 25.26 -36.65 -14.84
N LEU A 320 25.17 -36.59 -13.51
CA LEU A 320 24.19 -35.76 -12.83
C LEU A 320 24.41 -34.29 -13.18
N ILE A 321 23.30 -33.62 -13.49
CA ILE A 321 23.27 -32.19 -13.91
C ILE A 321 22.79 -31.33 -12.73
N GLN A 322 21.76 -31.79 -12.00
CA GLN A 322 21.21 -31.06 -10.87
C GLN A 322 21.08 -31.96 -9.64
N LEU A 323 21.45 -31.38 -8.48
CA LEU A 323 21.43 -32.07 -7.18
C LEU A 323 20.80 -31.09 -6.20
N ASP A 324 19.72 -31.50 -5.55
CA ASP A 324 19.14 -30.70 -4.49
C ASP A 324 19.21 -31.44 -3.14
N LEU A 325 19.92 -30.85 -2.18
CA LEU A 325 20.02 -31.38 -0.82
C LEU A 325 19.49 -30.38 0.20
N SER A 326 18.56 -29.53 -0.24
CA SER A 326 18.06 -28.47 0.63
C SER A 326 17.18 -29.03 1.77
N PHE A 327 17.18 -28.34 2.91
CA PHE A 327 16.30 -28.52 4.03
C PHE A 327 16.45 -29.94 4.59
N ASN A 328 17.69 -30.26 4.94
CA ASN A 328 18.07 -31.51 5.53
C ASN A 328 18.59 -31.33 6.96
N PHE A 329 18.44 -30.14 7.53
CA PHE A 329 19.06 -29.85 8.81
C PHE A 329 18.42 -30.68 9.92
N GLU A 330 19.22 -30.91 10.95
CA GLU A 330 18.78 -31.60 12.13
C GLU A 330 18.10 -30.58 13.04
N LEU A 331 16.88 -30.89 13.50
CA LEU A 331 16.09 -29.95 14.28
C LEU A 331 16.88 -29.59 15.55
N GLN A 332 16.87 -28.30 15.86
CA GLN A 332 17.48 -27.71 17.08
C GLN A 332 19.02 -27.90 17.05
N VAL A 333 19.59 -28.06 15.86
CA VAL A 333 21.05 -28.06 15.71
C VAL A 333 21.45 -26.93 14.76
N TYR A 334 22.40 -26.09 15.19
CA TYR A 334 22.99 -25.02 14.39
C TYR A 334 24.46 -25.33 14.26
N ARG A 335 24.86 -25.90 13.12
CA ARG A 335 26.23 -26.33 12.93
C ARG A 335 27.17 -25.12 12.80
N ALA A 336 28.44 -25.36 13.14
CA ALA A 336 29.48 -24.33 13.06
C ALA A 336 29.87 -24.09 11.61
N SER A 337 29.88 -25.14 10.80
CA SER A 337 30.57 -25.17 9.48
C SER A 337 29.73 -25.98 8.49
N MET A 338 29.98 -25.78 7.21
CA MET A 338 29.47 -26.72 6.21
C MET A 338 30.54 -27.79 5.96
N ASN A 339 30.03 -29.02 5.94
CA ASN A 339 30.84 -30.22 5.76
C ASN A 339 30.29 -30.95 4.55
N LEU A 340 30.87 -30.65 3.40
CA LEU A 340 30.58 -31.29 2.14
C LEU A 340 31.60 -32.41 1.92
N SER A 341 31.14 -33.63 1.71
CA SER A 341 32.05 -34.76 1.42
C SER A 341 33.00 -34.41 0.25
N GLN A 342 34.23 -34.96 0.26
CA GLN A 342 35.09 -34.91 -0.90
C GLN A 342 34.44 -35.59 -2.12
N ALA A 343 33.47 -36.48 -1.88
CA ALA A 343 32.71 -37.20 -2.96
C ALA A 343 32.00 -36.22 -3.92
N PHE A 344 31.70 -35.00 -3.49
CA PHE A 344 31.11 -33.98 -4.43
C PHE A 344 32.04 -33.76 -5.64
N SER A 345 33.36 -33.94 -5.47
CA SER A 345 34.30 -33.72 -6.57
C SER A 345 34.15 -34.73 -7.70
N SER A 346 33.42 -35.84 -7.49
CA SER A 346 33.19 -36.79 -8.59
C SER A 346 31.98 -36.41 -9.43
N LEU A 347 31.25 -35.34 -9.07
CA LEU A 347 30.09 -34.91 -9.86
C LEU A 347 30.51 -34.10 -11.09
N LYS A 348 31.17 -34.79 -12.03
CA LYS A 348 31.81 -34.17 -13.21
C LYS A 348 30.87 -33.26 -14.01
N SER A 349 29.62 -33.72 -14.23
CA SER A 349 28.67 -33.07 -15.12
C SER A 349 27.83 -31.99 -14.39
N LEU A 350 28.01 -31.84 -13.07
CA LEU A 350 27.06 -31.03 -12.29
C LEU A 350 27.01 -29.59 -12.80
N LYS A 351 25.80 -29.07 -13.06
CA LYS A 351 25.58 -27.62 -13.33
C LYS A 351 24.92 -26.88 -12.16
N ILE A 352 24.02 -27.55 -11.41
CA ILE A 352 23.22 -26.87 -10.33
C ILE A 352 23.33 -27.69 -9.04
N LEU A 353 23.77 -27.01 -7.99
CA LEU A 353 23.82 -27.56 -6.66
C LEU A 353 23.04 -26.64 -5.71
N ARG A 354 22.02 -27.21 -5.07
CA ARG A 354 21.25 -26.47 -4.10
C ARG A 354 21.32 -27.14 -2.73
N ILE A 355 21.78 -26.34 -1.76
CA ILE A 355 21.87 -26.77 -0.37
C ILE A 355 21.42 -25.63 0.54
N ARG A 356 20.17 -25.21 0.37
CA ARG A 356 19.49 -24.40 1.34
C ARG A 356 19.19 -25.22 2.61
N GLY A 357 18.93 -24.50 3.70
CA GLY A 357 18.43 -25.12 4.93
C GLY A 357 19.30 -26.25 5.45
N TYR A 358 20.62 -26.04 5.39
CA TYR A 358 21.62 -26.88 6.07
C TYR A 358 21.80 -26.32 7.48
N VAL A 359 21.79 -24.98 7.61
CA VAL A 359 21.70 -24.21 8.86
C VAL A 359 23.03 -24.27 9.61
N PHE A 360 23.89 -23.27 9.35
CA PHE A 360 25.27 -23.25 9.84
C PHE A 360 25.74 -21.81 9.94
N LYS A 361 26.74 -21.60 10.81
CA LYS A 361 27.09 -20.27 11.26
C LYS A 361 28.09 -19.57 10.35
N GLU A 362 29.07 -20.31 9.85
CA GLU A 362 30.23 -19.72 9.25
C GLU A 362 30.67 -20.52 8.02
N LEU A 363 30.76 -19.81 6.88
CA LEU A 363 31.20 -20.43 5.64
C LEU A 363 32.66 -20.02 5.42
N LYS A 364 33.51 -21.02 5.17
CA LYS A 364 34.95 -20.84 4.92
C LYS A 364 35.26 -21.37 3.53
N SER A 365 36.25 -20.75 2.86
CA SER A 365 36.67 -21.06 1.52
C SER A 365 36.94 -22.56 1.35
N PHE A 366 37.66 -23.17 2.30
CA PHE A 366 38.12 -24.57 2.11
C PHE A 366 36.92 -25.53 2.13
N GLN A 367 35.82 -25.12 2.76
CA GLN A 367 34.63 -25.96 2.85
C GLN A 367 33.97 -26.18 1.48
N LEU A 368 34.21 -25.29 0.52
CA LEU A 368 33.70 -25.44 -0.84
C LEU A 368 34.74 -26.11 -1.74
N SER A 369 35.88 -26.57 -1.20
CA SER A 369 36.99 -27.05 -2.07
C SER A 369 36.60 -28.32 -2.85
N PRO A 370 35.69 -29.20 -2.40
CA PRO A 370 35.24 -30.29 -3.28
C PRO A 370 34.49 -29.83 -4.56
N LEU A 371 34.05 -28.57 -4.59
CA LEU A 371 33.44 -28.01 -5.83
C LEU A 371 34.43 -27.34 -6.80
N HIS A 372 35.69 -27.15 -6.41
CA HIS A 372 36.66 -26.29 -7.17
C HIS A 372 36.84 -26.76 -8.61
N ASN A 373 36.85 -28.08 -8.86
CA ASN A 373 37.16 -28.58 -10.20
C ASN A 373 35.92 -29.15 -10.88
N LEU A 374 34.72 -28.72 -10.44
CA LEU A 374 33.49 -29.04 -11.19
C LEU A 374 33.34 -27.97 -12.27
N GLN A 375 33.75 -28.34 -13.49
CA GLN A 375 34.04 -27.36 -14.54
C GLN A 375 32.72 -26.88 -15.16
N ASN A 376 31.63 -27.63 -14.96
CA ASN A 376 30.35 -27.28 -15.53
C ASN A 376 29.46 -26.59 -14.50
N LEU A 377 29.97 -26.29 -13.32
CA LEU A 377 29.08 -25.75 -12.28
C LEU A 377 28.63 -24.34 -12.71
N GLU A 378 27.31 -24.07 -12.59
CA GLU A 378 26.70 -22.85 -13.01
C GLU A 378 25.95 -22.16 -11.87
N VAL A 379 25.30 -22.94 -11.00
CA VAL A 379 24.54 -22.42 -9.88
C VAL A 379 24.98 -23.12 -8.56
N LEU A 380 25.26 -22.28 -7.56
CA LEU A 380 25.49 -22.69 -6.20
C LEU A 380 24.55 -21.89 -5.29
N ASP A 381 23.59 -22.59 -4.69
CA ASP A 381 22.52 -22.01 -3.90
C ASP A 381 22.74 -22.42 -2.44
N LEU A 382 23.18 -21.45 -1.63
CA LEU A 382 23.35 -21.65 -0.22
C LEU A 382 22.46 -20.70 0.56
N GLY A 383 21.25 -20.41 0.01
CA GLY A 383 20.28 -19.57 0.67
C GLY A 383 19.65 -20.25 1.89
N THR A 384 19.02 -19.42 2.74
CA THR A 384 18.24 -19.85 3.91
C THR A 384 19.08 -20.83 4.75
N ASN A 385 20.25 -20.35 5.17
CA ASN A 385 21.19 -21.15 5.93
C ASN A 385 21.58 -20.50 7.27
N PHE A 386 21.06 -19.30 7.55
CA PHE A 386 21.39 -18.51 8.76
C PHE A 386 22.88 -18.33 8.92
N ILE A 387 23.59 -18.22 7.80
CA ILE A 387 25.02 -17.99 7.80
C ILE A 387 25.28 -16.59 8.38
N LYS A 388 26.17 -16.53 9.37
CA LYS A 388 26.55 -15.27 10.02
C LYS A 388 27.82 -14.66 9.44
N ILE A 389 28.73 -15.48 8.91
CA ILE A 389 30.10 -15.04 8.49
C ILE A 389 30.44 -15.72 7.18
N ALA A 390 30.88 -14.94 6.18
CA ALA A 390 31.36 -15.48 4.93
C ALA A 390 32.19 -14.41 4.23
N ASN A 391 33.48 -14.71 4.06
CA ASN A 391 34.37 -13.86 3.32
C ASN A 391 34.04 -14.01 1.82
N LEU A 392 33.46 -12.96 1.24
CA LEU A 392 32.89 -13.04 -0.11
C LEU A 392 34.00 -13.25 -1.15
N SER A 393 35.23 -12.91 -0.78
CA SER A 393 36.41 -13.08 -1.66
C SER A 393 36.59 -14.55 -2.05
N MET A 394 36.09 -15.49 -1.25
CA MET A 394 36.20 -16.92 -1.59
C MET A 394 35.60 -17.20 -2.98
N PHE A 395 34.69 -16.34 -3.46
CA PHE A 395 34.01 -16.63 -4.73
C PHE A 395 34.90 -16.28 -5.94
N LYS A 396 36.11 -15.74 -5.71
CA LYS A 396 37.15 -15.58 -6.77
C LYS A 396 37.49 -16.93 -7.43
N GLN A 397 37.23 -18.02 -6.75
CA GLN A 397 37.47 -19.32 -7.33
C GLN A 397 36.23 -19.84 -8.07
N PHE A 398 35.20 -19.02 -8.23
CA PHE A 398 33.97 -19.52 -8.83
C PHE A 398 33.50 -18.57 -9.95
N LYS A 399 34.45 -17.98 -10.68
CA LYS A 399 34.16 -16.94 -11.70
C LYS A 399 33.31 -17.55 -12.82
N ARG A 400 33.43 -18.87 -12.99
CA ARG A 400 32.75 -19.58 -14.04
C ARG A 400 31.23 -19.70 -13.77
N LEU A 401 30.77 -19.52 -12.54
CA LEU A 401 29.35 -19.71 -12.23
C LEU A 401 28.53 -18.56 -12.77
N LYS A 402 27.25 -18.85 -13.07
CA LYS A 402 26.29 -17.85 -13.46
C LYS A 402 25.63 -17.20 -12.24
N VAL A 403 25.34 -17.99 -11.18
CA VAL A 403 24.68 -17.49 -10.00
C VAL A 403 25.31 -18.11 -8.78
N ILE A 404 25.64 -17.24 -7.82
CA ILE A 404 25.98 -17.59 -6.46
C ILE A 404 24.90 -16.98 -5.55
N ASP A 405 24.09 -17.85 -4.93
CA ASP A 405 22.89 -17.43 -4.16
C ASP A 405 23.14 -17.60 -2.65
N LEU A 406 23.23 -16.46 -1.94
CA LEU A 406 23.36 -16.39 -0.48
C LEU A 406 22.18 -15.64 0.13
N SER A 407 21.09 -15.58 -0.61
CA SER A 407 19.87 -14.91 -0.21
C SER A 407 19.32 -15.54 1.09
N VAL A 408 18.80 -14.70 1.97
CA VAL A 408 18.15 -15.17 3.21
C VAL A 408 19.20 -15.83 4.11
N ASN A 409 20.08 -15.00 4.67
CA ASN A 409 21.12 -15.47 5.57
C ASN A 409 21.23 -14.37 6.62
N LYS A 410 22.29 -14.44 7.44
CA LYS A 410 22.47 -13.49 8.53
C LYS A 410 23.85 -12.81 8.38
N ILE A 411 24.32 -12.71 7.14
CA ILE A 411 25.66 -12.23 6.87
C ILE A 411 25.70 -10.75 7.29
N SER A 412 26.75 -10.38 8.02
CA SER A 412 27.01 -8.99 8.37
C SER A 412 28.52 -8.79 8.57
N PRO A 413 29.05 -7.55 8.53
CA PRO A 413 30.49 -7.33 8.71
C PRO A 413 31.03 -7.77 10.08
N VAL A 437 14.98 -18.65 -11.22
CA VAL A 437 14.32 -17.98 -10.07
C VAL A 437 13.23 -18.93 -9.53
N LEU A 438 13.49 -19.62 -8.40
CA LEU A 438 12.52 -20.53 -7.75
C LEU A 438 11.41 -19.72 -7.07
N GLU A 439 10.18 -20.22 -7.14
CA GLU A 439 8.99 -19.59 -6.55
C GLU A 439 9.15 -19.51 -5.03
N GLN A 440 8.43 -18.57 -4.39
CA GLN A 440 8.65 -18.20 -2.98
C GLN A 440 8.32 -19.37 -2.03
N LEU A 441 7.39 -20.26 -2.39
CA LEU A 441 7.01 -21.39 -1.49
C LEU A 441 7.44 -22.73 -2.11
N TYR A 442 8.68 -22.77 -2.63
CA TYR A 442 9.19 -23.84 -3.42
C TYR A 442 9.41 -25.10 -2.56
N TYR A 443 10.19 -24.98 -1.48
CA TYR A 443 10.58 -26.18 -0.73
C TYR A 443 9.46 -26.62 0.24
N PHE A 444 8.54 -25.72 0.58
CA PHE A 444 7.63 -26.04 1.66
C PHE A 444 6.24 -26.37 1.11
N ARG A 445 5.95 -26.07 -0.16
CA ARG A 445 4.57 -26.25 -0.58
C ARG A 445 4.27 -27.71 -0.88
N TYR A 446 2.97 -28.01 -0.77
CA TYR A 446 2.45 -29.37 -0.85
C TYR A 446 2.78 -29.97 -2.23
N ASP A 447 2.34 -29.28 -3.27
CA ASP A 447 2.46 -29.78 -4.63
C ASP A 447 2.79 -28.59 -5.54
N LYS A 448 4.07 -28.43 -5.84
CA LYS A 448 4.53 -27.32 -6.64
C LYS A 448 4.13 -27.46 -8.12
N TYR A 449 3.61 -28.63 -8.54
CA TYR A 449 3.17 -28.81 -9.92
C TYR A 449 1.65 -28.86 -10.03
N ALA A 450 0.90 -28.53 -8.99
CA ALA A 450 -0.56 -28.62 -9.07
C ALA A 450 -1.07 -27.62 -10.11
N ARG A 451 -2.06 -28.03 -10.91
CA ARG A 451 -2.78 -27.18 -11.88
C ARG A 451 -3.88 -26.42 -11.12
N SER A 452 -4.33 -25.28 -11.64
CA SER A 452 -5.38 -24.51 -10.93
C SER A 452 -6.71 -24.50 -11.71
N CYS A 453 -7.81 -24.48 -10.94
CA CYS A 453 -9.20 -24.25 -11.37
C CYS A 453 -9.64 -22.80 -11.10
N ARG A 454 -8.68 -21.92 -10.83
CA ARG A 454 -8.94 -20.50 -10.64
C ARG A 454 -8.05 -19.73 -11.62
N SER A 468 14.84 -9.72 -12.93
CA SER A 468 15.99 -10.55 -12.55
C SER A 468 17.23 -10.16 -13.38
N CYS A 469 18.42 -10.17 -12.75
CA CYS A 469 19.62 -9.63 -13.41
C CYS A 469 20.59 -10.70 -13.95
N TYR A 470 20.18 -11.97 -13.91
CA TYR A 470 21.05 -13.08 -14.29
C TYR A 470 21.60 -12.93 -15.73
N LYS A 471 20.77 -12.36 -16.61
CA LYS A 471 21.13 -12.16 -18.05
C LYS A 471 22.39 -11.30 -18.22
N TYR A 472 22.72 -10.46 -17.23
CA TYR A 472 23.87 -9.52 -17.33
C TYR A 472 25.19 -10.29 -17.20
N GLY A 473 25.17 -11.53 -16.66
CA GLY A 473 26.36 -12.35 -16.40
C GLY A 473 26.46 -12.77 -14.93
N GLN A 474 27.69 -12.97 -14.43
CA GLN A 474 27.97 -13.54 -13.12
C GLN A 474 27.23 -12.72 -12.06
N THR A 475 26.41 -13.40 -11.29
CA THR A 475 25.55 -12.77 -10.27
C THR A 475 25.93 -13.27 -8.86
N LEU A 476 26.12 -12.33 -7.94
CA LEU A 476 26.18 -12.64 -6.51
C LEU A 476 24.93 -12.07 -5.83
N ASP A 477 24.07 -12.97 -5.32
CA ASP A 477 22.83 -12.58 -4.60
C ASP A 477 23.04 -12.60 -3.08
N LEU A 478 23.19 -11.40 -2.48
CA LEU A 478 23.33 -11.17 -1.05
C LEU A 478 22.03 -10.58 -0.47
N SER A 479 20.91 -10.74 -1.18
CA SER A 479 19.65 -10.19 -0.72
C SER A 479 19.25 -10.85 0.60
N LYS A 480 18.48 -10.11 1.42
CA LYS A 480 17.89 -10.60 2.68
C LYS A 480 19.00 -11.16 3.58
N ASN A 481 19.95 -10.29 3.85
CA ASN A 481 21.01 -10.52 4.81
C ASN A 481 20.98 -9.42 5.86
N SER A 482 22.03 -9.32 6.67
CA SER A 482 22.05 -8.31 7.75
C SER A 482 23.21 -7.33 7.54
N ILE A 483 23.46 -7.02 6.25
CA ILE A 483 24.64 -6.23 5.92
C ILE A 483 24.26 -4.79 6.28
N PHE A 484 24.98 -4.19 7.22
N PHE A 484 24.97 -4.19 7.24
CA PHE A 484 24.65 -2.84 7.72
CA PHE A 484 24.67 -2.82 7.72
C PHE A 484 25.68 -1.79 7.25
C PHE A 484 25.66 -1.82 7.09
N PHE A 485 26.92 -2.23 6.97
CA PHE A 485 27.98 -1.34 6.56
C PHE A 485 28.86 -2.08 5.57
N ILE A 486 29.18 -1.41 4.46
CA ILE A 486 29.97 -1.95 3.41
C ILE A 486 31.21 -1.08 3.18
N LYS A 487 32.28 -1.74 2.74
CA LYS A 487 33.50 -1.08 2.37
C LYS A 487 34.15 -1.88 1.22
N SER A 488 35.05 -1.23 0.48
CA SER A 488 35.66 -1.81 -0.76
C SER A 488 36.25 -3.19 -0.53
N SER A 489 36.93 -3.37 0.60
CA SER A 489 37.67 -4.62 0.81
C SER A 489 36.68 -5.81 0.88
N ASP A 490 35.40 -5.54 1.21
CA ASP A 490 34.35 -6.64 1.24
C ASP A 490 34.26 -7.36 -0.09
N PHE A 491 34.62 -6.67 -1.18
CA PHE A 491 34.47 -7.16 -2.54
C PHE A 491 35.82 -7.41 -3.23
N GLN A 492 36.91 -7.44 -2.47
CA GLN A 492 38.21 -7.79 -3.00
C GLN A 492 38.15 -9.13 -3.75
N HIS A 493 38.75 -9.13 -4.95
CA HIS A 493 38.90 -10.30 -5.83
C HIS A 493 37.60 -10.66 -6.57
N LEU A 494 36.57 -9.80 -6.53
CA LEU A 494 35.25 -10.08 -7.18
C LEU A 494 35.00 -9.17 -8.38
N SER A 495 36.08 -8.75 -9.07
CA SER A 495 35.93 -7.74 -10.10
C SER A 495 35.22 -8.30 -11.33
N PHE A 496 35.12 -9.62 -11.39
CA PHE A 496 34.41 -10.28 -12.49
C PHE A 496 32.87 -10.16 -12.40
N LEU A 497 32.33 -9.76 -11.23
CA LEU A 497 30.84 -9.72 -11.04
C LEU A 497 30.21 -8.74 -12.04
N LYS A 498 29.09 -9.17 -12.62
CA LYS A 498 28.25 -8.33 -13.48
C LYS A 498 26.96 -7.86 -12.75
N CYS A 499 26.41 -8.64 -11.82
CA CYS A 499 25.21 -8.25 -11.06
C CYS A 499 25.44 -8.55 -9.56
N LEU A 500 25.19 -7.54 -8.73
CA LEU A 500 25.23 -7.72 -7.27
C LEU A 500 23.83 -7.40 -6.74
N ASN A 501 23.24 -8.31 -5.96
CA ASN A 501 21.97 -8.08 -5.33
C ASN A 501 22.19 -7.86 -3.83
N LEU A 502 21.99 -6.60 -3.38
CA LEU A 502 22.02 -6.20 -2.00
C LEU A 502 20.61 -5.87 -1.47
N SER A 503 19.56 -6.26 -2.20
CA SER A 503 18.19 -5.94 -1.78
C SER A 503 17.91 -6.50 -0.38
N GLY A 504 17.25 -5.72 0.46
CA GLY A 504 16.74 -6.23 1.74
C GLY A 504 17.83 -6.45 2.76
N ASN A 505 18.80 -5.53 2.80
CA ASN A 505 19.78 -5.48 3.84
C ASN A 505 19.48 -4.28 4.72
N LEU A 506 20.50 -3.80 5.46
CA LEU A 506 20.31 -2.82 6.52
C LEU A 506 21.13 -1.59 6.22
N ILE A 507 21.51 -1.40 4.96
CA ILE A 507 22.56 -0.43 4.65
C ILE A 507 22.03 1.01 4.76
N SER A 508 22.62 1.76 5.70
CA SER A 508 22.13 3.08 6.16
C SER A 508 23.19 4.17 5.99
N GLN A 509 24.13 3.92 5.09
CA GLN A 509 25.39 4.59 4.94
C GLN A 509 25.29 5.79 3.99
N THR A 510 26.10 6.83 4.21
CA THR A 510 26.24 7.94 3.24
C THR A 510 27.28 7.55 2.20
N LEU A 511 26.88 6.72 1.25
CA LEU A 511 27.75 6.20 0.22
C LEU A 511 28.40 7.39 -0.49
N ASN A 512 29.70 7.31 -0.76
CA ASN A 512 30.43 8.46 -1.27
C ASN A 512 31.35 8.11 -2.43
N GLY A 513 31.14 6.94 -3.02
CA GLY A 513 31.93 6.52 -4.17
C GLY A 513 33.13 5.66 -3.82
N SER A 514 33.28 5.26 -2.55
CA SER A 514 34.45 4.51 -2.16
C SER A 514 34.13 3.06 -1.78
N GLU A 515 32.86 2.61 -1.81
CA GLU A 515 32.43 1.36 -1.14
C GLU A 515 32.51 0.12 -2.05
N PHE A 516 32.45 0.32 -3.36
CA PHE A 516 32.38 -0.77 -4.31
C PHE A 516 33.55 -0.77 -5.30
N GLN A 517 34.68 -0.22 -4.88
CA GLN A 517 35.84 0.07 -5.77
C GLN A 517 36.28 -1.16 -6.56
N PRO A 518 36.38 -2.38 -5.99
CA PRO A 518 36.75 -3.55 -6.81
C PRO A 518 35.78 -3.90 -7.94
N LEU A 519 34.52 -3.41 -7.93
CA LEU A 519 33.48 -3.98 -8.86
C LEU A 519 33.50 -3.26 -10.22
N ALA A 520 34.64 -3.42 -10.93
CA ALA A 520 34.97 -2.67 -12.14
C ALA A 520 34.09 -3.10 -13.32
N GLU A 521 33.54 -4.32 -13.30
CA GLU A 521 32.72 -4.81 -14.41
C GLU A 521 31.21 -4.82 -14.10
N LEU A 522 30.81 -4.37 -12.91
CA LEU A 522 29.40 -4.47 -12.48
C LEU A 522 28.47 -3.71 -13.42
N ARG A 523 27.47 -4.43 -14.00
CA ARG A 523 26.45 -3.80 -14.85
C ARG A 523 25.11 -3.51 -14.16
N TYR A 524 24.76 -4.25 -13.10
CA TYR A 524 23.43 -4.16 -12.41
C TYR A 524 23.70 -4.18 -10.89
N LEU A 525 23.20 -3.18 -10.19
CA LEU A 525 23.15 -3.22 -8.75
C LEU A 525 21.72 -3.08 -8.31
N ASP A 526 21.25 -4.06 -7.53
CA ASP A 526 19.96 -3.96 -6.86
C ASP A 526 20.24 -3.59 -5.40
N PHE A 527 19.95 -2.33 -5.06
CA PHE A 527 20.08 -1.74 -3.76
C PHE A 527 18.71 -1.46 -3.13
N SER A 528 17.68 -2.10 -3.63
CA SER A 528 16.33 -1.88 -3.15
C SER A 528 16.21 -2.34 -1.68
N ASN A 529 15.27 -1.74 -0.95
CA ASN A 529 14.90 -2.17 0.40
C ASN A 529 16.13 -2.08 1.31
N ASN A 530 16.84 -0.96 1.24
CA ASN A 530 17.86 -0.56 2.23
C ASN A 530 17.43 0.79 2.76
N ARG A 531 18.37 1.52 3.38
N ARG A 531 18.36 1.53 3.38
CA ARG A 531 18.13 2.86 3.89
CA ARG A 531 18.09 2.86 3.88
C ARG A 531 19.21 3.79 3.34
C ARG A 531 19.19 3.79 3.34
N LEU A 532 19.30 3.87 2.01
CA LEU A 532 20.29 4.76 1.37
C LEU A 532 20.20 6.17 1.98
N ASP A 533 21.35 6.71 2.37
CA ASP A 533 21.43 8.09 2.83
C ASP A 533 22.16 8.89 1.74
N LEU A 534 21.39 9.52 0.85
CA LEU A 534 21.96 10.19 -0.37
C LEU A 534 22.50 11.58 -0.03
N LEU A 535 23.38 11.68 0.95
CA LEU A 535 24.03 12.95 1.27
C LEU A 535 25.01 13.37 0.17
N HIS A 536 25.69 12.42 -0.48
CA HIS A 536 26.79 12.76 -1.38
C HIS A 536 26.37 12.54 -2.82
N SER A 537 26.68 13.52 -3.70
CA SER A 537 26.37 13.33 -5.13
C SER A 537 27.35 12.36 -5.84
N THR A 538 28.31 11.80 -5.12
CA THR A 538 29.34 10.89 -5.63
C THR A 538 28.95 9.43 -5.33
N ALA A 539 27.81 9.21 -4.66
CA ALA A 539 27.31 7.86 -4.38
C ALA A 539 27.27 7.05 -5.69
N PHE A 540 27.86 5.88 -5.62
CA PHE A 540 27.83 4.90 -6.69
C PHE A 540 28.78 5.28 -7.86
N GLU A 541 29.52 6.40 -7.80
CA GLU A 541 30.25 6.78 -9.06
C GLU A 541 31.46 5.87 -9.35
N GLU A 542 31.90 5.05 -8.40
CA GLU A 542 32.99 4.07 -8.65
C GLU A 542 32.51 2.89 -9.50
N LEU A 543 31.20 2.68 -9.62
CA LEU A 543 30.74 1.57 -10.45
C LEU A 543 30.66 2.04 -11.90
N ARG A 544 31.80 2.09 -12.58
CA ARG A 544 31.92 2.88 -13.82
C ARG A 544 31.27 2.17 -15.01
N LYS A 545 30.98 0.87 -14.92
CA LYS A 545 30.24 0.20 -15.98
C LYS A 545 28.76 -0.03 -15.66
N LEU A 546 28.24 0.62 -14.62
CA LEU A 546 26.85 0.38 -14.16
C LEU A 546 25.84 0.81 -15.22
N GLU A 547 25.00 -0.14 -15.63
CA GLU A 547 23.92 0.13 -16.58
C GLU A 547 22.56 0.30 -15.91
N VAL A 548 22.30 -0.47 -14.82
CA VAL A 548 20.98 -0.47 -14.12
C VAL A 548 21.25 -0.33 -12.61
N LEU A 549 20.60 0.64 -11.97
CA LEU A 549 20.65 0.88 -10.56
C LEU A 549 19.23 0.90 -10.01
N ASP A 550 18.96 0.03 -9.03
CA ASP A 550 17.69 0.01 -8.36
C ASP A 550 17.93 0.52 -6.95
N ILE A 551 17.37 1.68 -6.63
CA ILE A 551 17.40 2.21 -5.26
C ILE A 551 15.98 2.44 -4.76
N SER A 552 15.04 1.63 -5.25
CA SER A 552 13.65 1.63 -4.85
C SER A 552 13.53 1.19 -3.38
N SER A 553 12.49 1.67 -2.69
CA SER A 553 12.11 1.28 -1.31
C SER A 553 13.30 1.52 -0.37
N ASN A 554 13.94 2.68 -0.52
CA ASN A 554 14.93 3.27 0.37
C ASN A 554 14.34 4.56 0.98
N SER A 555 13.07 4.51 1.42
CA SER A 555 12.36 5.69 1.74
C SER A 555 12.86 6.32 3.05
N HIS A 556 13.58 5.56 3.87
CA HIS A 556 13.72 5.89 5.29
C HIS A 556 14.16 7.36 5.53
N TYR A 557 15.30 7.76 4.96
CA TYR A 557 15.87 9.12 5.27
C TYR A 557 15.12 10.24 4.52
N PHE A 558 14.27 9.91 3.53
CA PHE A 558 13.43 10.91 2.82
C PHE A 558 12.17 11.22 3.62
N GLN A 559 11.93 10.49 4.71
CA GLN A 559 10.73 10.69 5.53
C GLN A 559 10.92 11.75 6.65
N SER A 560 12.14 12.19 6.93
CA SER A 560 12.40 13.15 8.01
C SER A 560 12.85 14.51 7.45
N GLU A 561 12.32 15.61 8.00
CA GLU A 561 12.64 16.94 7.53
C GLU A 561 14.08 17.32 7.88
N GLY A 562 14.66 18.18 7.03
CA GLY A 562 15.91 18.82 7.29
C GLY A 562 17.12 18.00 6.86
N ILE A 563 16.90 16.87 6.19
CA ILE A 563 18.00 16.04 5.77
C ILE A 563 18.36 16.37 4.32
N THR A 564 19.65 16.61 4.10
CA THR A 564 20.23 16.88 2.77
C THR A 564 20.20 15.60 1.93
N HIS A 565 19.61 15.72 0.73
CA HIS A 565 19.57 14.65 -0.28
C HIS A 565 20.02 15.23 -1.62
N MET A 566 20.91 14.53 -2.34
CA MET A 566 21.52 14.97 -3.59
C MET A 566 21.00 14.06 -4.72
N LEU A 567 19.84 14.42 -5.28
CA LEU A 567 19.27 13.71 -6.42
C LEU A 567 20.10 13.93 -7.70
N ASN A 568 21.07 14.86 -7.71
CA ASN A 568 21.92 15.06 -8.88
C ASN A 568 23.06 14.06 -8.97
N PHE A 569 23.01 12.98 -8.19
CA PHE A 569 24.08 12.01 -8.20
C PHE A 569 24.21 11.27 -9.55
N THR A 570 23.18 11.35 -10.41
CA THR A 570 23.15 10.70 -11.74
C THR A 570 24.24 11.19 -12.70
N LYS A 571 24.73 12.42 -12.51
CA LYS A 571 25.69 13.05 -13.46
C LYS A 571 26.97 12.21 -13.58
N ASN A 572 27.37 11.54 -12.50
CA ASN A 572 28.66 10.83 -12.42
C ASN A 572 28.59 9.41 -13.01
N LEU A 573 27.38 8.93 -13.33
CA LEU A 573 27.25 7.56 -13.83
C LEU A 573 27.10 7.54 -15.35
N LYS A 574 28.21 7.27 -16.04
CA LYS A 574 28.32 7.67 -17.44
C LYS A 574 27.71 6.67 -18.41
N VAL A 575 27.40 5.44 -18.01
CA VAL A 575 26.77 4.55 -18.93
C VAL A 575 25.44 4.04 -18.32
N LEU A 576 24.97 4.70 -17.27
CA LEU A 576 23.70 4.31 -16.66
C LEU A 576 22.57 4.47 -17.68
N GLN A 577 21.82 3.39 -17.89
CA GLN A 577 20.70 3.35 -18.83
C GLN A 577 19.33 3.39 -18.09
N LYS A 578 19.24 2.72 -16.93
CA LYS A 578 17.97 2.58 -16.21
C LYS A 578 18.21 2.83 -14.72
N LEU A 579 17.36 3.69 -14.15
CA LEU A 579 17.38 4.04 -12.75
C LEU A 579 15.99 3.82 -12.18
N MET A 580 15.89 3.02 -11.13
CA MET A 580 14.59 2.83 -10.41
C MET A 580 14.70 3.47 -9.03
N MET A 581 13.79 4.40 -8.74
CA MET A 581 13.73 5.12 -7.47
C MET A 581 12.29 5.12 -6.96
N ASN A 582 11.59 3.99 -7.11
CA ASN A 582 10.20 3.84 -6.73
C ASN A 582 10.07 3.76 -5.20
N ASP A 583 8.96 4.31 -4.66
CA ASP A 583 8.52 4.03 -3.31
C ASP A 583 9.55 4.59 -2.32
N ASN A 584 10.08 5.77 -2.65
CA ASN A 584 11.07 6.43 -1.81
C ASN A 584 10.47 7.60 -1.04
N ASP A 585 9.17 7.88 -1.20
CA ASP A 585 8.51 8.98 -0.51
C ASP A 585 9.24 10.34 -0.70
N ILE A 586 9.93 10.56 -1.81
CA ILE A 586 10.78 11.77 -2.00
C ILE A 586 9.87 12.99 -2.11
N SER A 587 10.03 13.90 -1.14
CA SER A 587 9.30 15.11 -1.14
C SER A 587 10.22 16.33 -1.05
N SER A 588 11.55 16.13 -1.07
CA SER A 588 12.48 17.22 -0.90
C SER A 588 13.77 16.82 -1.60
N SER A 589 14.56 17.82 -2.03
CA SER A 589 15.88 17.57 -2.64
C SER A 589 16.73 18.85 -2.51
N THR A 590 17.98 18.67 -2.15
CA THR A 590 18.87 19.79 -2.02
C THR A 590 19.18 20.30 -3.43
N SER A 591 19.44 19.38 -4.37
CA SER A 591 19.65 19.71 -5.76
C SER A 591 18.35 19.83 -6.54
N ARG A 592 18.38 20.69 -7.55
CA ARG A 592 17.18 21.13 -8.28
C ARG A 592 17.04 20.39 -9.60
N THR A 593 18.13 19.75 -10.06
CA THR A 593 18.15 19.11 -11.35
C THR A 593 18.88 17.77 -11.24
N MET A 594 18.37 16.77 -11.96
CA MET A 594 19.06 15.56 -12.22
C MET A 594 19.63 15.66 -13.64
N GLU A 595 20.87 15.21 -13.80
CA GLU A 595 21.57 15.30 -15.13
C GLU A 595 22.12 13.93 -15.53
N SER A 596 22.04 13.62 -16.82
CA SER A 596 22.66 12.44 -17.37
C SER A 596 22.72 12.57 -18.89
N GLU A 597 23.83 12.12 -19.48
CA GLU A 597 23.93 11.99 -20.93
C GLU A 597 23.62 10.56 -21.37
N SER A 598 23.28 9.65 -20.44
CA SER A 598 23.07 8.24 -20.83
C SER A 598 21.68 7.72 -20.45
N LEU A 599 21.09 8.19 -19.35
CA LEU A 599 19.86 7.54 -18.84
C LEU A 599 18.71 7.58 -19.88
N ARG A 600 18.14 6.39 -20.11
CA ARG A 600 16.99 6.19 -20.99
C ARG A 600 15.68 6.01 -20.21
N THR A 601 15.73 5.42 -19.00
CA THR A 601 14.51 5.02 -18.28
C THR A 601 14.65 5.47 -16.85
N LEU A 602 13.67 6.23 -16.35
CA LEU A 602 13.63 6.58 -14.95
C LEU A 602 12.27 6.15 -14.40
N GLU A 603 12.28 5.30 -13.36
CA GLU A 603 11.09 4.98 -12.61
C GLU A 603 11.11 5.77 -11.30
N PHE A 604 10.07 6.60 -11.10
CA PHE A 604 9.97 7.53 -9.98
C PHE A 604 8.57 7.47 -9.36
N ARG A 605 8.02 6.27 -9.31
CA ARG A 605 6.65 6.14 -8.79
C ARG A 605 6.69 6.01 -7.26
N GLY A 606 5.62 6.43 -6.60
CA GLY A 606 5.52 6.28 -5.16
C GLY A 606 6.39 7.28 -4.43
N ASN A 607 6.47 8.51 -4.98
CA ASN A 607 7.17 9.63 -4.39
C ASN A 607 6.18 10.79 -4.22
N HIS A 608 6.68 11.98 -3.89
CA HIS A 608 5.82 13.11 -3.65
C HIS A 608 6.19 14.28 -4.55
N LEU A 609 6.05 14.07 -5.85
CA LEU A 609 6.22 15.20 -6.76
C LEU A 609 5.18 16.28 -6.50
N ASP A 610 4.03 15.87 -5.98
CA ASP A 610 2.99 16.84 -5.60
C ASP A 610 3.57 17.91 -4.66
N VAL A 611 4.44 17.48 -3.73
CA VAL A 611 5.05 18.39 -2.73
C VAL A 611 6.19 19.18 -3.41
N LEU A 612 7.05 18.50 -4.17
CA LEU A 612 8.15 19.17 -4.87
C LEU A 612 7.65 20.25 -5.86
N TRP A 613 6.51 20.00 -6.52
CA TRP A 613 5.88 20.90 -7.51
C TRP A 613 4.70 21.68 -6.92
N ARG A 614 4.73 21.90 -5.61
CA ARG A 614 3.71 22.70 -4.91
C ARG A 614 3.45 23.96 -5.74
N ASP A 615 2.18 24.31 -5.92
CA ASP A 615 1.80 25.39 -6.88
C ASP A 615 2.35 26.71 -6.34
N GLY A 616 3.10 27.42 -7.17
CA GLY A 616 3.79 28.62 -6.80
C GLY A 616 5.26 28.40 -6.51
N ASP A 617 5.73 27.14 -6.42
CA ASP A 617 7.16 26.83 -6.25
C ASP A 617 7.65 26.25 -7.58
N ASN A 618 8.52 27.02 -8.25
CA ASN A 618 9.00 26.74 -9.58
C ASN A 618 10.35 26.02 -9.54
N ARG A 619 10.92 25.88 -8.37
CA ARG A 619 12.34 25.49 -8.26
C ARG A 619 12.62 24.10 -8.85
N TYR A 620 11.64 23.19 -8.82
CA TYR A 620 11.91 21.80 -9.18
C TYR A 620 11.20 21.41 -10.49
N LEU A 621 10.67 22.39 -11.23
CA LEU A 621 9.95 22.11 -12.50
C LEU A 621 10.86 21.68 -13.65
N GLN A 622 12.18 21.75 -13.47
CA GLN A 622 13.13 21.21 -14.45
C GLN A 622 13.90 20.05 -13.85
N LEU A 623 13.31 19.36 -12.87
CA LEU A 623 14.06 18.30 -12.22
C LEU A 623 14.57 17.28 -13.23
N PHE A 624 13.75 16.92 -14.24
CA PHE A 624 14.15 15.85 -15.15
C PHE A 624 14.67 16.40 -16.51
N LYS A 625 14.66 17.72 -16.69
CA LYS A 625 14.92 18.34 -18.01
C LYS A 625 16.27 17.94 -18.60
N ASN A 626 17.28 17.83 -17.76
CA ASN A 626 18.69 17.57 -18.17
C ASN A 626 19.01 16.09 -18.21
N LEU A 627 18.00 15.21 -18.11
CA LEU A 627 18.22 13.82 -18.45
C LEU A 627 18.02 13.69 -19.98
N LEU A 628 19.07 14.06 -20.74
CA LEU A 628 18.89 14.46 -22.19
C LEU A 628 18.49 13.28 -23.05
N LYS A 629 18.84 12.06 -22.66
CA LYS A 629 18.50 10.92 -23.46
C LYS A 629 17.29 10.16 -22.92
N LEU A 630 16.61 10.70 -21.90
CA LEU A 630 15.47 9.97 -21.31
C LEU A 630 14.34 9.79 -22.35
N GLU A 631 13.91 8.54 -22.46
CA GLU A 631 12.81 8.15 -23.29
C GLU A 631 11.59 7.68 -22.50
N GLU A 632 11.77 7.21 -21.26
CA GLU A 632 10.66 6.66 -20.48
C GLU A 632 10.71 7.22 -19.05
N LEU A 633 9.60 7.78 -18.58
CA LEU A 633 9.48 8.31 -17.24
C LEU A 633 8.18 7.81 -16.62
N ASP A 634 8.28 7.18 -15.43
CA ASP A 634 7.12 6.71 -14.70
C ASP A 634 6.97 7.61 -13.47
N ILE A 635 6.01 8.52 -13.51
CA ILE A 635 5.70 9.35 -12.35
C ILE A 635 4.26 9.08 -11.88
N SER A 636 3.87 7.80 -11.98
CA SER A 636 2.62 7.31 -11.41
C SER A 636 2.73 7.37 -9.88
N LYS A 637 1.59 7.42 -9.20
CA LYS A 637 1.55 7.37 -7.74
C LYS A 637 2.41 8.39 -7.04
N ASN A 638 2.25 9.64 -7.45
CA ASN A 638 2.94 10.76 -6.88
C ASN A 638 1.96 11.80 -6.32
N SER A 639 0.72 11.38 -6.06
CA SER A 639 -0.41 12.26 -5.55
C SER A 639 -0.61 13.53 -6.38
N LEU A 640 -0.39 13.45 -7.70
CA LEU A 640 -0.51 14.63 -8.57
C LEU A 640 -1.97 14.80 -8.99
N SER A 641 -2.74 15.47 -8.13
CA SER A 641 -4.14 15.70 -8.36
C SER A 641 -4.30 16.74 -9.48
N PHE A 642 -3.28 17.57 -9.70
CA PHE A 642 -3.19 18.41 -10.90
C PHE A 642 -1.70 18.49 -11.29
N LEU A 643 -1.40 18.96 -12.51
CA LEU A 643 -0.04 19.22 -12.94
C LEU A 643 0.21 20.70 -13.04
N PRO A 644 1.12 21.28 -12.23
CA PRO A 644 1.42 22.69 -12.33
C PRO A 644 1.85 23.05 -13.76
N SER A 645 1.58 24.31 -14.13
CA SER A 645 2.09 24.80 -15.38
C SER A 645 3.62 24.83 -15.28
N GLY A 646 4.26 24.38 -16.35
CA GLY A 646 5.72 24.31 -16.40
C GLY A 646 6.23 22.87 -16.31
N VAL A 647 5.38 21.89 -16.01
CA VAL A 647 5.85 20.49 -15.87
C VAL A 647 6.24 19.94 -17.25
N PHE A 648 5.39 20.15 -18.26
CA PHE A 648 5.60 19.58 -19.59
C PHE A 648 6.74 20.31 -20.34
N ASP A 649 6.79 21.64 -20.21
CA ASP A 649 7.95 22.41 -20.74
C ASP A 649 9.27 21.93 -20.13
N GLY A 650 9.21 21.46 -18.88
CA GLY A 650 10.39 21.03 -18.16
C GLY A 650 10.77 19.59 -18.40
N MET A 651 9.98 18.82 -19.19
CA MET A 651 10.32 17.47 -19.49
C MET A 651 11.48 17.41 -20.46
N PRO A 652 12.33 16.38 -20.40
CA PRO A 652 13.47 16.30 -21.32
C PRO A 652 12.99 16.03 -22.74
N PRO A 653 13.82 16.38 -23.75
CA PRO A 653 13.33 16.53 -25.12
C PRO A 653 12.94 15.24 -25.86
N ASN A 654 13.54 14.09 -25.51
CA ASN A 654 13.28 12.88 -26.27
C ASN A 654 12.31 11.98 -25.52
N LEU A 655 11.58 12.53 -24.54
CA LEU A 655 10.63 11.70 -23.77
C LEU A 655 9.57 11.09 -24.72
N LYS A 656 9.46 9.76 -24.66
CA LYS A 656 8.56 9.02 -25.49
C LYS A 656 7.38 8.39 -24.72
N ASN A 657 7.68 7.81 -23.57
N ASN A 657 7.61 8.02 -23.47
CA ASN A 657 6.67 7.10 -22.76
CA ASN A 657 6.73 7.11 -22.76
C ASN A 657 6.57 7.80 -21.40
C ASN A 657 6.53 7.65 -21.35
N LEU A 658 5.37 8.24 -21.06
CA LEU A 658 5.09 8.92 -19.78
C LEU A 658 3.93 8.25 -19.10
N SER A 659 4.13 7.77 -17.86
CA SER A 659 3.07 7.33 -17.01
C SER A 659 2.76 8.38 -15.96
N LEU A 660 1.49 8.78 -15.98
CA LEU A 660 0.92 9.60 -14.91
C LEU A 660 -0.25 8.83 -14.22
N ALA A 661 -0.20 7.52 -14.22
CA ALA A 661 -1.26 6.67 -13.72
C ALA A 661 -1.37 6.84 -12.19
N LYS A 662 -2.57 6.61 -11.64
CA LYS A 662 -2.80 6.45 -10.18
C LYS A 662 -2.35 7.69 -9.40
N ASN A 663 -2.78 8.86 -9.86
CA ASN A 663 -2.33 10.11 -9.30
C ASN A 663 -3.52 10.87 -8.68
N GLY A 664 -4.74 10.35 -8.84
CA GLY A 664 -5.94 11.11 -8.49
C GLY A 664 -6.07 12.39 -9.31
N LEU A 665 -5.54 12.37 -10.52
CA LEU A 665 -5.63 13.52 -11.41
C LEU A 665 -7.08 13.86 -11.75
N LYS A 666 -7.50 15.07 -11.44
CA LYS A 666 -8.88 15.49 -11.63
C LYS A 666 -9.05 16.44 -12.82
N SER A 667 -7.95 16.93 -13.37
CA SER A 667 -8.01 17.81 -14.58
C SER A 667 -6.68 17.70 -15.31
N PHE A 668 -6.70 17.94 -16.61
CA PHE A 668 -5.55 17.78 -17.45
C PHE A 668 -5.69 18.75 -18.64
N ILE A 669 -4.71 19.63 -18.84
CA ILE A 669 -4.71 20.60 -19.95
C ILE A 669 -4.03 19.89 -21.13
N TRP A 670 -4.86 19.22 -21.95
CA TRP A 670 -4.41 18.39 -23.07
C TRP A 670 -3.46 19.15 -24.01
N GLU A 671 -3.68 20.46 -24.16
CA GLU A 671 -2.89 21.26 -25.10
C GLU A 671 -1.42 21.28 -24.68
N LYS A 672 -1.11 21.05 -23.41
CA LYS A 672 0.28 21.07 -22.97
C LYS A 672 1.09 19.87 -23.50
N LEU A 673 0.42 18.86 -24.06
CA LEU A 673 1.15 17.75 -24.70
C LEU A 673 1.94 18.25 -25.92
N ARG A 674 1.60 19.44 -26.43
CA ARG A 674 2.34 20.02 -27.57
C ARG A 674 3.83 20.26 -27.22
N TYR A 675 4.17 20.37 -25.93
CA TYR A 675 5.59 20.48 -25.50
C TYR A 675 6.36 19.17 -25.69
N LEU A 676 5.67 18.04 -25.79
CA LEU A 676 6.34 16.77 -25.73
C LEU A 676 6.43 16.25 -27.16
N LYS A 677 7.42 16.75 -27.89
CA LYS A 677 7.42 16.57 -29.34
C LYS A 677 7.68 15.11 -29.74
N ASN A 678 8.22 14.29 -28.83
CA ASN A 678 8.53 12.89 -29.16
C ASN A 678 7.61 11.89 -28.45
N LEU A 679 6.55 12.38 -27.80
CA LEU A 679 5.67 11.50 -27.02
C LEU A 679 4.94 10.49 -27.91
N GLU A 680 5.07 9.21 -27.55
CA GLU A 680 4.41 8.13 -28.23
C GLU A 680 3.35 7.45 -27.33
N THR A 681 3.65 7.26 -26.04
CA THR A 681 2.76 6.58 -25.11
C THR A 681 2.46 7.49 -23.93
N LEU A 682 1.18 7.68 -23.65
CA LEU A 682 0.71 8.45 -22.49
C LEU A 682 -0.27 7.59 -21.67
N ASP A 683 0.12 7.29 -20.42
CA ASP A 683 -0.67 6.43 -19.53
C ASP A 683 -1.29 7.35 -18.46
N LEU A 684 -2.60 7.56 -18.57
CA LEU A 684 -3.40 8.30 -17.61
C LEU A 684 -4.41 7.37 -16.90
N SER A 685 -4.13 6.09 -16.85
CA SER A 685 -5.03 5.15 -16.22
C SER A 685 -5.18 5.43 -14.71
N HIS A 686 -6.38 5.10 -14.20
CA HIS A 686 -6.71 5.06 -12.74
C HIS A 686 -6.57 6.47 -12.18
N ASN A 687 -7.33 7.41 -12.74
CA ASN A 687 -7.34 8.78 -12.31
C ASN A 687 -8.80 9.22 -12.20
N GLN A 688 -9.03 10.52 -12.14
CA GLN A 688 -10.35 11.03 -12.02
C GLN A 688 -10.71 11.95 -13.17
N LEU A 689 -10.18 11.72 -14.37
CA LEU A 689 -10.49 12.61 -15.47
C LEU A 689 -11.93 12.40 -15.94
N THR A 690 -12.55 13.48 -16.37
CA THR A 690 -13.91 13.47 -16.81
C THR A 690 -14.03 13.84 -18.30
N THR A 691 -13.01 14.42 -18.93
CA THR A 691 -13.17 14.86 -20.32
C THR A 691 -11.97 14.43 -21.16
N VAL A 692 -12.20 14.33 -22.48
CA VAL A 692 -11.12 14.11 -23.44
C VAL A 692 -10.93 15.43 -24.19
N PRO A 693 -9.82 15.67 -24.90
CA PRO A 693 -9.69 16.92 -25.66
C PRO A 693 -10.67 17.03 -26.85
N GLU A 694 -10.96 18.26 -27.26
CA GLU A 694 -11.84 18.50 -28.39
C GLU A 694 -11.27 17.82 -29.64
N ARG A 695 -9.98 17.98 -29.85
CA ARG A 695 -9.31 17.30 -30.96
C ARG A 695 -7.94 16.82 -30.50
N LEU A 696 -7.85 15.50 -30.25
CA LEU A 696 -6.58 14.91 -29.82
C LEU A 696 -5.42 15.30 -30.76
N SER A 697 -5.67 15.27 -32.07
CA SER A 697 -4.64 15.51 -33.12
C SER A 697 -4.02 16.91 -32.92
N ASN A 698 -4.79 17.85 -32.36
CA ASN A 698 -4.32 19.23 -32.15
C ASN A 698 -3.45 19.38 -30.89
N CYS A 699 -3.40 18.34 -30.04
CA CYS A 699 -2.62 18.32 -28.78
C CYS A 699 -1.27 17.66 -28.99
N SER A 700 -1.23 16.71 -29.91
CA SER A 700 -0.06 15.90 -30.16
C SER A 700 -0.16 15.24 -31.53
N ARG A 701 0.88 15.50 -32.32
CA ARG A 701 1.14 14.94 -33.60
C ARG A 701 1.95 13.66 -33.55
N SER A 702 2.48 13.27 -32.38
CA SER A 702 3.32 12.09 -32.30
C SER A 702 2.58 10.93 -31.60
N LEU A 703 1.57 11.24 -30.76
CA LEU A 703 1.02 10.27 -29.82
C LEU A 703 0.47 9.05 -30.58
N LYS A 704 0.89 7.88 -30.14
CA LYS A 704 0.47 6.63 -30.71
C LYS A 704 -0.46 5.83 -29.78
N ASN A 705 -0.11 5.78 -28.49
CA ASN A 705 -0.76 4.92 -27.53
C ASN A 705 -1.33 5.76 -26.39
N LEU A 706 -2.65 5.79 -26.24
CA LEU A 706 -3.32 6.60 -25.21
C LEU A 706 -4.14 5.68 -24.30
N ILE A 707 -3.78 5.65 -23.02
CA ILE A 707 -4.41 4.81 -22.02
C ILE A 707 -5.21 5.70 -21.05
N LEU A 708 -6.55 5.57 -21.11
CA LEU A 708 -7.45 6.36 -20.28
C LEU A 708 -8.34 5.44 -19.43
N LYS A 709 -7.98 4.17 -19.32
CA LYS A 709 -8.81 3.25 -18.57
C LYS A 709 -8.99 3.72 -17.10
N ASN A 710 -10.12 3.35 -16.50
CA ASN A 710 -10.42 3.62 -15.07
C ASN A 710 -10.36 5.12 -14.77
N ASN A 711 -11.16 5.92 -15.50
CA ASN A 711 -11.36 7.32 -15.26
C ASN A 711 -12.87 7.57 -15.05
N GLN A 712 -13.33 8.81 -15.17
CA GLN A 712 -14.73 9.17 -14.92
C GLN A 712 -15.33 9.81 -16.17
N ILE A 713 -14.95 9.32 -17.35
CA ILE A 713 -15.31 9.97 -18.58
C ILE A 713 -16.72 9.53 -18.93
N ARG A 714 -17.60 10.50 -19.17
CA ARG A 714 -18.99 10.18 -19.44
C ARG A 714 -19.37 10.38 -20.91
N SER A 715 -18.64 11.23 -21.63
CA SER A 715 -18.88 11.42 -23.07
C SER A 715 -17.57 11.80 -23.77
N LEU A 716 -17.50 11.53 -25.08
CA LEU A 716 -16.36 11.91 -25.91
C LEU A 716 -16.73 13.24 -26.59
N THR A 717 -15.73 14.01 -26.94
CA THR A 717 -15.98 15.24 -27.66
C THR A 717 -16.41 14.91 -29.08
N LYS A 718 -17.05 15.88 -29.74
CA LYS A 718 -17.68 15.65 -31.04
C LYS A 718 -16.65 15.22 -32.10
N TYR A 719 -15.46 15.81 -32.11
CA TYR A 719 -14.43 15.50 -33.12
C TYR A 719 -13.15 14.92 -32.47
N PHE A 720 -13.30 14.24 -31.32
CA PHE A 720 -12.18 13.67 -30.53
C PHE A 720 -11.02 13.19 -31.43
N LEU A 721 -11.22 12.14 -32.25
CA LEU A 721 -10.12 11.48 -32.97
C LEU A 721 -9.93 11.98 -34.41
N GLN A 722 -10.57 13.08 -34.78
CA GLN A 722 -10.49 13.57 -36.16
C GLN A 722 -9.01 13.78 -36.52
N ASP A 723 -8.59 13.18 -37.63
CA ASP A 723 -7.27 13.37 -38.20
C ASP A 723 -6.14 12.99 -37.22
N ALA A 724 -6.41 12.07 -36.28
CA ALA A 724 -5.35 11.56 -35.37
C ALA A 724 -4.62 10.39 -36.02
N PHE A 725 -3.89 10.69 -37.11
CA PHE A 725 -3.29 9.69 -38.03
C PHE A 725 -2.21 8.84 -37.36
N GLN A 726 -1.55 9.37 -36.31
CA GLN A 726 -0.49 8.62 -35.65
C GLN A 726 -1.08 7.62 -34.61
N LEU A 727 -2.34 7.77 -34.22
CA LEU A 727 -2.90 6.95 -33.12
C LEU A 727 -2.97 5.47 -33.54
N ARG A 728 -2.46 4.57 -32.69
CA ARG A 728 -2.50 3.10 -32.92
C ARG A 728 -3.19 2.31 -31.81
N TYR A 729 -3.45 2.92 -30.64
CA TYR A 729 -3.94 2.16 -29.52
C TYR A 729 -4.65 3.11 -28.55
N LEU A 730 -5.89 2.75 -28.22
CA LEU A 730 -6.71 3.59 -27.39
C LEU A 730 -7.51 2.73 -26.42
N ASP A 731 -7.32 3.02 -25.13
CA ASP A 731 -8.05 2.35 -24.04
C ASP A 731 -8.95 3.34 -23.33
N LEU A 732 -10.26 3.14 -23.51
CA LEU A 732 -11.33 3.89 -22.83
C LEU A 732 -12.15 2.98 -21.92
N SER A 733 -11.62 1.80 -21.59
CA SER A 733 -12.35 0.87 -20.75
C SER A 733 -12.46 1.40 -19.32
N SER A 734 -13.48 0.91 -18.60
CA SER A 734 -13.76 1.26 -17.20
C SER A 734 -13.89 2.79 -17.04
N ASN A 735 -14.68 3.40 -17.92
CA ASN A 735 -15.14 4.76 -17.78
C ASN A 735 -16.68 4.72 -17.58
N LYS A 736 -17.35 5.85 -17.79
CA LYS A 736 -18.79 5.94 -17.64
C LYS A 736 -19.45 6.38 -18.95
N ILE A 737 -18.93 5.95 -20.10
CA ILE A 737 -19.40 6.47 -21.40
C ILE A 737 -20.79 5.88 -21.73
N GLN A 738 -21.71 6.74 -22.17
CA GLN A 738 -23.07 6.34 -22.50
C GLN A 738 -23.25 6.14 -24.01
N MET A 739 -22.69 7.05 -24.81
CA MET A 739 -22.91 7.14 -26.24
C MET A 739 -21.60 7.47 -26.94
N ILE A 740 -21.42 6.91 -28.13
CA ILE A 740 -20.34 7.32 -29.03
C ILE A 740 -20.90 7.57 -30.42
N GLN A 741 -20.67 8.76 -30.95
CA GLN A 741 -21.14 9.14 -32.29
C GLN A 741 -19.97 9.06 -33.30
N LYS A 742 -20.34 8.82 -34.57
CA LYS A 742 -19.41 8.60 -35.62
C LYS A 742 -18.40 9.75 -35.76
N THR A 743 -18.80 10.98 -35.51
CA THR A 743 -17.93 12.12 -35.65
C THR A 743 -16.72 12.00 -34.73
N SER A 744 -16.88 11.33 -33.58
CA SER A 744 -15.81 11.21 -32.59
C SER A 744 -14.77 10.20 -33.08
N PHE A 745 -15.23 9.19 -33.85
CA PHE A 745 -14.49 7.98 -34.21
C PHE A 745 -14.50 7.79 -35.73
N PRO A 746 -13.85 8.69 -36.50
CA PRO A 746 -13.76 8.53 -37.94
C PRO A 746 -13.06 7.24 -38.35
N GLU A 747 -13.52 6.64 -39.44
CA GLU A 747 -13.09 5.30 -39.85
C GLU A 747 -11.64 5.31 -40.38
N ASN A 748 -11.18 6.44 -40.92
CA ASN A 748 -9.79 6.54 -41.37
C ASN A 748 -8.81 6.60 -40.17
N VAL A 749 -9.29 6.78 -38.94
CA VAL A 749 -8.39 6.60 -37.77
C VAL A 749 -8.59 5.20 -37.19
N LEU A 750 -9.84 4.80 -37.00
CA LEU A 750 -10.21 3.50 -36.42
C LEU A 750 -9.49 2.36 -37.12
N ASN A 751 -9.40 2.45 -38.45
CA ASN A 751 -8.89 1.37 -39.27
C ASN A 751 -7.36 1.24 -39.16
N ASN A 752 -6.69 2.27 -38.63
CA ASN A 752 -5.29 2.19 -38.31
C ASN A 752 -5.04 1.61 -36.91
N LEU A 753 -6.08 1.49 -36.06
CA LEU A 753 -5.84 1.10 -34.66
C LEU A 753 -5.49 -0.38 -34.58
N LYS A 754 -4.49 -0.70 -33.77
CA LYS A 754 -4.17 -2.07 -33.45
C LYS A 754 -5.12 -2.64 -32.41
N MET A 755 -5.63 -1.77 -31.52
CA MET A 755 -6.57 -2.22 -30.50
C MET A 755 -7.35 -1.01 -29.97
N LEU A 756 -8.64 -1.23 -29.66
CA LEU A 756 -9.56 -0.23 -29.12
C LEU A 756 -10.30 -0.91 -27.99
N LEU A 757 -10.10 -0.43 -26.78
CA LEU A 757 -10.70 -1.03 -25.61
C LEU A 757 -11.84 -0.12 -25.13
N LEU A 758 -13.04 -0.70 -25.01
CA LEU A 758 -14.30 -0.02 -24.71
C LEU A 758 -15.09 -0.71 -23.61
N HIS A 759 -14.61 -1.85 -23.12
CA HIS A 759 -15.39 -2.67 -22.17
C HIS A 759 -15.60 -1.94 -20.85
N HIS A 760 -16.64 -2.35 -20.13
CA HIS A 760 -16.96 -1.85 -18.81
C HIS A 760 -17.22 -0.34 -18.84
N ASN A 761 -18.10 0.10 -19.74
CA ASN A 761 -18.64 1.48 -19.79
C ASN A 761 -20.14 1.44 -19.37
N ARG A 762 -20.99 2.34 -19.90
CA ARG A 762 -22.40 2.52 -19.41
C ARG A 762 -23.28 2.78 -20.62
N PHE A 763 -23.11 1.95 -21.65
CA PHE A 763 -23.62 2.18 -22.93
C PHE A 763 -25.16 2.14 -22.87
N LEU A 764 -25.79 3.18 -23.40
CA LEU A 764 -27.23 3.28 -23.53
C LEU A 764 -27.64 2.86 -24.95
N CYS A 765 -28.49 1.84 -25.06
CA CYS A 765 -28.81 1.21 -26.34
C CYS A 765 -30.20 1.63 -26.85
N THR A 766 -30.34 2.93 -27.13
CA THR A 766 -31.52 3.53 -27.70
C THR A 766 -31.26 3.69 -29.20
N CYS A 767 -32.23 4.26 -29.93
CA CYS A 767 -32.07 4.44 -31.35
C CYS A 767 -30.99 5.52 -31.64
N ASP A 768 -30.59 6.31 -30.65
CA ASP A 768 -29.46 7.24 -30.82
C ASP A 768 -28.13 6.48 -31.00
N ALA A 769 -28.09 5.22 -30.54
CA ALA A 769 -26.87 4.37 -30.50
C ALA A 769 -26.70 3.52 -31.77
N VAL A 770 -27.56 3.74 -32.76
CA VAL A 770 -27.62 2.88 -33.98
C VAL A 770 -26.22 2.75 -34.65
N TRP A 771 -25.55 3.89 -34.89
CA TRP A 771 -24.22 3.93 -35.53
C TRP A 771 -23.21 3.08 -34.72
N PHE A 772 -23.08 3.35 -33.43
CA PHE A 772 -22.13 2.63 -32.57
C PHE A 772 -22.42 1.14 -32.58
N VAL A 773 -23.70 0.79 -32.46
CA VAL A 773 -24.06 -0.65 -32.38
C VAL A 773 -23.67 -1.34 -33.69
N TRP A 774 -24.14 -0.80 -34.82
CA TRP A 774 -23.78 -1.30 -36.16
C TRP A 774 -22.25 -1.37 -36.29
N TRP A 775 -21.56 -0.27 -35.95
CA TRP A 775 -20.12 -0.18 -36.14
C TRP A 775 -19.42 -1.27 -35.34
N VAL A 776 -19.76 -1.43 -34.05
CA VAL A 776 -19.15 -2.43 -33.15
C VAL A 776 -19.35 -3.84 -33.72
N GLN A 777 -20.55 -4.09 -34.26
CA GLN A 777 -20.93 -5.42 -34.75
C GLN A 777 -20.13 -5.75 -36.02
N HIS A 778 -19.80 -4.75 -36.86
CA HIS A 778 -19.24 -5.02 -38.20
C HIS A 778 -17.75 -4.69 -38.35
N THR A 779 -17.12 -4.04 -37.37
CA THR A 779 -15.72 -3.61 -37.50
C THR A 779 -14.78 -4.82 -37.38
N GLU A 780 -13.63 -4.73 -38.06
CA GLU A 780 -12.50 -5.65 -37.90
C GLU A 780 -11.50 -5.16 -36.85
N VAL A 781 -11.64 -3.93 -36.36
CA VAL A 781 -10.76 -3.41 -35.31
C VAL A 781 -10.83 -4.35 -34.13
N THR A 782 -9.68 -4.66 -33.49
CA THR A 782 -9.66 -5.58 -32.37
C THR A 782 -10.21 -4.87 -31.12
N ILE A 783 -11.32 -5.38 -30.55
CA ILE A 783 -11.93 -4.89 -29.34
C ILE A 783 -12.07 -6.05 -28.39
N PRO A 784 -11.26 -6.10 -27.31
CA PRO A 784 -11.36 -7.19 -26.38
C PRO A 784 -12.67 -7.21 -25.62
N TYR A 785 -13.06 -8.43 -25.29
CA TYR A 785 -14.16 -8.74 -24.42
C TYR A 785 -15.46 -8.30 -25.09
N LEU A 786 -15.43 -8.17 -26.42
CA LEU A 786 -16.50 -7.57 -27.21
C LEU A 786 -17.83 -8.28 -26.95
N ALA A 787 -17.80 -9.43 -26.27
CA ALA A 787 -18.98 -10.19 -25.89
C ALA A 787 -18.74 -10.90 -24.55
N THR A 788 -18.97 -10.15 -23.48
CA THR A 788 -18.53 -10.43 -22.14
C THR A 788 -18.76 -9.16 -21.30
N ASP A 789 -18.11 -8.03 -21.67
CA ASP A 789 -18.12 -6.79 -20.85
C ASP A 789 -18.32 -5.56 -21.75
N VAL A 790 -18.90 -5.71 -22.96
CA VAL A 790 -19.41 -4.56 -23.75
C VAL A 790 -20.95 -4.67 -23.84
N THR A 791 -21.62 -4.06 -22.87
CA THR A 791 -22.99 -4.41 -22.56
C THR A 791 -23.84 -3.13 -22.45
N CYS A 792 -25.14 -3.25 -22.70
CA CYS A 792 -26.07 -2.15 -22.53
C CYS A 792 -26.47 -2.10 -21.08
N VAL A 793 -26.61 -0.89 -20.52
CA VAL A 793 -27.06 -0.75 -19.14
C VAL A 793 -28.56 -0.40 -19.14
N GLY A 794 -29.03 0.18 -20.25
CA GLY A 794 -30.45 0.44 -20.55
C GLY A 794 -30.66 0.64 -22.06
N PRO A 795 -31.89 0.97 -22.49
CA PRO A 795 -33.09 1.01 -21.67
C PRO A 795 -33.57 -0.40 -21.24
N GLY A 796 -34.49 -0.44 -20.26
CA GLY A 796 -34.98 -1.64 -19.56
C GLY A 796 -34.93 -2.94 -20.35
N ALA A 797 -35.48 -2.94 -21.56
CA ALA A 797 -35.58 -4.15 -22.43
C ALA A 797 -34.20 -4.82 -22.59
N HIS A 798 -33.22 -4.01 -23.04
CA HIS A 798 -31.90 -4.47 -23.49
C HIS A 798 -30.88 -4.43 -22.33
N LYS A 799 -31.30 -4.03 -21.13
CA LYS A 799 -30.42 -3.94 -19.96
C LYS A 799 -29.72 -5.28 -19.70
N GLY A 800 -28.41 -5.23 -19.49
CA GLY A 800 -27.59 -6.41 -19.27
C GLY A 800 -27.19 -7.11 -20.56
N GLN A 801 -27.75 -6.72 -21.70
CA GLN A 801 -27.53 -7.43 -22.97
C GLN A 801 -26.25 -6.94 -23.69
N SER A 802 -25.53 -7.85 -24.36
CA SER A 802 -24.33 -7.53 -25.11
C SER A 802 -24.72 -6.66 -26.31
N VAL A 803 -23.92 -5.64 -26.61
CA VAL A 803 -24.26 -4.82 -27.74
C VAL A 803 -24.03 -5.64 -29.02
N ILE A 804 -23.15 -6.64 -29.00
CA ILE A 804 -22.83 -7.40 -30.24
C ILE A 804 -24.06 -8.21 -30.70
N SER A 805 -25.02 -8.50 -29.80
CA SER A 805 -26.22 -9.34 -30.05
C SER A 805 -27.47 -8.48 -30.36
N LEU A 806 -27.35 -7.17 -30.19
CA LEU A 806 -28.46 -6.25 -30.22
C LEU A 806 -29.07 -6.17 -31.63
N ASP A 807 -30.38 -6.42 -31.73
CA ASP A 807 -31.15 -6.16 -32.95
C ASP A 807 -31.92 -4.84 -32.74
N LEU A 808 -31.61 -3.80 -33.54
CA LEU A 808 -32.25 -2.50 -33.39
C LEU A 808 -33.10 -2.23 -34.63
N TYR A 809 -33.74 -3.26 -35.15
CA TYR A 809 -34.51 -3.12 -36.40
C TYR A 809 -35.69 -2.16 -36.20
N THR A 810 -36.24 -2.11 -34.97
CA THR A 810 -37.38 -1.21 -34.65
C THR A 810 -36.99 0.26 -34.84
N CYS A 811 -35.68 0.57 -34.80
CA CYS A 811 -35.17 1.90 -35.15
C CYS A 811 -35.24 2.21 -36.66
N GLU A 812 -35.47 1.20 -37.51
CA GLU A 812 -35.43 1.35 -38.98
C GLU A 812 -36.74 0.93 -39.69
N LEU A 813 -37.90 0.91 -39.01
CA LEU A 813 -39.12 0.23 -39.56
C LEU A 813 -39.50 0.78 -40.94
N ALA B 5 -42.57 11.54 12.78
CA ALA B 5 -42.21 12.20 14.06
C ALA B 5 -42.15 13.72 13.83
N ARG B 6 -41.39 14.17 12.82
CA ARG B 6 -41.33 15.60 12.46
C ARG B 6 -42.57 15.98 11.66
N TRP B 7 -43.10 17.17 11.89
CA TRP B 7 -44.23 17.67 11.12
C TRP B 7 -43.76 18.35 9.84
N PHE B 8 -42.55 18.92 9.84
CA PHE B 8 -42.03 19.61 8.64
C PHE B 8 -40.65 19.06 8.30
N PRO B 9 -40.44 18.43 7.12
CA PRO B 9 -39.11 17.92 6.78
C PRO B 9 -38.11 19.10 6.71
N LYS B 10 -36.88 18.88 7.18
CA LYS B 10 -35.82 19.87 7.04
C LYS B 10 -35.23 19.78 5.63
N THR B 11 -35.47 20.82 4.87
CA THR B 11 -35.13 20.87 3.47
C THR B 11 -33.82 21.64 3.30
N LEU B 12 -33.47 22.45 4.30
CA LEU B 12 -32.28 23.31 4.26
C LEU B 12 -31.07 22.40 4.13
N PRO B 13 -30.17 22.64 3.15
CA PRO B 13 -28.96 21.83 2.98
C PRO B 13 -27.78 22.20 3.91
N CYS B 14 -28.08 22.73 5.09
CA CYS B 14 -27.10 23.17 6.09
C CYS B 14 -27.47 22.50 7.41
N ASP B 15 -26.50 22.12 8.23
CA ASP B 15 -26.86 21.63 9.56
C ASP B 15 -27.33 22.82 10.40
N VAL B 16 -28.29 22.57 11.30
CA VAL B 16 -28.87 23.62 12.15
C VAL B 16 -28.89 23.10 13.59
N THR B 17 -28.22 23.84 14.48
CA THR B 17 -27.98 23.49 15.87
C THR B 17 -28.47 24.65 16.75
N LEU B 18 -28.92 24.31 17.97
CA LEU B 18 -29.38 25.27 18.97
C LEU B 18 -28.38 25.31 20.14
N ASP B 19 -28.33 26.47 20.79
CA ASP B 19 -27.74 26.62 22.11
C ASP B 19 -28.58 27.67 22.85
N VAL B 20 -29.80 27.24 23.27
CA VAL B 20 -30.80 28.13 23.90
C VAL B 20 -30.12 28.97 24.99
N SER B 21 -29.16 28.38 25.72
CA SER B 21 -28.34 29.07 26.75
C SER B 21 -27.80 30.40 26.21
N LYS B 22 -27.01 30.33 25.12
CA LYS B 22 -26.33 31.49 24.56
C LYS B 22 -27.20 32.15 23.48
N ASN B 23 -28.47 31.73 23.34
CA ASN B 23 -29.46 32.32 22.42
C ASN B 23 -29.01 32.15 20.96
N HIS B 24 -28.37 31.01 20.65
CA HIS B 24 -27.67 30.79 19.36
C HIS B 24 -28.45 29.84 18.44
N VAL B 25 -28.59 30.24 17.18
CA VAL B 25 -29.04 29.39 16.10
C VAL B 25 -27.87 29.26 15.10
N ILE B 26 -27.18 28.11 15.15
CA ILE B 26 -25.98 27.83 14.36
C ILE B 26 -26.36 27.07 13.08
N VAL B 27 -26.12 27.72 11.94
CA VAL B 27 -26.34 27.21 10.65
C VAL B 27 -24.99 26.98 9.97
N ASP B 28 -24.67 25.71 9.72
CA ASP B 28 -23.40 25.33 9.07
C ASP B 28 -23.66 24.72 7.69
N CYS B 29 -23.37 25.49 6.64
CA CYS B 29 -23.41 25.12 5.24
C CYS B 29 -21.99 24.88 4.66
N THR B 30 -21.03 24.46 5.49
CA THR B 30 -19.66 24.21 4.99
C THR B 30 -19.76 23.15 3.88
N ASP B 31 -19.23 23.48 2.70
CA ASP B 31 -18.87 22.50 1.66
C ASP B 31 -20.14 21.78 1.18
N LYS B 32 -21.17 22.57 0.82
CA LYS B 32 -22.44 22.04 0.45
C LYS B 32 -22.69 22.27 -1.03
N HIS B 33 -21.64 22.57 -1.78
CA HIS B 33 -21.71 22.73 -3.22
C HIS B 33 -22.75 23.79 -3.60
N LEU B 34 -22.88 24.82 -2.78
CA LEU B 34 -23.83 25.92 -3.02
C LEU B 34 -23.27 26.94 -4.00
N THR B 35 -24.14 27.49 -4.88
CA THR B 35 -23.79 28.65 -5.72
C THR B 35 -24.69 29.86 -5.44
N GLU B 36 -25.56 29.74 -4.43
CA GLU B 36 -26.32 30.85 -3.87
C GLU B 36 -26.54 30.57 -2.39
N ILE B 37 -26.75 31.62 -1.60
CA ILE B 37 -27.15 31.43 -0.22
C ILE B 37 -28.52 30.76 -0.29
N PRO B 38 -28.77 29.66 0.46
CA PRO B 38 -30.05 28.96 0.37
C PRO B 38 -31.18 29.80 0.98
N GLY B 39 -32.35 29.80 0.32
CA GLY B 39 -33.57 30.35 0.91
C GLY B 39 -33.97 29.56 2.16
N GLY B 40 -34.70 30.22 3.06
CA GLY B 40 -35.27 29.56 4.21
C GLY B 40 -34.30 29.32 5.35
N ILE B 41 -33.15 30.04 5.34
CA ILE B 41 -32.28 30.07 6.53
C ILE B 41 -33.12 30.67 7.65
N PRO B 42 -33.07 30.15 8.89
CA PRO B 42 -33.90 30.70 9.96
C PRO B 42 -33.68 32.20 10.12
N THR B 43 -34.75 32.95 10.40
CA THR B 43 -34.67 34.39 10.67
C THR B 43 -33.87 34.65 11.95
N ASN B 44 -33.89 33.68 12.88
CA ASN B 44 -33.20 33.84 14.19
C ASN B 44 -31.72 33.36 14.13
N THR B 45 -31.19 33.00 12.95
CA THR B 45 -29.78 32.50 12.87
C THR B 45 -28.81 33.53 13.46
N THR B 46 -27.97 33.09 14.41
CA THR B 46 -26.88 33.95 14.95
C THR B 46 -25.49 33.68 14.34
N ASN B 47 -25.20 32.41 13.96
CA ASN B 47 -23.89 31.98 13.41
C ASN B 47 -24.07 31.28 12.05
N LEU B 48 -23.67 31.94 10.97
CA LEU B 48 -23.86 31.45 9.65
C LEU B 48 -22.50 31.18 8.99
N THR B 49 -22.24 29.90 8.71
CA THR B 49 -21.02 29.46 8.04
C THR B 49 -21.31 28.98 6.63
N LEU B 50 -20.70 29.69 5.66
CA LEU B 50 -20.83 29.40 4.29
C LEU B 50 -19.47 29.05 3.65
N THR B 51 -18.51 28.61 4.46
CA THR B 51 -17.13 28.27 4.06
C THR B 51 -17.13 27.18 2.97
N ILE B 52 -16.28 27.36 1.96
CA ILE B 52 -16.00 26.38 0.88
C ILE B 52 -17.32 26.08 0.16
N ASN B 53 -17.81 27.10 -0.56
CA ASN B 53 -18.92 27.02 -1.49
C ASN B 53 -18.48 27.85 -2.69
N HIS B 54 -19.38 28.10 -3.63
CA HIS B 54 -19.06 28.82 -4.85
C HIS B 54 -20.08 29.94 -5.06
N ILE B 55 -20.36 30.67 -3.98
CA ILE B 55 -21.31 31.78 -4.00
C ILE B 55 -20.58 32.99 -4.54
N PRO B 56 -20.98 33.57 -5.69
CA PRO B 56 -20.16 34.55 -6.39
C PRO B 56 -20.37 36.00 -5.94
N ASP B 57 -21.41 36.26 -5.15
CA ASP B 57 -21.62 37.61 -4.70
C ASP B 57 -22.41 37.65 -3.40
N ILE B 58 -22.21 38.76 -2.68
CA ILE B 58 -22.90 39.14 -1.48
C ILE B 58 -23.60 40.49 -1.75
N SER B 59 -24.82 40.62 -1.24
CA SER B 59 -25.71 41.77 -1.48
C SER B 59 -26.62 42.01 -0.27
N PRO B 60 -27.36 43.14 -0.23
CA PRO B 60 -28.26 43.39 0.91
C PRO B 60 -29.30 42.25 1.00
N ALA B 61 -29.66 41.69 -0.16
CA ALA B 61 -30.51 40.50 -0.22
C ALA B 61 -29.93 39.32 0.58
N SER B 62 -28.60 39.13 0.56
CA SER B 62 -27.95 37.95 1.17
C SER B 62 -28.44 37.75 2.60
N PHE B 63 -28.41 38.81 3.41
CA PHE B 63 -28.66 38.66 4.86
C PHE B 63 -29.89 39.51 5.30
N HIS B 64 -30.69 39.97 4.33
CA HIS B 64 -32.01 40.66 4.49
C HIS B 64 -32.63 40.40 5.86
N ARG B 65 -33.16 39.19 6.06
CA ARG B 65 -33.98 38.84 7.22
C ARG B 65 -33.11 38.53 8.43
N LEU B 66 -31.80 38.37 8.22
CA LEU B 66 -30.94 37.70 9.20
C LEU B 66 -30.30 38.73 10.13
N VAL B 67 -31.13 39.51 10.82
CA VAL B 67 -30.65 40.73 11.46
C VAL B 67 -30.09 40.38 12.84
N HIS B 68 -30.25 39.12 13.28
CA HIS B 68 -29.69 38.71 14.57
C HIS B 68 -28.27 38.11 14.42
N LEU B 69 -27.65 38.23 13.23
CA LEU B 69 -26.32 37.58 12.98
C LEU B 69 -25.23 38.24 13.85
N VAL B 70 -24.55 37.43 14.66
CA VAL B 70 -23.33 37.83 15.37
C VAL B 70 -22.05 37.36 14.62
N GLU B 71 -22.11 36.26 13.87
CA GLU B 71 -20.92 35.80 13.11
C GLU B 71 -21.30 35.31 11.72
N ILE B 72 -20.64 35.86 10.69
CA ILE B 72 -20.63 35.30 9.37
C ILE B 72 -19.22 34.73 9.07
N ASP B 73 -19.18 33.45 8.71
CA ASP B 73 -17.96 32.79 8.16
C ASP B 73 -18.21 32.51 6.70
N PHE B 74 -17.63 33.34 5.84
CA PHE B 74 -17.79 33.28 4.40
C PHE B 74 -16.40 33.07 3.77
N ARG B 75 -15.67 32.08 4.29
CA ARG B 75 -14.29 31.79 3.85
C ARG B 75 -14.29 30.97 2.55
N CYS B 76 -13.33 31.30 1.67
CA CYS B 76 -12.92 30.46 0.56
C CYS B 76 -14.08 30.12 -0.37
N ASN B 77 -14.81 31.14 -0.81
CA ASN B 77 -15.73 31.00 -1.87
C ASN B 77 -15.08 31.43 -3.19
N CYS B 78 -13.87 31.98 -3.12
CA CYS B 78 -13.13 32.26 -4.30
C CYS B 78 -11.62 32.19 -4.02
N VAL B 79 -11.05 30.99 -3.83
CA VAL B 79 -9.70 30.95 -3.31
C VAL B 79 -8.69 31.33 -4.40
N PRO B 80 -7.59 32.03 -4.03
CA PRO B 80 -6.48 32.28 -4.95
C PRO B 80 -6.06 31.01 -5.70
N ILE B 81 -5.79 31.17 -7.00
CA ILE B 81 -5.63 30.04 -7.93
C ILE B 81 -4.66 28.99 -7.36
N ARG B 82 -3.51 29.44 -6.82
CA ARG B 82 -2.45 28.47 -6.43
C ARG B 82 -2.79 27.76 -5.12
N LEU B 83 -3.71 28.33 -4.32
CA LEU B 83 -4.16 27.74 -3.04
C LEU B 83 -5.40 26.85 -3.26
N GLY B 84 -6.11 27.07 -4.37
CA GLY B 84 -7.45 26.49 -4.51
C GLY B 84 -7.43 25.29 -5.45
N SER B 85 -8.58 24.63 -5.55
CA SER B 85 -8.79 23.51 -6.50
C SER B 85 -8.40 23.94 -7.92
N LYS B 86 -7.65 23.08 -8.61
CA LYS B 86 -7.35 23.30 -10.05
C LYS B 86 -8.46 22.69 -10.93
N SER B 87 -9.26 21.75 -10.40
CA SER B 87 -10.38 21.16 -11.16
C SER B 87 -11.65 22.04 -11.09
N ASN B 88 -11.79 22.88 -10.03
CA ASN B 88 -12.93 23.84 -9.94
C ASN B 88 -12.38 25.20 -9.49
N MET B 89 -11.66 25.86 -10.40
CA MET B 89 -11.09 27.15 -10.20
C MET B 89 -12.22 28.16 -10.09
N CYS B 90 -12.01 29.20 -9.30
CA CYS B 90 -12.99 30.26 -9.14
C CYS B 90 -12.91 31.18 -10.35
N PRO B 91 -13.96 31.37 -11.17
CA PRO B 91 -13.83 32.18 -12.38
C PRO B 91 -13.58 33.69 -12.12
N ARG B 92 -14.12 34.26 -11.03
CA ARG B 92 -14.06 35.72 -10.80
C ARG B 92 -14.25 36.00 -9.30
N ARG B 93 -13.58 37.03 -8.79
CA ARG B 93 -13.53 37.25 -7.34
C ARG B 93 -14.93 37.50 -6.77
N LEU B 94 -15.12 37.23 -5.49
CA LEU B 94 -16.31 37.56 -4.77
C LEU B 94 -16.63 39.05 -4.99
N GLN B 95 -17.86 39.34 -5.42
CA GLN B 95 -18.39 40.71 -5.57
C GLN B 95 -19.24 41.03 -4.35
N ILE B 96 -18.86 42.05 -3.59
CA ILE B 96 -19.63 42.47 -2.42
C ILE B 96 -20.30 43.81 -2.75
N LYS B 97 -21.63 43.81 -2.91
CA LYS B 97 -22.36 45.02 -3.28
C LYS B 97 -22.43 45.95 -2.07
N PRO B 98 -22.56 47.28 -2.27
CA PRO B 98 -22.71 48.19 -1.13
C PRO B 98 -23.93 47.83 -0.27
N ARG B 99 -23.78 47.97 1.04
CA ARG B 99 -24.88 47.91 2.05
C ARG B 99 -25.13 46.47 2.53
N SER B 100 -24.17 45.56 2.31
CA SER B 100 -24.40 44.17 2.58
C SER B 100 -24.35 43.86 4.07
N PHE B 101 -23.53 44.60 4.83
CA PHE B 101 -23.32 44.31 6.26
C PHE B 101 -23.85 45.43 7.18
N SER B 102 -24.12 46.62 6.63
CA SER B 102 -24.45 47.81 7.50
C SER B 102 -25.70 47.51 8.35
N GLY B 103 -26.70 46.91 7.71
CA GLY B 103 -27.88 46.34 8.38
C GLY B 103 -27.53 45.54 9.63
N LEU B 104 -26.49 44.69 9.59
CA LEU B 104 -26.29 43.66 10.64
C LEU B 104 -25.71 44.31 11.89
N THR B 105 -26.60 44.84 12.72
CA THR B 105 -26.21 45.73 13.79
C THR B 105 -25.55 44.96 14.93
N TYR B 106 -25.79 43.63 15.02
CA TYR B 106 -25.16 42.83 16.06
C TYR B 106 -23.89 42.07 15.57
N LEU B 107 -23.40 42.33 14.35
CA LEU B 107 -22.27 41.49 13.79
C LEU B 107 -20.98 41.71 14.59
N LYS B 108 -20.47 40.65 15.24
CA LYS B 108 -19.22 40.68 16.01
C LYS B 108 -18.00 40.16 15.19
N SER B 109 -18.20 39.16 14.30
CA SER B 109 -17.10 38.41 13.60
C SER B 109 -17.46 38.20 12.13
N LEU B 110 -16.54 38.58 11.23
CA LEU B 110 -16.72 38.42 9.84
C LEU B 110 -15.42 37.84 9.26
N TYR B 111 -15.48 36.57 8.83
CA TYR B 111 -14.35 35.90 8.08
C TYR B 111 -14.63 35.98 6.57
N LEU B 112 -13.80 36.74 5.86
CA LEU B 112 -13.88 36.83 4.44
C LEU B 112 -12.56 36.36 3.80
N ASP B 113 -11.84 35.45 4.48
CA ASP B 113 -10.59 34.87 3.89
C ASP B 113 -10.84 34.21 2.53
N GLY B 114 -9.85 34.24 1.65
CA GLY B 114 -9.84 33.33 0.51
C GLY B 114 -10.90 33.63 -0.53
N ASN B 115 -11.11 34.93 -0.82
CA ASN B 115 -12.18 35.36 -1.69
C ASN B 115 -11.64 36.25 -2.81
N GLN B 116 -10.33 36.47 -2.81
CA GLN B 116 -9.65 37.30 -3.83
C GLN B 116 -10.18 38.75 -3.80
N LEU B 117 -10.50 39.25 -2.62
CA LEU B 117 -10.95 40.63 -2.48
C LEU B 117 -9.77 41.56 -2.79
N LEU B 118 -10.08 42.72 -3.42
CA LEU B 118 -9.05 43.72 -3.79
C LEU B 118 -8.97 44.86 -2.77
N GLU B 119 -9.97 45.00 -1.90
CA GLU B 119 -10.01 46.09 -0.95
C GLU B 119 -10.67 45.62 0.34
N ILE B 120 -10.37 46.32 1.44
CA ILE B 120 -11.04 46.12 2.69
C ILE B 120 -12.51 46.50 2.50
N PRO B 121 -13.48 45.61 2.77
CA PRO B 121 -14.89 45.89 2.48
C PRO B 121 -15.34 47.03 3.40
N GLN B 122 -16.11 47.97 2.83
CA GLN B 122 -16.57 49.13 3.58
C GLN B 122 -18.02 48.91 4.02
N GLY B 123 -18.54 49.81 4.88
CA GLY B 123 -19.90 49.76 5.39
C GLY B 123 -20.09 48.65 6.39
N LEU B 124 -19.02 48.35 7.15
CA LEU B 124 -19.10 47.33 8.18
C LEU B 124 -19.69 47.95 9.43
N PRO B 125 -20.47 47.19 10.22
CA PRO B 125 -21.10 47.74 11.42
C PRO B 125 -20.11 47.97 12.56
N PRO B 126 -20.35 49.03 13.39
CA PRO B 126 -19.43 49.36 14.48
C PRO B 126 -19.41 48.34 15.61
N SER B 127 -20.32 47.35 15.57
CA SER B 127 -20.28 46.19 16.46
C SER B 127 -19.08 45.25 16.15
N LEU B 128 -18.41 45.42 15.00
CA LEU B 128 -17.43 44.38 14.54
C LEU B 128 -16.22 44.34 15.47
N GLN B 129 -15.98 43.20 16.13
CA GLN B 129 -14.76 43.00 16.93
C GLN B 129 -13.67 42.19 16.17
N LEU B 130 -14.05 41.36 15.18
CA LEU B 130 -13.07 40.47 14.46
C LEU B 130 -13.31 40.54 12.97
N LEU B 131 -12.25 40.88 12.21
CA LEU B 131 -12.31 40.86 10.81
C LEU B 131 -11.12 40.05 10.29
N SER B 132 -11.41 39.04 9.47
CA SER B 132 -10.38 38.14 8.90
C SER B 132 -10.45 38.23 7.38
N LEU B 133 -9.32 38.64 6.78
CA LEU B 133 -9.19 38.86 5.36
C LEU B 133 -7.90 38.21 4.83
N GLU B 134 -7.52 37.05 5.36
CA GLU B 134 -6.36 36.32 4.85
C GLU B 134 -6.61 35.84 3.41
N ALA B 135 -5.55 35.72 2.62
CA ALA B 135 -5.63 35.05 1.32
C ALA B 135 -6.60 35.78 0.39
N ASN B 136 -6.58 37.12 0.48
CA ASN B 136 -7.20 37.98 -0.48
C ASN B 136 -6.08 38.63 -1.30
N ASN B 137 -6.40 39.71 -2.03
CA ASN B 137 -5.44 40.46 -2.85
C ASN B 137 -5.45 41.91 -2.37
N ILE B 138 -5.37 42.09 -1.05
CA ILE B 138 -5.30 43.40 -0.42
C ILE B 138 -3.86 43.67 0.04
N PHE B 139 -3.19 44.58 -0.67
CA PHE B 139 -1.77 44.79 -0.40
C PHE B 139 -1.39 46.28 -0.25
N SER B 140 -2.39 47.10 0.08
CA SER B 140 -2.18 48.51 0.42
C SER B 140 -3.17 48.93 1.51
N ILE B 141 -2.66 49.19 2.72
CA ILE B 141 -3.47 49.58 3.83
C ILE B 141 -3.45 51.12 3.91
N ARG B 142 -4.63 51.72 3.76
CA ARG B 142 -4.82 53.18 3.91
C ARG B 142 -5.63 53.45 5.16
N LYS B 143 -5.21 54.46 5.96
CA LYS B 143 -5.91 54.88 7.16
C LYS B 143 -7.40 55.10 6.87
N GLU B 144 -7.72 55.68 5.70
CA GLU B 144 -9.13 56.02 5.43
C GLU B 144 -10.00 54.76 5.47
N GLN B 145 -9.47 53.62 4.97
CA GLN B 145 -10.24 52.37 4.83
C GLN B 145 -10.44 51.69 6.19
N LEU B 146 -9.73 52.13 7.23
CA LEU B 146 -9.80 51.55 8.55
C LEU B 146 -10.67 52.36 9.51
N THR B 147 -11.25 53.51 9.07
CA THR B 147 -11.99 54.37 10.03
C THR B 147 -13.21 53.59 10.53
N GLU B 148 -13.80 52.76 9.64
CA GLU B 148 -14.96 51.92 9.98
C GLU B 148 -14.66 50.93 11.12
N LEU B 149 -13.39 50.67 11.46
CA LEU B 149 -13.03 49.57 12.36
C LEU B 149 -12.76 50.06 13.77
N ALA B 150 -13.49 51.10 14.18
CA ALA B 150 -13.28 51.79 15.46
C ALA B 150 -13.18 50.78 16.61
N ASN B 151 -14.10 49.81 16.68
CA ASN B 151 -14.17 48.90 17.84
C ASN B 151 -13.46 47.55 17.58
N ILE B 152 -12.74 47.42 16.46
CA ILE B 152 -12.11 46.14 16.11
C ILE B 152 -11.04 45.78 17.15
N GLU B 153 -11.02 44.49 17.56
CA GLU B 153 -10.04 43.94 18.47
C GLU B 153 -9.07 42.97 17.76
N ILE B 154 -9.53 42.26 16.72
CA ILE B 154 -8.71 41.19 16.06
C ILE B 154 -8.78 41.44 14.55
N LEU B 155 -7.60 41.55 13.93
CA LEU B 155 -7.49 41.91 12.53
C LEU B 155 -6.47 41.00 11.86
N TYR B 156 -6.95 40.11 10.97
CA TYR B 156 -6.06 39.21 10.22
C TYR B 156 -6.00 39.66 8.76
N LEU B 157 -4.80 40.05 8.31
CA LEU B 157 -4.56 40.61 6.97
C LEU B 157 -3.49 39.84 6.19
N GLY B 158 -2.97 38.75 6.74
CA GLY B 158 -1.81 38.03 6.15
C GLY B 158 -2.17 37.21 4.91
N GLN B 159 -1.14 36.64 4.28
CA GLN B 159 -1.24 35.79 3.08
C GLN B 159 -1.83 36.55 1.90
N ASN B 160 -1.70 37.89 1.93
CA ASN B 160 -2.21 38.70 0.82
C ASN B 160 -1.10 38.98 -0.20
N CYS B 161 0.16 38.65 0.09
CA CYS B 161 1.22 38.82 -0.91
C CYS B 161 2.42 37.93 -0.60
N TYR B 162 2.42 36.72 -1.16
CA TYR B 162 3.50 35.76 -0.96
C TYR B 162 3.53 34.77 -2.11
N TYR B 163 4.41 33.76 -2.06
CA TYR B 163 4.66 32.94 -3.27
C TYR B 163 3.40 32.16 -3.70
N ARG B 164 2.52 31.80 -2.78
CA ARG B 164 1.31 31.05 -3.16
C ARG B 164 0.19 32.01 -3.59
N ASN B 165 0.38 33.34 -3.45
CA ASN B 165 -0.65 34.36 -3.70
C ASN B 165 0.04 35.70 -3.96
N PRO B 166 0.76 35.83 -5.10
CA PRO B 166 1.67 36.95 -5.28
C PRO B 166 0.93 38.24 -5.66
N CYS B 167 1.44 39.35 -5.14
CA CYS B 167 0.96 40.66 -5.54
C CYS B 167 2.01 41.43 -6.36
N TYR B 168 3.26 40.97 -6.43
CA TYR B 168 4.30 41.46 -7.36
C TYR B 168 4.82 42.87 -7.00
N VAL B 169 4.50 43.38 -5.81
CA VAL B 169 5.03 44.63 -5.31
C VAL B 169 5.22 44.47 -3.80
N SER B 170 5.93 45.42 -3.19
CA SER B 170 6.02 45.49 -1.76
C SER B 170 4.66 45.84 -1.19
N TYR B 171 4.37 45.34 0.00
CA TYR B 171 3.21 45.73 0.74
C TYR B 171 3.39 47.18 1.20
N SER B 172 2.30 47.94 1.16
CA SER B 172 2.27 49.36 1.59
C SER B 172 1.30 49.50 2.76
N ILE B 173 1.74 50.22 3.79
CA ILE B 173 0.93 50.60 4.91
C ILE B 173 1.18 52.08 5.20
N GLU B 174 0.11 52.89 5.19
CA GLU B 174 0.26 54.29 5.53
C GLU B 174 0.70 54.45 6.99
N LYS B 175 1.51 55.50 7.17
CA LYS B 175 1.86 56.09 8.45
C LYS B 175 0.63 56.14 9.35
N ASP B 176 0.78 55.58 10.56
CA ASP B 176 -0.24 55.60 11.63
C ASP B 176 -1.56 54.96 11.18
N ALA B 177 -1.57 54.08 10.16
CA ALA B 177 -2.84 53.47 9.66
C ALA B 177 -3.63 52.81 10.80
N PHE B 178 -2.96 52.15 11.73
CA PHE B 178 -3.63 51.42 12.78
C PHE B 178 -3.76 52.22 14.08
N LEU B 179 -3.14 53.41 14.19
CA LEU B 179 -2.97 54.08 15.51
C LEU B 179 -4.32 54.40 16.18
N ASN B 180 -5.31 54.86 15.41
CA ASN B 180 -6.61 55.25 15.97
C ASN B 180 -7.51 54.02 16.22
N LEU B 181 -7.05 52.80 15.90
CA LEU B 181 -7.80 51.58 16.27
C LEU B 181 -7.57 51.27 17.75
N THR B 182 -8.29 52.00 18.60
CA THR B 182 -7.89 52.13 20.01
C THR B 182 -8.26 50.89 20.82
N LYS B 183 -9.00 49.91 20.28
CA LYS B 183 -9.24 48.63 21.05
C LYS B 183 -8.50 47.43 20.39
N LEU B 184 -7.70 47.70 19.36
CA LEU B 184 -7.02 46.62 18.61
C LEU B 184 -6.09 45.83 19.56
N LYS B 185 -6.32 44.52 19.68
CA LYS B 185 -5.44 43.72 20.49
C LYS B 185 -4.56 42.80 19.62
N VAL B 186 -5.04 42.33 18.45
CA VAL B 186 -4.30 41.28 17.69
C VAL B 186 -4.21 41.74 16.25
N LEU B 187 -2.98 41.89 15.75
CA LEU B 187 -2.76 42.31 14.39
C LEU B 187 -1.81 41.29 13.76
N SER B 188 -2.25 40.70 12.64
CA SER B 188 -1.43 39.74 11.93
C SER B 188 -1.23 40.26 10.51
N LEU B 189 0.04 40.48 10.18
CA LEU B 189 0.45 40.95 8.88
C LEU B 189 1.49 39.99 8.26
N LYS B 190 1.36 38.71 8.59
CA LYS B 190 2.25 37.66 8.16
C LYS B 190 2.12 37.42 6.66
N ASP B 191 3.19 36.87 6.08
CA ASP B 191 3.18 36.31 4.74
C ASP B 191 2.67 37.37 3.74
N ASN B 192 3.23 38.59 3.82
CA ASN B 192 2.62 39.76 3.19
C ASN B 192 3.60 40.63 2.38
N ASN B 193 4.89 40.29 2.32
CA ASN B 193 5.86 41.08 1.54
C ASN B 193 6.00 42.51 2.14
N VAL B 194 5.93 42.60 3.46
CA VAL B 194 6.08 43.84 4.24
C VAL B 194 7.56 44.17 4.35
N THR B 195 7.87 45.47 4.24
CA THR B 195 9.27 45.94 4.20
C THR B 195 9.69 46.67 5.47
N THR B 196 8.76 47.26 6.21
CA THR B 196 9.09 47.87 7.51
C THR B 196 7.99 47.60 8.52
N VAL B 197 8.36 47.62 9.81
CA VAL B 197 7.38 47.60 10.84
C VAL B 197 6.50 48.83 10.68
N PRO B 198 5.16 48.67 10.58
CA PRO B 198 4.24 49.80 10.47
C PRO B 198 4.27 50.56 11.81
N THR B 199 4.35 51.89 11.75
CA THR B 199 4.30 52.73 12.96
C THR B 199 3.39 53.91 12.68
N VAL B 200 2.83 54.53 13.73
CA VAL B 200 2.85 54.05 15.10
C VAL B 200 1.66 53.13 15.26
N LEU B 201 1.85 52.05 16.03
CA LEU B 201 0.85 51.05 16.27
C LEU B 201 0.18 51.38 17.59
N PRO B 202 -1.09 50.95 17.80
CA PRO B 202 -1.79 51.22 19.05
C PRO B 202 -1.29 50.39 20.24
N SER B 203 -1.23 51.06 21.39
CA SER B 203 -0.55 50.60 22.55
C SER B 203 -1.39 49.55 23.28
N THR B 204 -2.58 49.29 22.75
CA THR B 204 -3.44 48.22 23.22
C THR B 204 -2.99 46.83 22.69
N LEU B 205 -2.21 46.76 21.62
CA LEU B 205 -1.79 45.41 21.03
C LEU B 205 -1.27 44.46 22.11
N THR B 206 -1.76 43.22 22.13
CA THR B 206 -1.20 42.10 22.91
C THR B 206 -0.43 41.09 22.02
N GLU B 207 -0.74 41.05 20.73
CA GLU B 207 -0.15 40.06 19.82
C GLU B 207 0.13 40.73 18.48
N LEU B 208 1.37 40.60 18.01
CA LEU B 208 1.77 41.26 16.79
C LEU B 208 2.50 40.21 15.94
N TYR B 209 1.95 39.89 14.75
CA TYR B 209 2.52 38.83 13.85
C TYR B 209 3.06 39.52 12.59
N LEU B 210 4.38 39.45 12.40
CA LEU B 210 5.04 40.15 11.25
C LEU B 210 5.98 39.17 10.55
N TYR B 211 5.73 37.86 10.76
CA TYR B 211 6.64 36.85 10.27
C TYR B 211 6.44 36.63 8.78
N ASN B 212 7.47 36.09 8.12
CA ASN B 212 7.51 35.75 6.68
C ASN B 212 7.24 36.99 5.84
N ASN B 213 8.08 38.01 6.05
CA ASN B 213 8.01 39.27 5.29
C ASN B 213 9.44 39.57 4.79
N MET B 214 9.70 40.83 4.44
CA MET B 214 10.96 41.27 3.86
C MET B 214 11.45 42.46 4.69
N ILE B 215 11.35 42.30 6.01
CA ILE B 215 11.84 43.30 6.97
C ILE B 215 13.33 43.03 7.23
N ALA B 216 14.20 43.94 6.80
CA ALA B 216 15.67 43.78 6.90
C ALA B 216 16.18 44.35 8.23
N GLU B 217 15.43 45.31 8.78
CA GLU B 217 15.87 46.09 9.95
C GLU B 217 14.68 46.47 10.83
N ILE B 218 14.87 46.32 12.14
CA ILE B 218 14.02 46.90 13.14
C ILE B 218 14.64 48.28 13.54
N GLN B 219 13.88 49.38 13.42
CA GLN B 219 14.28 50.72 14.00
C GLN B 219 14.09 50.70 15.52
N GLU B 220 14.88 51.47 16.28
CA GLU B 220 14.83 51.29 17.73
C GLU B 220 13.52 51.83 18.30
N ASP B 221 12.75 52.62 17.54
CA ASP B 221 11.42 53.14 17.99
C ASP B 221 10.26 52.17 17.73
N ASP B 222 10.47 51.18 16.85
CA ASP B 222 9.39 50.39 16.22
C ASP B 222 8.38 49.89 17.27
N PHE B 223 8.85 49.48 18.44
CA PHE B 223 8.00 48.84 19.46
C PHE B 223 7.92 49.66 20.76
N ASN B 224 8.31 50.95 20.72
CA ASN B 224 8.38 51.91 21.88
C ASN B 224 7.16 51.90 22.79
N ASN B 225 5.98 51.90 22.19
CA ASN B 225 4.72 52.22 22.90
C ASN B 225 3.91 50.94 23.25
N LEU B 226 4.50 49.75 23.05
CA LEU B 226 3.72 48.52 23.04
C LEU B 226 3.88 47.81 24.37
N ASN B 227 3.37 48.46 25.42
CA ASN B 227 3.69 48.00 26.75
C ASN B 227 2.68 46.95 27.19
N GLN B 228 1.66 46.64 26.36
CA GLN B 228 0.77 45.50 26.69
C GLN B 228 1.09 44.25 25.83
N LEU B 229 2.05 44.36 24.93
CA LEU B 229 2.39 43.25 24.02
C LEU B 229 2.81 42.00 24.80
N GLN B 230 2.17 40.88 24.47
CA GLN B 230 2.54 39.58 25.09
C GLN B 230 3.18 38.61 24.07
N ILE B 231 2.82 38.72 22.78
CA ILE B 231 3.38 37.85 21.74
C ILE B 231 3.91 38.70 20.59
N LEU B 232 5.18 38.45 20.21
CA LEU B 232 5.81 39.13 19.10
C LEU B 232 6.47 38.08 18.22
N ASP B 233 6.16 38.10 16.92
CA ASP B 233 6.74 37.11 16.01
C ASP B 233 7.36 37.83 14.82
N LEU B 234 8.69 37.77 14.70
CA LEU B 234 9.39 38.46 13.62
C LEU B 234 10.12 37.45 12.74
N SER B 235 9.79 36.16 12.92
CA SER B 235 10.39 35.05 12.23
C SER B 235 10.35 35.24 10.72
N GLY B 236 11.30 34.62 10.02
CA GLY B 236 11.20 34.52 8.57
C GLY B 236 11.42 35.88 7.91
N ASN B 237 12.15 36.79 8.58
CA ASN B 237 12.65 38.00 7.95
C ASN B 237 14.17 37.87 7.95
N CYS B 238 14.80 37.89 6.77
CA CYS B 238 16.17 37.35 6.56
C CYS B 238 16.20 35.87 6.89
N PRO B 239 15.46 35.05 6.11
CA PRO B 239 15.38 33.63 6.44
C PRO B 239 16.71 32.88 6.24
N ARG B 240 16.90 31.78 6.99
CA ARG B 240 17.91 30.78 6.71
C ARG B 240 17.31 29.84 5.66
N CYS B 241 17.89 29.77 4.46
CA CYS B 241 17.22 29.16 3.31
C CYS B 241 17.72 27.76 3.01
N TYR B 242 18.76 27.29 3.70
CA TYR B 242 19.28 25.96 3.43
C TYR B 242 18.18 24.88 3.58
N ASN B 243 17.93 24.10 2.50
CA ASN B 243 16.94 22.98 2.45
C ASN B 243 15.50 23.49 2.67
N ALA B 244 15.23 24.75 2.35
CA ALA B 244 13.89 25.27 2.48
C ALA B 244 12.99 24.55 1.49
N PRO B 245 11.77 24.09 1.90
CA PRO B 245 10.84 23.45 0.95
C PRO B 245 9.88 24.45 0.29
N PHE B 246 10.23 25.74 0.36
CA PHE B 246 9.50 26.85 -0.28
C PHE B 246 10.52 27.77 -0.94
N PRO B 247 10.14 28.59 -1.94
CA PRO B 247 11.06 29.56 -2.55
C PRO B 247 11.48 30.52 -1.45
N CYS B 248 12.78 30.61 -1.19
CA CYS B 248 13.28 31.30 -0.02
C CYS B 248 14.34 32.29 -0.52
N THR B 249 14.14 33.60 -0.28
CA THR B 249 15.15 34.62 -0.64
C THR B 249 15.82 35.18 0.62
N PRO B 250 17.14 34.96 0.81
CA PRO B 250 17.86 35.50 1.96
C PRO B 250 18.08 37.01 1.83
N CYS B 251 18.29 37.64 2.98
CA CYS B 251 18.76 39.02 3.01
C CYS B 251 20.13 39.05 2.34
N LYS B 252 20.41 40.12 1.60
CA LYS B 252 21.70 40.27 0.90
C LYS B 252 22.83 40.41 1.93
N ASN B 253 24.07 40.21 1.44
CA ASN B 253 25.36 40.42 2.17
C ASN B 253 25.43 39.43 3.34
N ASN B 254 24.65 38.33 3.24
CA ASN B 254 24.34 37.36 4.30
C ASN B 254 23.98 38.01 5.66
N SER B 255 23.15 39.07 5.64
CA SER B 255 22.82 39.79 6.83
C SER B 255 21.80 39.03 7.67
N PRO B 256 21.88 39.15 9.01
CA PRO B 256 20.73 38.82 9.86
C PRO B 256 19.66 39.91 9.77
N LEU B 257 18.51 39.60 10.39
CA LEU B 257 17.56 40.64 10.73
C LEU B 257 18.24 41.54 11.77
N GLN B 258 18.27 42.84 11.51
CA GLN B 258 19.07 43.74 12.38
C GLN B 258 18.13 44.37 13.40
N ILE B 259 18.35 44.00 14.67
CA ILE B 259 17.53 44.37 15.78
C ILE B 259 18.40 45.15 16.78
N PRO B 260 18.23 46.49 16.90
CA PRO B 260 18.94 47.27 17.90
C PRO B 260 18.85 46.70 19.33
N VAL B 261 19.91 46.87 20.10
CA VAL B 261 20.07 46.17 21.39
C VAL B 261 18.96 46.58 22.37
N ASN B 262 18.34 47.75 22.14
CA ASN B 262 17.26 48.28 23.03
C ASN B 262 15.86 48.25 22.39
N ALA B 263 15.67 47.50 21.29
CA ALA B 263 14.40 47.52 20.56
C ALA B 263 13.25 46.96 21.42
N PHE B 264 13.55 46.11 22.42
CA PHE B 264 12.49 45.38 23.19
C PHE B 264 12.24 46.04 24.55
N ASP B 265 12.88 47.18 24.82
CA ASP B 265 12.89 47.82 26.18
C ASP B 265 11.47 48.10 26.71
N ALA B 266 10.56 48.53 25.83
CA ALA B 266 9.17 48.84 26.24
C ALA B 266 8.35 47.58 26.56
N LEU B 267 8.86 46.38 26.27
CA LEU B 267 7.96 45.16 26.13
C LEU B 267 7.96 44.37 27.44
N THR B 268 7.49 45.02 28.51
CA THR B 268 7.68 44.53 29.85
C THR B 268 6.72 43.37 30.11
N GLU B 269 5.60 43.33 29.38
CA GLU B 269 4.60 42.25 29.50
C GLU B 269 4.89 41.07 28.54
N LEU B 270 5.96 41.13 27.73
CA LEU B 270 6.19 40.10 26.68
C LEU B 270 6.40 38.72 27.27
N LYS B 271 5.63 37.74 26.75
CA LYS B 271 5.72 36.33 27.18
C LYS B 271 6.29 35.40 26.07
N VAL B 272 6.02 35.73 24.81
CA VAL B 272 6.42 34.92 23.69
C VAL B 272 7.19 35.77 22.69
N LEU B 273 8.44 35.39 22.42
CA LEU B 273 9.23 36.00 21.34
C LEU B 273 9.71 34.92 20.36
N ARG B 274 9.31 35.07 19.11
CA ARG B 274 9.62 34.13 18.05
C ARG B 274 10.53 34.82 17.04
N LEU B 275 11.80 34.36 16.99
CA LEU B 275 12.85 34.83 16.09
C LEU B 275 13.43 33.64 15.29
N HIS B 276 12.51 32.91 14.67
CA HIS B 276 12.84 31.71 13.87
C HIS B 276 13.21 32.21 12.48
N SER B 277 14.26 31.65 11.89
CA SER B 277 14.62 31.92 10.48
C SER B 277 14.85 33.41 10.25
N ASN B 278 15.78 33.97 11.05
CA ASN B 278 16.18 35.40 10.93
C ASN B 278 17.69 35.55 10.64
N SER B 279 18.38 34.43 10.38
CA SER B 279 19.80 34.34 10.06
C SER B 279 20.67 34.97 11.16
N LEU B 280 20.23 34.90 12.41
CA LEU B 280 20.99 35.49 13.53
C LEU B 280 22.28 34.74 13.81
N GLN B 281 23.34 35.52 14.10
CA GLN B 281 24.63 34.99 14.41
C GLN B 281 24.95 35.20 15.90
N HIS B 282 24.34 36.19 16.53
CA HIS B 282 24.56 36.48 17.93
C HIS B 282 23.21 36.81 18.53
N VAL B 283 23.06 36.54 19.83
CA VAL B 283 21.91 36.97 20.62
C VAL B 283 22.43 37.93 21.71
N PRO B 284 22.39 39.26 21.52
CA PRO B 284 22.85 40.20 22.57
C PRO B 284 22.09 40.12 23.90
N PRO B 285 22.77 39.90 25.04
CA PRO B 285 22.10 39.90 26.34
C PRO B 285 21.20 41.12 26.61
N ARG B 286 21.61 42.26 26.05
CA ARG B 286 20.96 43.58 26.24
C ARG B 286 19.51 43.54 25.74
N TRP B 287 19.21 42.62 24.78
CA TRP B 287 17.84 42.47 24.29
C TRP B 287 16.89 42.28 25.47
N PHE B 288 17.30 41.50 26.47
CA PHE B 288 16.37 41.00 27.52
C PHE B 288 16.46 41.78 28.84
N LYS B 289 17.08 42.97 28.84
CA LYS B 289 17.25 43.72 30.09
C LYS B 289 15.88 44.02 30.75
N ASN B 290 14.90 44.52 30.00
CA ASN B 290 13.58 44.95 30.57
C ASN B 290 12.44 43.95 30.34
N ILE B 291 12.76 42.72 29.95
CA ILE B 291 11.79 41.64 29.97
C ILE B 291 12.37 40.54 30.85
N ASN B 292 11.74 40.34 32.01
CA ASN B 292 12.10 39.25 32.88
C ASN B 292 10.97 38.21 32.89
N ASN B 293 9.82 38.54 32.27
CA ASN B 293 8.60 37.65 32.29
C ASN B 293 8.50 36.77 31.02
N LEU B 294 9.52 36.78 30.16
CA LEU B 294 9.49 36.00 28.91
C LEU B 294 9.40 34.50 29.25
N GLN B 295 8.46 33.79 28.62
CA GLN B 295 8.26 32.36 28.90
C GLN B 295 8.63 31.44 27.73
N GLU B 296 8.49 31.93 26.50
CA GLU B 296 8.77 31.17 25.27
C GLU B 296 9.68 31.98 24.34
N LEU B 297 10.80 31.37 23.96
CA LEU B 297 11.76 31.94 23.06
C LEU B 297 12.13 30.92 21.96
N ASP B 298 11.84 31.29 20.71
CA ASP B 298 12.16 30.48 19.55
C ASP B 298 13.29 31.14 18.75
N LEU B 299 14.44 30.47 18.78
CA LEU B 299 15.62 30.88 18.06
C LEU B 299 16.03 29.80 17.07
N SER B 300 15.06 28.98 16.60
CA SER B 300 15.40 27.91 15.64
C SER B 300 15.71 28.50 14.26
N GLN B 301 16.51 27.77 13.45
CA GLN B 301 16.83 28.13 12.04
C GLN B 301 17.52 29.49 11.96
N ASN B 302 18.56 29.65 12.78
CA ASN B 302 19.44 30.77 12.69
C ASN B 302 20.83 30.18 12.44
N PHE B 303 21.88 30.96 12.73
CA PHE B 303 23.26 30.51 12.68
C PHE B 303 23.92 30.70 14.05
N LEU B 304 23.32 30.10 15.07
CA LEU B 304 23.71 30.33 16.45
C LEU B 304 24.55 29.20 17.05
N ALA B 305 25.20 28.39 16.21
CA ALA B 305 25.97 27.24 16.69
C ALA B 305 27.05 27.68 17.73
N LYS B 306 27.82 28.71 17.40
CA LYS B 306 28.90 29.21 18.31
C LYS B 306 28.26 29.80 19.58
N GLU B 307 27.18 30.57 19.41
CA GLU B 307 26.49 31.27 20.49
C GLU B 307 25.99 30.28 21.56
N ILE B 308 25.66 29.05 21.15
CA ILE B 308 25.07 28.11 22.08
C ILE B 308 26.10 27.76 23.16
N GLY B 309 27.39 27.84 22.82
CA GLY B 309 28.50 27.51 23.75
C GLY B 309 28.86 28.68 24.68
N ASP B 310 28.16 29.82 24.51
CA ASP B 310 28.44 31.09 25.17
C ASP B 310 27.15 31.54 25.87
N ALA B 311 26.22 32.16 25.13
CA ALA B 311 24.81 32.26 25.54
C ALA B 311 24.62 33.00 26.87
N LYS B 312 25.33 34.11 27.05
CA LYS B 312 25.21 34.91 28.27
C LYS B 312 23.80 35.45 28.40
N PHE B 313 23.09 35.64 27.26
CA PHE B 313 21.71 36.15 27.30
C PHE B 313 20.84 35.29 28.21
N LEU B 314 21.20 34.01 28.36
CA LEU B 314 20.38 33.07 29.14
C LEU B 314 20.27 33.50 30.60
N HIS B 315 21.35 34.14 31.11
CA HIS B 315 21.37 34.72 32.46
C HIS B 315 20.17 35.66 32.70
N PHE B 316 19.59 36.23 31.64
CA PHE B 316 18.49 37.22 31.78
C PHE B 316 17.11 36.57 31.65
N LEU B 317 17.02 35.22 31.71
CA LEU B 317 15.76 34.54 31.36
C LEU B 317 15.34 33.53 32.44
N PRO B 318 15.25 33.93 33.73
CA PRO B 318 14.96 32.96 34.80
C PRO B 318 13.52 32.41 34.83
N ASN B 319 12.58 33.10 34.18
CA ASN B 319 11.21 32.62 34.07
C ASN B 319 10.95 31.88 32.73
N LEU B 320 11.99 31.67 31.91
CA LEU B 320 11.78 31.01 30.63
C LEU B 320 11.30 29.56 30.86
N ILE B 321 10.18 29.20 30.23
CA ILE B 321 9.59 27.84 30.25
C ILE B 321 10.04 27.00 29.03
N GLN B 322 10.03 27.59 27.81
CA GLN B 322 10.40 26.88 26.55
C GLN B 322 11.48 27.65 25.81
N LEU B 323 12.51 26.92 25.38
CA LEU B 323 13.58 27.43 24.54
C LEU B 323 13.80 26.45 23.39
N ASP B 324 13.80 27.00 22.16
CA ASP B 324 14.10 26.27 20.94
C ASP B 324 15.33 26.88 20.25
N LEU B 325 16.38 26.07 20.16
CA LEU B 325 17.63 26.39 19.48
C LEU B 325 17.91 25.42 18.31
N SER B 326 16.86 24.80 17.78
CA SER B 326 16.97 23.76 16.72
C SER B 326 17.44 24.37 15.38
N PHE B 327 18.18 23.57 14.58
CA PHE B 327 18.66 23.89 13.23
C PHE B 327 19.49 25.18 13.25
N ASN B 328 20.55 25.18 14.06
CA ASN B 328 21.47 26.31 14.10
C ASN B 328 22.86 25.91 13.59
N PHE B 329 22.99 24.70 13.04
CA PHE B 329 24.31 24.19 12.64
C PHE B 329 24.94 24.98 11.50
N GLU B 330 26.26 24.96 11.50
N GLU B 330 26.27 24.97 11.49
CA GLU B 330 27.08 25.57 10.48
CA GLU B 330 27.08 25.58 10.46
C GLU B 330 27.16 24.58 9.32
C GLU B 330 27.17 24.59 9.31
N LEU B 331 26.79 25.04 8.11
CA LEU B 331 26.77 24.19 6.90
C LEU B 331 28.16 23.59 6.69
N GLN B 332 28.19 22.28 6.46
CA GLN B 332 29.38 21.45 6.13
C GLN B 332 30.31 21.30 7.34
N VAL B 333 29.79 21.53 8.56
CA VAL B 333 30.51 21.29 9.77
C VAL B 333 29.78 20.19 10.55
N TYR B 334 30.53 19.17 10.97
CA TYR B 334 30.01 18.07 11.79
C TYR B 334 30.81 18.06 13.11
N ARG B 335 30.30 18.72 14.15
CA ARG B 335 31.02 18.86 15.40
C ARG B 335 31.19 17.51 16.11
N ALA B 336 32.26 17.40 16.91
CA ALA B 336 32.56 16.20 17.65
C ALA B 336 31.57 16.02 18.81
N SER B 337 31.13 17.13 19.42
CA SER B 337 30.47 17.16 20.71
C SER B 337 29.41 18.25 20.71
N MET B 338 28.48 18.16 21.68
CA MET B 338 27.59 19.30 21.96
C MET B 338 28.26 20.15 23.04
N ASN B 339 28.21 21.46 22.86
CA ASN B 339 28.87 22.42 23.72
C ASN B 339 27.80 23.41 24.16
N LEU B 340 27.16 23.07 25.30
CA LEU B 340 26.21 23.91 26.00
C LEU B 340 27.00 24.77 27.00
N SER B 341 26.80 26.08 26.94
CA SER B 341 27.27 27.04 27.92
C SER B 341 26.76 26.67 29.31
N GLN B 342 27.57 26.97 30.33
CA GLN B 342 27.13 26.82 31.72
C GLN B 342 25.92 27.73 31.99
N ALA B 343 25.74 28.76 31.16
CA ALA B 343 24.63 29.71 31.29
C ALA B 343 23.27 29.01 31.30
N PHE B 344 23.18 27.81 30.73
CA PHE B 344 21.90 27.06 30.69
C PHE B 344 21.45 26.72 32.11
N SER B 345 22.43 26.60 33.02
CA SER B 345 22.16 26.34 34.45
C SER B 345 21.33 27.47 35.08
N SER B 346 21.23 28.64 34.44
CA SER B 346 20.49 29.75 35.01
C SER B 346 19.01 29.77 34.58
N LEU B 347 18.58 28.82 33.72
CA LEU B 347 17.20 28.72 33.25
C LEU B 347 16.37 27.90 34.23
N LYS B 348 16.19 28.50 35.42
CA LYS B 348 15.63 27.87 36.58
C LYS B 348 14.24 27.29 36.30
N SER B 349 13.42 28.05 35.57
CA SER B 349 12.03 27.68 35.28
C SER B 349 11.89 26.77 34.02
N LEU B 350 12.98 26.41 33.36
CA LEU B 350 12.88 25.74 32.00
C LEU B 350 12.20 24.36 32.11
N LYS B 351 11.20 24.12 31.25
CA LYS B 351 10.47 22.84 31.13
C LYS B 351 10.76 22.11 29.82
N ILE B 352 10.91 22.85 28.73
CA ILE B 352 11.14 22.29 27.39
C ILE B 352 12.42 22.91 26.81
N LEU B 353 13.39 22.07 26.45
CA LEU B 353 14.55 22.47 25.67
C LEU B 353 14.59 21.62 24.38
N ARG B 354 14.56 22.29 23.23
CA ARG B 354 14.72 21.63 21.90
C ARG B 354 15.97 22.16 21.24
N ILE B 355 16.91 21.24 20.95
CA ILE B 355 18.11 21.51 20.20
C ILE B 355 18.30 20.42 19.13
N ARG B 356 17.35 20.29 18.20
CA ARG B 356 17.56 19.48 17.00
C ARG B 356 18.56 20.18 16.08
N GLY B 357 19.18 19.45 15.17
CA GLY B 357 19.88 20.09 14.06
C GLY B 357 21.08 20.92 14.55
N TYR B 358 21.73 20.43 15.60
CA TYR B 358 23.01 20.97 16.04
C TYR B 358 24.11 20.26 15.28
N VAL B 359 23.90 18.95 15.05
CA VAL B 359 24.67 18.11 14.12
C VAL B 359 26.06 17.82 14.69
N PHE B 360 26.15 16.67 15.41
CA PHE B 360 27.37 16.26 16.12
C PHE B 360 27.42 14.74 16.34
N LYS B 361 28.63 14.25 16.59
CA LYS B 361 29.00 12.85 16.47
C LYS B 361 28.74 12.06 17.74
N GLU B 362 29.02 12.66 18.91
CA GLU B 362 29.01 11.89 20.15
C GLU B 362 28.43 12.74 21.27
N LEU B 363 27.39 12.22 21.93
CA LEU B 363 26.82 12.80 23.13
C LEU B 363 27.47 12.12 24.34
N LYS B 364 28.11 12.92 25.21
CA LYS B 364 28.72 12.40 26.47
C LYS B 364 28.02 13.02 27.67
N SER B 365 27.96 12.25 28.77
CA SER B 365 27.24 12.66 29.98
C SER B 365 27.60 14.09 30.41
N PHE B 366 28.89 14.44 30.32
CA PHE B 366 29.36 15.73 30.89
C PHE B 366 28.79 16.90 30.07
N GLN B 367 28.50 16.67 28.78
CA GLN B 367 28.05 17.74 27.90
C GLN B 367 26.67 18.25 28.33
N LEU B 368 25.92 17.44 29.10
CA LEU B 368 24.57 17.79 29.61
C LEU B 368 24.61 18.32 31.05
N SER B 369 25.82 18.44 31.64
CA SER B 369 25.91 18.87 33.09
C SER B 369 25.16 20.17 33.35
N PRO B 370 25.26 21.21 32.48
CA PRO B 370 24.54 22.46 32.71
C PRO B 370 23.02 22.34 32.91
N LEU B 371 22.43 21.19 32.53
CA LEU B 371 21.00 20.93 32.73
C LEU B 371 20.74 20.17 34.05
N HIS B 372 21.80 19.70 34.71
CA HIS B 372 21.62 18.74 35.82
C HIS B 372 20.67 19.31 36.88
N ASN B 373 20.78 20.62 37.18
CA ASN B 373 20.02 21.22 38.28
C ASN B 373 18.84 22.07 37.77
N LEU B 374 18.34 21.81 36.55
CA LEU B 374 17.05 22.37 36.13
C LEU B 374 15.92 21.44 36.57
N GLN B 375 15.17 21.87 37.59
CA GLN B 375 14.34 20.96 38.36
C GLN B 375 12.98 20.79 37.67
N ASN B 376 12.59 21.74 36.82
CA ASN B 376 11.31 21.66 36.17
C ASN B 376 11.45 21.11 34.74
N LEU B 377 12.67 20.78 34.30
CA LEU B 377 12.92 20.19 32.95
C LEU B 377 12.04 18.94 32.76
N GLU B 378 11.19 19.01 31.72
CA GLU B 378 10.25 17.94 31.34
C GLU B 378 10.60 17.32 29.98
N VAL B 379 11.10 18.14 29.03
CA VAL B 379 11.38 17.64 27.67
C VAL B 379 12.79 18.06 27.28
N LEU B 380 13.57 17.09 26.84
CA LEU B 380 14.82 17.35 26.25
C LEU B 380 14.81 16.72 24.85
N ASP B 381 14.81 17.58 23.80
CA ASP B 381 14.70 17.11 22.42
C ASP B 381 16.04 17.28 21.72
N LEU B 382 16.79 16.18 21.52
CA LEU B 382 18.03 16.19 20.72
C LEU B 382 17.87 15.40 19.40
N GLY B 383 16.66 15.45 18.82
CA GLY B 383 16.36 14.82 17.50
C GLY B 383 17.19 15.42 16.37
N THR B 384 17.40 14.63 15.31
CA THR B 384 17.95 15.07 14.01
C THR B 384 19.30 15.74 14.20
N ASN B 385 20.24 14.99 14.82
CA ASN B 385 21.54 15.50 15.16
C ASN B 385 22.65 14.64 14.55
N PHE B 386 22.31 13.56 13.83
CA PHE B 386 23.28 12.60 13.29
C PHE B 386 24.28 12.13 14.36
N ILE B 387 23.77 11.90 15.57
CA ILE B 387 24.51 11.37 16.69
C ILE B 387 24.84 9.90 16.43
N LYS B 388 26.14 9.57 16.40
CA LYS B 388 26.64 8.19 16.19
C LYS B 388 26.78 7.40 17.50
N ILE B 389 27.09 8.08 18.61
CA ILE B 389 27.49 7.41 19.88
C ILE B 389 26.84 8.17 21.03
N ALA B 390 26.02 7.46 21.80
CA ALA B 390 25.43 7.97 23.05
C ALA B 390 25.25 6.83 24.03
N ASN B 391 25.93 6.91 25.18
CA ASN B 391 25.69 5.98 26.25
C ASN B 391 24.36 6.31 26.90
N LEU B 392 23.34 5.47 26.67
CA LEU B 392 22.00 5.81 27.15
C LEU B 392 21.97 5.90 28.68
N SER B 393 22.98 5.33 29.35
CA SER B 393 22.94 5.25 30.84
C SER B 393 23.02 6.67 31.44
N MET B 394 23.52 7.65 30.66
CA MET B 394 23.58 9.06 31.13
C MET B 394 22.18 9.59 31.52
N PHE B 395 21.10 8.95 31.04
CA PHE B 395 19.78 9.53 31.32
C PHE B 395 19.29 9.12 32.73
N LYS B 396 20.10 8.37 33.45
CA LYS B 396 19.77 8.07 34.86
C LYS B 396 19.71 9.37 35.68
N GLN B 397 20.44 10.39 35.26
CA GLN B 397 20.40 11.71 35.90
C GLN B 397 19.24 12.56 35.37
N PHE B 398 18.29 11.97 34.62
CA PHE B 398 17.15 12.72 34.06
C PHE B 398 15.83 11.99 34.29
N LYS B 399 15.72 11.31 35.44
CA LYS B 399 14.53 10.54 35.79
C LYS B 399 13.28 11.41 35.83
N ARG B 400 13.47 12.68 36.19
CA ARG B 400 12.36 13.67 36.36
C ARG B 400 11.72 14.04 35.01
N LEU B 401 12.39 13.77 33.89
CA LEU B 401 11.84 14.18 32.54
C LEU B 401 10.65 13.32 32.14
N LYS B 402 9.72 13.91 31.38
CA LYS B 402 8.61 13.19 30.78
C LYS B 402 9.06 12.58 29.44
N VAL B 403 9.81 13.33 28.62
CA VAL B 403 10.30 12.89 27.28
C VAL B 403 11.77 13.22 27.10
N ILE B 404 12.55 12.19 26.78
CA ILE B 404 13.88 12.34 26.23
C ILE B 404 13.87 11.91 24.75
N ASP B 405 14.09 12.84 23.82
CA ASP B 405 13.82 12.57 22.36
C ASP B 405 15.15 12.52 21.61
N LEU B 406 15.56 11.32 21.18
CA LEU B 406 16.76 11.15 20.34
C LEU B 406 16.39 10.62 18.93
N SER B 407 15.15 10.83 18.53
CA SER B 407 14.63 10.39 17.26
C SER B 407 15.46 10.99 16.12
N VAL B 408 15.60 10.23 15.05
CA VAL B 408 16.36 10.66 13.85
C VAL B 408 17.80 11.01 14.21
N ASN B 409 18.58 9.96 14.49
CA ASN B 409 19.95 10.06 14.78
C ASN B 409 20.61 8.85 14.13
N LYS B 410 21.91 8.66 14.39
CA LYS B 410 22.72 7.60 13.82
C LYS B 410 23.26 6.67 14.92
N ILE B 411 22.53 6.53 16.01
CA ILE B 411 23.01 5.73 17.15
C ILE B 411 22.98 4.25 16.79
N SER B 412 24.08 3.57 17.11
CA SER B 412 24.21 2.13 16.98
C SER B 412 25.30 1.62 17.91
N PRO B 413 25.36 0.31 18.25
CA PRO B 413 26.47 -0.21 19.04
C PRO B 413 27.70 -0.41 18.13
N VAL B 437 3.82 15.56 20.08
CA VAL B 437 4.54 15.45 18.80
C VAL B 437 4.38 16.78 18.04
N LEU B 438 5.49 17.28 17.46
CA LEU B 438 5.48 18.36 16.47
C LEU B 438 5.08 17.75 15.12
N GLU B 439 4.36 18.50 14.26
CA GLU B 439 4.01 18.07 12.88
C GLU B 439 5.27 17.51 12.19
N GLN B 440 5.10 16.61 11.20
CA GLN B 440 6.25 15.93 10.49
C GLN B 440 7.13 17.00 9.81
N LEU B 441 6.49 18.05 9.27
CA LEU B 441 7.13 19.30 8.90
C LEU B 441 6.79 20.31 10.00
N TYR B 442 7.80 20.74 10.76
CA TYR B 442 7.68 21.68 11.85
C TYR B 442 8.73 22.80 11.65
N TYR B 443 10.00 22.43 11.59
CA TYR B 443 11.10 23.42 11.53
C TYR B 443 11.30 23.96 10.11
N PHE B 444 10.83 23.24 9.08
CA PHE B 444 11.11 23.61 7.71
C PHE B 444 9.92 24.22 6.99
N ARG B 445 8.69 24.09 7.52
CA ARG B 445 7.56 24.55 6.78
C ARG B 445 7.49 26.07 6.83
N TYR B 446 6.85 26.63 5.80
CA TYR B 446 6.80 28.06 5.60
C TYR B 446 6.02 28.70 6.75
N ASP B 447 4.81 28.23 7.00
CA ASP B 447 3.92 28.83 7.98
C ASP B 447 3.13 27.72 8.65
N LYS B 448 3.58 27.31 9.82
CA LYS B 448 2.95 26.17 10.48
C LYS B 448 1.62 26.58 11.13
N TYR B 449 1.28 27.88 11.12
CA TYR B 449 -0.01 28.33 11.64
C TYR B 449 -0.96 28.68 10.49
N ALA B 450 -0.64 28.32 9.24
CA ALA B 450 -1.55 28.62 8.13
C ALA B 450 -2.90 27.88 8.34
N ARG B 451 -3.98 28.61 8.12
CA ARG B 451 -5.37 28.12 8.15
C ARG B 451 -5.60 27.50 6.77
N SER B 452 -6.31 26.37 6.65
CA SER B 452 -6.47 25.78 5.28
C SER B 452 -7.82 26.15 4.66
N CYS B 453 -7.88 25.95 3.32
CA CYS B 453 -9.16 25.89 2.65
C CYS B 453 -9.29 24.87 1.53
N ARG B 454 -8.69 23.71 1.75
CA ARG B 454 -9.19 22.49 1.22
C ARG B 454 -9.97 21.83 2.37
N PHE B 455 -11.01 21.08 2.00
CA PHE B 455 -11.72 20.17 2.88
C PHE B 455 -11.11 18.77 2.72
N SER B 468 0.44 7.68 20.65
CA SER B 468 1.63 8.15 21.36
C SER B 468 1.62 7.69 22.82
N CYS B 469 2.82 7.51 23.41
CA CYS B 469 3.02 6.75 24.67
C CYS B 469 3.40 7.63 25.88
N TYR B 470 3.49 8.93 25.69
CA TYR B 470 3.90 9.89 26.73
C TYR B 470 3.06 9.73 28.02
N LYS B 471 1.77 9.44 27.87
CA LYS B 471 0.85 9.34 28.99
C LYS B 471 1.21 8.20 29.94
N TYR B 472 2.12 7.28 29.55
CA TYR B 472 2.51 6.16 30.39
C TYR B 472 3.59 6.55 31.42
N GLY B 473 4.23 7.71 31.23
CA GLY B 473 5.31 8.24 32.09
C GLY B 473 6.60 8.46 31.30
N GLN B 474 7.75 8.26 31.95
CA GLN B 474 9.01 8.64 31.39
C GLN B 474 9.19 7.85 30.09
N THR B 475 9.60 8.56 29.05
CA THR B 475 9.70 8.02 27.66
C THR B 475 11.08 8.34 27.12
N LEU B 476 11.80 7.33 26.63
CA LEU B 476 13.00 7.50 25.87
C LEU B 476 12.66 7.17 24.40
N ASP B 477 12.80 8.15 23.50
CA ASP B 477 12.46 7.99 22.06
C ASP B 477 13.75 7.76 21.30
N LEU B 478 13.99 6.50 20.95
CA LEU B 478 15.17 6.14 20.13
C LEU B 478 14.74 5.76 18.68
N SER B 479 13.55 6.19 18.28
CA SER B 479 13.03 5.87 16.94
C SER B 479 13.95 6.47 15.85
N LYS B 480 14.02 5.78 14.72
CA LYS B 480 14.78 6.22 13.54
C LYS B 480 16.24 6.44 13.91
N ASN B 481 16.83 5.39 14.44
CA ASN B 481 18.24 5.34 14.69
C ASN B 481 18.77 4.13 13.93
N SER B 482 20.04 3.79 14.15
CA SER B 482 20.69 2.72 13.41
C SER B 482 21.02 1.54 14.37
N ILE B 483 20.13 1.26 15.32
CA ILE B 483 20.38 0.15 16.32
C ILE B 483 20.14 -1.19 15.65
N PHE B 484 21.20 -1.98 15.44
N PHE B 484 21.22 -1.97 15.51
CA PHE B 484 21.06 -3.31 14.85
CA PHE B 484 21.17 -3.26 14.84
C PHE B 484 20.82 -4.36 15.94
C PHE B 484 21.14 -4.44 15.82
N PHE B 485 21.51 -4.21 17.07
CA PHE B 485 21.63 -5.29 18.07
C PHE B 485 21.51 -4.68 19.46
N ILE B 486 20.68 -5.28 20.30
CA ILE B 486 20.46 -4.79 21.62
C ILE B 486 20.86 -5.87 22.63
N LYS B 487 21.30 -5.39 23.80
CA LYS B 487 21.54 -6.24 24.94
C LYS B 487 21.31 -5.42 26.22
N SER B 488 21.13 -6.16 27.33
CA SER B 488 20.70 -5.65 28.62
C SER B 488 21.52 -4.45 29.09
N SER B 489 22.83 -4.49 28.90
CA SER B 489 23.70 -3.47 29.44
C SER B 489 23.45 -2.11 28.78
N ASP B 490 22.90 -2.11 27.56
CA ASP B 490 22.51 -0.87 26.86
C ASP B 490 21.53 -0.05 27.68
N PHE B 491 20.73 -0.72 28.54
CA PHE B 491 19.67 -0.09 29.33
C PHE B 491 20.01 0.00 30.82
N GLN B 492 21.27 -0.24 31.18
CA GLN B 492 21.75 -0.17 32.55
C GLN B 492 21.44 1.22 33.12
N HIS B 493 20.79 1.22 34.28
CA HIS B 493 20.47 2.38 35.09
C HIS B 493 19.21 3.09 34.60
N LEU B 494 18.40 2.47 33.72
CA LEU B 494 17.23 3.14 33.14
C LEU B 494 15.93 2.46 33.58
N SER B 495 15.90 1.87 34.78
CA SER B 495 14.78 1.04 35.16
C SER B 495 13.53 1.87 35.43
N PHE B 496 13.67 3.19 35.57
CA PHE B 496 12.50 4.10 35.75
C PHE B 496 11.66 4.27 34.46
N LEU B 497 12.22 3.94 33.29
CA LEU B 497 11.48 4.17 31.98
C LEU B 497 10.10 3.48 31.95
N LYS B 498 9.11 4.20 31.48
CA LYS B 498 7.80 3.67 31.30
C LYS B 498 7.51 3.37 29.82
N CYS B 499 8.07 4.19 28.92
CA CYS B 499 7.89 3.94 27.47
C CYS B 499 9.25 3.96 26.77
N LEU B 500 9.49 2.97 25.90
CA LEU B 500 10.69 2.98 25.05
C LEU B 500 10.22 2.90 23.60
N ASN B 501 10.67 3.86 22.79
CA ASN B 501 10.34 3.84 21.34
C ASN B 501 11.59 3.40 20.56
N LEU B 502 11.55 2.19 20.00
CA LEU B 502 12.62 1.65 19.14
C LEU B 502 12.17 1.52 17.66
N SER B 503 11.05 2.15 17.30
CA SER B 503 10.50 2.20 15.96
C SER B 503 11.57 2.65 14.97
N GLY B 504 11.68 1.91 13.87
CA GLY B 504 12.45 2.36 12.70
C GLY B 504 13.95 2.24 12.96
N ASN B 505 14.35 1.15 13.62
CA ASN B 505 15.75 0.79 13.77
C ASN B 505 16.03 -0.42 12.86
N LEU B 506 17.13 -1.14 13.12
CA LEU B 506 17.57 -2.21 12.24
C LEU B 506 17.57 -3.54 13.00
N ILE B 507 16.72 -3.67 14.05
CA ILE B 507 16.85 -4.85 14.96
C ILE B 507 16.34 -6.12 14.28
N SER B 508 17.31 -7.01 13.99
CA SER B 508 17.14 -8.27 13.26
C SER B 508 17.43 -9.51 14.11
N GLN B 509 17.35 -9.32 15.41
CA GLN B 509 17.76 -10.24 16.46
C GLN B 509 16.72 -11.31 16.78
N THR B 510 17.17 -12.52 17.17
CA THR B 510 16.25 -13.51 17.74
C THR B 510 16.09 -13.25 19.24
N LEU B 511 15.24 -12.28 19.59
CA LEU B 511 15.04 -11.87 21.00
C LEU B 511 14.63 -13.10 21.82
N ASN B 512 15.23 -13.27 23.00
CA ASN B 512 14.97 -14.49 23.78
C ASN B 512 14.64 -14.15 25.23
N GLY B 513 14.41 -12.87 25.52
CA GLY B 513 13.93 -12.45 26.80
C GLY B 513 15.05 -12.11 27.77
N SER B 514 16.26 -11.85 27.26
CA SER B 514 17.40 -11.40 28.05
C SER B 514 17.88 -9.99 27.68
N GLU B 515 17.20 -9.29 26.75
CA GLU B 515 17.79 -8.09 26.13
C GLU B 515 17.39 -6.78 26.87
N PHE B 516 16.26 -6.79 27.59
CA PHE B 516 15.72 -5.58 28.22
C PHE B 516 15.67 -5.76 29.75
N GLN B 517 16.60 -6.56 30.31
CA GLN B 517 16.45 -7.00 31.73
C GLN B 517 16.28 -5.79 32.66
N PRO B 518 17.00 -4.67 32.49
CA PRO B 518 16.81 -3.54 33.41
C PRO B 518 15.46 -2.83 33.39
N LEU B 519 14.67 -3.00 32.31
CA LEU B 519 13.49 -2.16 32.13
C LEU B 519 12.29 -2.80 32.85
N ALA B 520 12.37 -2.84 34.19
CA ALA B 520 11.39 -3.57 35.02
C ALA B 520 10.10 -2.76 35.14
N GLU B 521 10.13 -1.46 34.85
CA GLU B 521 8.90 -0.69 34.94
C GLU B 521 8.27 -0.39 33.56
N LEU B 522 8.83 -0.92 32.47
CA LEU B 522 8.35 -0.49 31.11
C LEU B 522 6.90 -0.94 30.93
N ARG B 523 6.01 0.00 30.59
CA ARG B 523 4.64 -0.31 30.27
C ARG B 523 4.37 -0.35 28.75
N TYR B 524 5.20 0.33 27.95
CA TYR B 524 4.95 0.49 26.46
C TYR B 524 6.27 0.32 25.72
N LEU B 525 6.29 -0.64 24.78
CA LEU B 525 7.36 -0.82 23.91
C LEU B 525 6.86 -0.71 22.45
N ASP B 526 7.35 0.32 21.75
CA ASP B 526 7.19 0.46 20.27
C ASP B 526 8.41 -0.15 19.59
N PHE B 527 8.21 -1.37 19.08
CA PHE B 527 9.18 -2.10 18.32
C PHE B 527 8.81 -2.15 16.81
N SER B 528 7.92 -1.26 16.35
CA SER B 528 7.47 -1.18 14.95
C SER B 528 8.66 -0.90 14.00
N ASN B 529 8.55 -1.42 12.76
CA ASN B 529 9.47 -1.06 11.71
C ASN B 529 10.91 -1.48 12.07
N ASN B 530 11.05 -2.72 12.53
CA ASN B 530 12.31 -3.39 12.75
C ASN B 530 12.23 -4.66 11.92
N ARG B 531 13.12 -5.62 12.19
N ARG B 531 13.13 -5.62 12.17
CA ARG B 531 13.04 -6.94 11.58
CA ARG B 531 13.03 -6.95 11.57
C ARG B 531 13.04 -8.02 12.66
C ARG B 531 13.03 -8.03 12.65
N LEU B 532 12.03 -7.98 13.54
CA LEU B 532 11.92 -9.00 14.59
C LEU B 532 12.04 -10.40 13.97
N ASP B 533 12.94 -11.20 14.56
CA ASP B 533 13.03 -12.62 14.26
C ASP B 533 12.45 -13.40 15.44
N LEU B 534 11.21 -13.83 15.30
CA LEU B 534 10.44 -14.39 16.41
C LEU B 534 10.70 -15.90 16.51
N LEU B 535 11.96 -16.30 16.60
CA LEU B 535 12.29 -17.70 16.74
C LEU B 535 11.86 -18.21 18.14
N HIS B 536 11.96 -17.35 19.16
CA HIS B 536 11.82 -17.79 20.61
C HIS B 536 10.48 -17.35 21.21
N SER B 537 9.75 -18.28 21.84
CA SER B 537 8.48 -17.97 22.47
C SER B 537 8.71 -17.17 23.78
N THR B 538 9.96 -16.89 24.11
CA THR B 538 10.37 -16.15 25.33
C THR B 538 10.69 -14.68 25.01
N ALA B 539 10.58 -14.27 23.74
CA ALA B 539 10.78 -12.89 23.39
C ALA B 539 9.87 -11.98 24.25
N PHE B 540 10.51 -10.95 24.79
CA PHE B 540 9.90 -9.85 25.52
C PHE B 540 9.47 -10.26 26.94
N GLU B 541 9.61 -11.54 27.32
CA GLU B 541 9.04 -11.97 28.64
C GLU B 541 9.71 -11.24 29.82
N GLU B 542 10.92 -10.68 29.66
CA GLU B 542 11.56 -9.95 30.80
C GLU B 542 10.88 -8.59 31.08
N LEU B 543 10.00 -8.14 30.20
CA LEU B 543 9.32 -6.90 30.40
C LEU B 543 8.05 -7.15 31.21
N ARG B 544 8.21 -7.40 32.52
CA ARG B 544 7.15 -7.97 33.35
C ARG B 544 6.00 -6.99 33.54
N LYS B 545 6.25 -5.68 33.45
CA LYS B 545 5.21 -4.64 33.55
C LYS B 545 4.54 -4.29 32.18
N LEU B 546 4.93 -4.92 31.08
CA LEU B 546 4.48 -4.48 29.71
C LEU B 546 2.96 -4.62 29.51
N GLU B 547 2.29 -3.49 29.24
CA GLU B 547 0.88 -3.42 28.88
C GLU B 547 0.64 -3.30 27.35
N VAL B 548 1.55 -2.65 26.61
CA VAL B 548 1.34 -2.48 25.15
C VAL B 548 2.66 -2.85 24.45
N LEU B 549 2.55 -3.70 23.42
CA LEU B 549 3.67 -4.09 22.60
C LEU B 549 3.24 -3.86 21.14
N ASP B 550 4.04 -3.08 20.42
CA ASP B 550 3.82 -2.85 18.98
C ASP B 550 4.98 -3.49 18.25
N ILE B 551 4.68 -4.58 17.53
CA ILE B 551 5.65 -5.21 16.63
C ILE B 551 5.09 -5.21 15.19
N SER B 552 4.34 -4.16 14.86
CA SER B 552 3.86 -3.89 13.49
C SER B 552 5.06 -3.60 12.57
N SER B 553 4.86 -3.92 11.29
CA SER B 553 5.81 -3.62 10.23
C SER B 553 7.17 -4.22 10.55
N ASN B 554 7.17 -5.49 10.99
CA ASN B 554 8.33 -6.31 11.17
C ASN B 554 8.19 -7.50 10.23
N SER B 555 7.76 -7.23 8.99
CA SER B 555 7.38 -8.31 8.07
C SER B 555 8.57 -9.15 7.60
N HIS B 556 9.80 -8.65 7.77
CA HIS B 556 10.92 -9.19 6.96
C HIS B 556 11.05 -10.73 6.99
N TYR B 557 11.21 -11.31 8.18
CA TYR B 557 11.51 -12.72 8.28
C TYR B 557 10.27 -13.58 8.01
N PHE B 558 9.08 -12.95 8.04
CA PHE B 558 7.82 -13.62 7.75
C PHE B 558 7.66 -13.84 6.24
N GLN B 559 8.53 -13.22 5.45
CA GLN B 559 8.38 -13.25 3.99
C GLN B 559 9.12 -14.46 3.40
N SER B 560 9.94 -15.19 4.16
CA SER B 560 10.78 -16.24 3.56
C SER B 560 10.35 -17.60 4.14
N GLU B 561 10.18 -18.57 3.25
CA GLU B 561 9.67 -19.90 3.58
C GLU B 561 10.69 -20.62 4.46
N GLY B 562 10.19 -21.49 5.37
CA GLY B 562 11.06 -22.42 6.14
C GLY B 562 11.58 -21.81 7.43
N ILE B 563 11.22 -20.57 7.75
CA ILE B 563 11.74 -19.91 8.96
C ILE B 563 10.76 -20.19 10.11
N THR B 564 11.29 -20.71 11.23
CA THR B 564 10.49 -20.92 12.47
C THR B 564 10.06 -19.58 13.08
N HIS B 565 8.74 -19.43 13.33
CA HIS B 565 8.15 -18.28 14.05
C HIS B 565 7.27 -18.80 15.21
N MET B 566 7.42 -18.22 16.39
CA MET B 566 6.64 -18.66 17.54
C MET B 566 5.64 -17.57 17.95
N LEU B 567 4.44 -17.66 17.38
CA LEU B 567 3.38 -16.69 17.66
C LEU B 567 2.79 -16.91 19.08
N ASN B 568 3.09 -18.05 19.70
CA ASN B 568 2.63 -18.34 21.08
C ASN B 568 3.45 -17.60 22.13
N PHE B 569 4.33 -16.71 21.71
CA PHE B 569 5.10 -15.92 22.66
C PHE B 569 4.25 -15.06 23.61
N THR B 570 2.95 -14.88 23.34
CA THR B 570 2.08 -14.01 24.19
C THR B 570 1.88 -14.63 25.59
N LYS B 571 2.04 -15.96 25.69
CA LYS B 571 1.77 -16.71 26.93
C LYS B 571 2.56 -16.10 28.10
N ASN B 572 3.81 -15.75 27.85
CA ASN B 572 4.72 -15.28 28.93
C ASN B 572 4.51 -13.81 29.33
N LEU B 573 3.67 -13.04 28.62
CA LEU B 573 3.48 -11.57 28.89
C LEU B 573 2.23 -11.35 29.77
N LYS B 574 2.45 -11.37 31.08
CA LYS B 574 1.37 -11.66 32.06
C LYS B 574 0.41 -10.49 32.26
N VAL B 575 0.85 -9.25 32.00
CA VAL B 575 -0.03 -8.08 32.14
C VAL B 575 -0.24 -7.34 30.80
N LEU B 576 0.06 -7.98 29.67
CA LEU B 576 -0.14 -7.32 28.34
C LEU B 576 -1.63 -7.13 28.05
N GLN B 577 -2.02 -5.89 27.74
CA GLN B 577 -3.40 -5.56 27.40
C GLN B 577 -3.61 -5.42 25.87
N LYS B 578 -2.58 -4.94 25.16
CA LYS B 578 -2.75 -4.59 23.74
C LYS B 578 -1.51 -5.04 22.98
N LEU B 579 -1.78 -5.74 21.87
CA LEU B 579 -0.70 -6.24 21.00
C LEU B 579 -1.04 -5.80 19.56
N MET B 580 -0.10 -5.11 18.94
CA MET B 580 -0.21 -4.72 17.51
C MET B 580 0.79 -5.52 16.69
N MET B 581 0.26 -6.28 15.74
CA MET B 581 1.08 -7.10 14.86
C MET B 581 0.67 -6.88 13.39
N ASN B 582 0.44 -5.61 13.04
CA ASN B 582 -0.09 -5.22 11.75
C ASN B 582 1.04 -5.23 10.71
N ASP B 583 0.66 -5.52 9.47
CA ASP B 583 1.53 -5.39 8.31
C ASP B 583 2.78 -6.25 8.49
N ASN B 584 2.62 -7.48 8.98
CA ASN B 584 3.75 -8.38 9.18
C ASN B 584 3.78 -9.48 8.10
N ASP B 585 2.80 -9.49 7.19
CA ASP B 585 2.80 -10.48 6.10
C ASP B 585 2.76 -11.91 6.68
N ILE B 586 2.14 -12.12 7.85
CA ILE B 586 2.26 -13.45 8.52
C ILE B 586 1.39 -14.47 7.76
N SER B 587 2.04 -15.52 7.25
CA SER B 587 1.39 -16.58 6.51
C SER B 587 1.71 -17.97 7.09
N SER B 588 2.53 -18.03 8.16
CA SER B 588 2.97 -19.29 8.68
C SER B 588 3.31 -19.09 10.16
N SER B 589 3.27 -20.18 10.92
CA SER B 589 3.56 -20.13 12.32
C SER B 589 3.87 -21.54 12.80
N THR B 590 4.93 -21.70 13.58
CA THR B 590 5.33 -22.99 14.05
C THR B 590 4.31 -23.46 15.11
N SER B 591 3.88 -22.56 15.97
CA SER B 591 2.83 -22.86 16.97
C SER B 591 1.44 -22.56 16.43
N ARG B 592 0.43 -23.23 16.99
CA ARG B 592 -0.87 -23.25 16.41
C ARG B 592 -1.82 -22.33 17.18
N THR B 593 -1.40 -21.84 18.34
CA THR B 593 -2.30 -21.13 19.23
C THR B 593 -1.55 -20.00 19.92
N MET B 594 -2.24 -18.88 20.08
CA MET B 594 -1.77 -17.78 20.91
C MET B 594 -2.63 -17.79 22.17
N GLU B 595 -1.98 -17.63 23.35
CA GLU B 595 -2.63 -17.70 24.66
C GLU B 595 -2.25 -16.46 25.47
N SER B 596 -3.23 -15.92 26.20
CA SER B 596 -3.04 -14.88 27.13
C SER B 596 -4.25 -14.90 28.06
N GLU B 597 -4.00 -14.58 29.34
CA GLU B 597 -5.08 -14.39 30.30
C GLU B 597 -5.33 -12.88 30.49
N SER B 598 -4.49 -12.02 29.88
CA SER B 598 -4.59 -10.52 30.04
C SER B 598 -5.03 -9.81 28.75
N LEU B 599 -4.64 -10.30 27.57
CA LEU B 599 -4.78 -9.47 26.35
C LEU B 599 -6.23 -9.10 26.09
N ARG B 600 -6.46 -7.79 25.92
CA ARG B 600 -7.78 -7.32 25.55
C ARG B 600 -7.84 -6.91 24.07
N THR B 601 -6.75 -6.43 23.48
CA THR B 601 -6.80 -5.92 22.07
C THR B 601 -5.70 -6.59 21.26
N LEU B 602 -6.08 -7.21 20.13
CA LEU B 602 -5.11 -7.70 19.15
C LEU B 602 -5.44 -7.06 17.80
N GLU B 603 -4.45 -6.34 17.26
CA GLU B 603 -4.44 -5.82 15.88
C GLU B 603 -3.59 -6.75 15.00
N PHE B 604 -4.23 -7.39 14.02
CA PHE B 604 -3.54 -8.38 13.18
C PHE B 604 -3.81 -8.08 11.70
N ARG B 605 -3.98 -6.79 11.39
CA ARG B 605 -4.27 -6.27 10.03
C ARG B 605 -3.05 -6.53 9.12
N GLY B 606 -3.26 -6.73 7.82
CA GLY B 606 -2.11 -6.75 6.85
C GLY B 606 -1.25 -7.99 7.03
N ASN B 607 -1.90 -9.13 7.29
CA ASN B 607 -1.28 -10.43 7.37
C ASN B 607 -1.93 -11.35 6.35
N HIS B 608 -1.67 -12.66 6.47
CA HIS B 608 -2.20 -13.63 5.52
C HIS B 608 -2.91 -14.79 6.23
N LEU B 609 -3.93 -14.45 7.01
CA LEU B 609 -4.82 -15.44 7.57
C LEU B 609 -5.46 -16.27 6.46
N ASP B 610 -5.64 -15.71 5.27
CA ASP B 610 -6.16 -16.50 4.11
C ASP B 610 -5.26 -17.74 3.84
N VAL B 611 -3.94 -17.60 4.01
CA VAL B 611 -3.00 -18.71 3.83
C VAL B 611 -3.03 -19.62 5.06
N LEU B 612 -3.00 -19.06 6.27
CA LEU B 612 -2.99 -19.90 7.48
C LEU B 612 -4.26 -20.73 7.57
N TRP B 613 -5.38 -20.15 7.11
CA TRP B 613 -6.70 -20.79 7.12
C TRP B 613 -7.10 -21.38 5.76
N ARG B 614 -6.13 -21.78 4.95
CA ARG B 614 -6.40 -22.39 3.68
C ARG B 614 -7.45 -23.49 3.89
N ASP B 615 -8.45 -23.55 2.99
CA ASP B 615 -9.59 -24.46 3.10
C ASP B 615 -9.09 -25.92 3.08
N GLY B 616 -9.43 -26.67 4.13
CA GLY B 616 -8.98 -28.03 4.29
C GLY B 616 -7.89 -28.15 5.32
N ASP B 617 -7.23 -27.04 5.69
CA ASP B 617 -6.27 -27.02 6.77
C ASP B 617 -6.97 -26.44 8.01
N ASN B 618 -7.20 -27.32 9.01
CA ASN B 618 -7.90 -26.95 10.22
C ASN B 618 -6.95 -26.51 11.32
N ARG B 619 -5.62 -26.55 11.11
CA ARG B 619 -4.64 -26.53 12.23
C ARG B 619 -4.59 -25.17 12.93
N TYR B 620 -4.97 -24.08 12.22
CA TYR B 620 -4.81 -22.75 12.79
C TYR B 620 -6.16 -22.10 13.11
N LEU B 621 -7.27 -22.88 13.02
CA LEU B 621 -8.62 -22.32 13.20
C LEU B 621 -8.89 -21.92 14.65
N GLN B 622 -7.99 -22.24 15.59
CA GLN B 622 -8.12 -21.82 16.98
C GLN B 622 -6.97 -20.89 17.38
N LEU B 623 -6.35 -20.24 16.38
CA LEU B 623 -5.20 -19.38 16.65
C LEU B 623 -5.46 -18.36 17.77
N PHE B 624 -6.66 -17.76 17.80
CA PHE B 624 -6.96 -16.72 18.74
C PHE B 624 -7.84 -17.21 19.92
N LYS B 625 -8.20 -18.50 19.94
CA LYS B 625 -9.26 -19.03 20.86
C LYS B 625 -8.88 -18.85 22.34
N ASN B 626 -7.60 -18.98 22.64
CA ASN B 626 -7.04 -19.02 23.97
C ASN B 626 -6.56 -17.65 24.46
N LEU B 627 -6.91 -16.58 23.72
CA LEU B 627 -6.81 -15.24 24.21
C LEU B 627 -8.12 -14.91 24.94
N LEU B 628 -8.20 -15.37 26.19
CA LEU B 628 -9.47 -15.59 26.89
C LEU B 628 -10.18 -14.29 27.21
N LYS B 629 -9.42 -13.21 27.46
CA LYS B 629 -9.98 -11.89 27.78
C LYS B 629 -10.08 -10.95 26.56
N LEU B 630 -9.77 -11.45 25.36
CA LEU B 630 -9.80 -10.59 24.15
C LEU B 630 -11.21 -10.09 23.90
N GLU B 631 -11.31 -8.75 23.73
CA GLU B 631 -12.54 -8.04 23.39
C GLU B 631 -12.52 -7.38 21.99
N GLU B 632 -11.34 -7.16 21.42
CA GLU B 632 -11.21 -6.47 20.12
C GLU B 632 -10.16 -7.20 19.27
N LEU B 633 -10.57 -7.59 18.06
CA LEU B 633 -9.72 -8.27 17.10
C LEU B 633 -9.88 -7.57 15.76
N ASP B 634 -8.78 -7.02 15.24
CA ASP B 634 -8.73 -6.46 13.90
C ASP B 634 -8.02 -7.44 12.95
N ILE B 635 -8.80 -8.14 12.11
CA ILE B 635 -8.26 -8.99 11.06
C ILE B 635 -8.72 -8.47 9.69
N SER B 636 -8.73 -7.12 9.55
CA SER B 636 -8.92 -6.50 8.23
C SER B 636 -7.68 -6.77 7.36
N LYS B 637 -7.83 -6.64 6.03
CA LYS B 637 -6.68 -6.69 5.10
C LYS B 637 -5.88 -7.97 5.28
N ASN B 638 -6.57 -9.12 5.34
CA ASN B 638 -5.97 -10.43 5.45
C ASN B 638 -6.29 -11.28 4.21
N SER B 639 -6.72 -10.62 3.11
CA SER B 639 -7.11 -11.28 1.87
C SER B 639 -8.14 -12.38 2.07
N LEU B 640 -9.03 -12.22 3.07
CA LEU B 640 -9.97 -13.26 3.39
C LEU B 640 -11.18 -13.11 2.49
N SER B 641 -11.13 -13.74 1.31
CA SER B 641 -12.22 -13.65 0.32
C SER B 641 -13.44 -14.47 0.78
N PHE B 642 -13.23 -15.44 1.67
CA PHE B 642 -14.28 -16.18 2.34
C PHE B 642 -13.73 -16.54 3.72
N LEU B 643 -14.58 -16.91 4.66
CA LEU B 643 -14.14 -17.45 5.96
C LEU B 643 -14.44 -18.94 6.03
N PRO B 644 -13.44 -19.82 6.21
CA PRO B 644 -13.76 -21.24 6.37
C PRO B 644 -14.64 -21.45 7.61
N SER B 645 -15.43 -22.53 7.56
CA SER B 645 -16.19 -22.90 8.75
C SER B 645 -15.18 -23.22 9.86
N GLY B 646 -15.50 -22.75 11.06
CA GLY B 646 -14.67 -22.99 12.20
C GLY B 646 -14.00 -21.73 12.70
N VAL B 647 -13.87 -20.72 11.82
CA VAL B 647 -13.30 -19.47 12.23
C VAL B 647 -14.09 -18.91 13.43
N PHE B 648 -15.42 -18.83 13.30
CA PHE B 648 -16.21 -18.15 14.37
C PHE B 648 -16.21 -18.97 15.67
N ASP B 649 -16.36 -20.28 15.57
CA ASP B 649 -16.30 -21.17 16.73
C ASP B 649 -14.91 -21.08 17.41
N GLY B 650 -13.89 -20.73 16.63
CA GLY B 650 -12.52 -20.59 17.12
C GLY B 650 -12.19 -19.26 17.74
N MET B 651 -13.16 -18.32 17.75
CA MET B 651 -12.92 -17.03 18.33
C MET B 651 -12.98 -17.15 19.84
N PRO B 652 -12.22 -16.31 20.55
CA PRO B 652 -12.28 -16.27 22.01
C PRO B 652 -13.64 -15.77 22.47
N PRO B 653 -14.08 -16.16 23.70
CA PRO B 653 -15.49 -16.10 24.09
C PRO B 653 -16.05 -14.70 24.40
N ASN B 654 -15.21 -13.77 24.87
CA ASN B 654 -15.66 -12.39 25.19
C ASN B 654 -15.43 -11.39 24.02
N LEU B 655 -15.19 -11.87 22.79
CA LEU B 655 -14.95 -10.95 21.64
C LEU B 655 -16.15 -9.99 21.48
N LYS B 656 -15.88 -8.68 21.49
CA LYS B 656 -16.90 -7.67 21.33
C LYS B 656 -16.83 -6.97 19.97
N ASN B 657 -15.61 -6.58 19.57
CA ASN B 657 -15.39 -5.76 18.35
C ASN B 657 -14.53 -6.54 17.36
N LEU B 658 -15.12 -6.88 16.21
CA LEU B 658 -14.44 -7.66 15.20
C LEU B 658 -14.44 -6.84 13.89
N SER B 659 -13.25 -6.59 13.34
CA SER B 659 -13.13 -6.04 11.98
C SER B 659 -12.65 -7.11 11.01
N LEU B 660 -13.45 -7.27 9.95
CA LEU B 660 -13.13 -7.99 8.78
C LEU B 660 -13.12 -7.07 7.55
N ALA B 661 -12.82 -5.79 7.75
CA ALA B 661 -12.85 -4.80 6.65
C ALA B 661 -11.77 -5.15 5.59
N LYS B 662 -12.01 -4.74 4.34
CA LYS B 662 -10.96 -4.71 3.29
C LYS B 662 -10.31 -6.08 3.11
N ASN B 663 -11.14 -7.12 2.99
CA ASN B 663 -10.69 -8.48 2.85
C ASN B 663 -11.02 -9.05 1.47
N GLY B 664 -11.74 -8.29 0.64
CA GLY B 664 -12.36 -8.87 -0.59
C GLY B 664 -13.40 -9.95 -0.29
N LEU B 665 -14.09 -9.90 0.86
CA LEU B 665 -15.06 -10.92 1.21
C LEU B 665 -16.18 -10.90 0.19
N LYS B 666 -16.44 -12.05 -0.42
CA LYS B 666 -17.51 -12.19 -1.45
C LYS B 666 -18.73 -12.91 -0.87
N SER B 667 -18.57 -13.57 0.26
CA SER B 667 -19.67 -14.31 0.87
C SER B 667 -19.44 -14.39 2.38
N PHE B 668 -20.54 -14.57 3.11
CA PHE B 668 -20.56 -14.49 4.56
C PHE B 668 -21.79 -15.28 5.06
N ILE B 669 -21.54 -16.32 5.86
CA ILE B 669 -22.59 -17.11 6.48
C ILE B 669 -22.97 -16.42 7.79
N TRP B 670 -23.98 -15.54 7.71
CA TRP B 670 -24.39 -14.70 8.83
C TRP B 670 -24.77 -15.51 10.08
N GLU B 671 -25.31 -16.72 9.89
CA GLU B 671 -25.83 -17.53 11.00
C GLU B 671 -24.70 -17.89 11.97
N LYS B 672 -23.46 -17.87 11.46
CA LYS B 672 -22.29 -18.26 12.25
C LYS B 672 -21.98 -17.21 13.32
N LEU B 673 -22.49 -15.99 13.18
CA LEU B 673 -22.37 -15.00 14.24
C LEU B 673 -23.01 -15.49 15.56
N ARG B 674 -23.86 -16.51 15.51
CA ARG B 674 -24.46 -17.12 16.73
C ARG B 674 -23.34 -17.52 17.71
N TYR B 675 -22.17 -17.92 17.20
CA TYR B 675 -21.05 -18.35 18.07
C TYR B 675 -20.48 -17.19 18.88
N LEU B 676 -20.61 -15.97 18.36
CA LEU B 676 -19.99 -14.81 19.00
C LEU B 676 -21.03 -14.18 19.94
N LYS B 677 -21.11 -14.70 21.18
CA LYS B 677 -22.21 -14.40 22.07
C LYS B 677 -22.06 -13.00 22.72
N ASN B 678 -20.84 -12.43 22.75
CA ASN B 678 -20.62 -11.08 23.24
C ASN B 678 -20.38 -10.05 22.11
N LEU B 679 -20.63 -10.42 20.85
CA LEU B 679 -20.36 -9.54 19.74
C LEU B 679 -21.22 -8.27 19.78
N GLU B 680 -20.56 -7.11 19.78
CA GLU B 680 -21.21 -5.77 19.80
C GLU B 680 -21.07 -5.00 18.49
N THR B 681 -19.85 -5.00 17.93
CA THR B 681 -19.50 -4.26 16.73
C THR B 681 -18.90 -5.21 15.69
N LEU B 682 -19.52 -5.24 14.52
CA LEU B 682 -19.00 -5.97 13.39
C LEU B 682 -18.72 -5.01 12.23
N ASP B 683 -17.45 -4.95 11.79
CA ASP B 683 -17.01 -4.10 10.66
C ASP B 683 -16.75 -4.95 9.42
N LEU B 684 -17.68 -4.90 8.46
CA LEU B 684 -17.51 -5.56 7.17
C LEU B 684 -17.30 -4.58 5.99
N SER B 685 -16.78 -3.38 6.28
CA SER B 685 -16.66 -2.31 5.30
C SER B 685 -15.66 -2.72 4.20
N HIS B 686 -15.92 -2.24 2.98
CA HIS B 686 -14.95 -2.38 1.84
C HIS B 686 -14.72 -3.86 1.52
N ASN B 687 -15.80 -4.55 1.18
CA ASN B 687 -15.79 -5.92 0.86
C ASN B 687 -16.63 -6.07 -0.41
N GLN B 688 -17.00 -7.29 -0.79
CA GLN B 688 -17.83 -7.47 -1.97
C GLN B 688 -19.13 -8.20 -1.61
N LEU B 689 -19.66 -7.95 -0.43
CA LEU B 689 -20.87 -8.62 -0.05
C LEU B 689 -22.02 -8.13 -0.94
N THR B 690 -22.93 -9.05 -1.28
CA THR B 690 -24.06 -8.73 -2.15
C THR B 690 -25.38 -8.87 -1.37
N THR B 691 -25.39 -9.55 -0.21
CA THR B 691 -26.63 -9.76 0.50
C THR B 691 -26.46 -9.47 1.99
N VAL B 692 -27.61 -9.26 2.62
CA VAL B 692 -27.77 -9.17 4.05
C VAL B 692 -28.57 -10.41 4.49
N PRO B 693 -28.54 -10.80 5.78
CA PRO B 693 -29.25 -11.99 6.21
C PRO B 693 -30.78 -11.84 6.11
N GLU B 694 -31.49 -12.97 5.92
CA GLU B 694 -32.95 -12.97 5.92
C GLU B 694 -33.49 -12.36 7.22
N ARG B 695 -32.82 -12.65 8.35
CA ARG B 695 -33.23 -12.18 9.69
C ARG B 695 -31.99 -11.96 10.56
N LEU B 696 -31.60 -10.69 10.71
CA LEU B 696 -30.47 -10.35 11.54
C LEU B 696 -30.71 -10.78 13.00
N SER B 697 -31.95 -10.63 13.49
CA SER B 697 -32.31 -10.98 14.89
C SER B 697 -31.84 -12.41 15.19
N ASN B 698 -32.02 -13.32 14.21
CA ASN B 698 -31.73 -14.74 14.30
C ASN B 698 -30.22 -15.05 14.17
N CYS B 699 -29.39 -14.07 13.84
CA CYS B 699 -27.91 -14.22 13.70
C CYS B 699 -27.16 -13.79 14.97
N SER B 700 -27.74 -12.86 15.70
CA SER B 700 -27.09 -12.39 16.89
C SER B 700 -28.14 -11.80 17.84
N ARG B 701 -28.01 -12.07 19.14
CA ARG B 701 -28.81 -11.40 20.17
C ARG B 701 -28.13 -10.09 20.56
N SER B 702 -26.80 -9.99 20.34
CA SER B 702 -26.00 -8.94 21.02
C SER B 702 -25.63 -7.78 20.08
N LEU B 703 -25.76 -7.97 18.77
CA LEU B 703 -25.08 -7.02 17.85
C LEU B 703 -25.76 -5.64 17.94
N LYS B 704 -24.97 -4.60 18.24
CA LYS B 704 -25.38 -3.23 18.30
C LYS B 704 -25.00 -2.41 17.05
N ASN B 705 -23.78 -2.63 16.52
CA ASN B 705 -23.18 -1.75 15.46
C ASN B 705 -22.73 -2.57 14.26
N LEU B 706 -23.44 -2.43 13.14
CA LEU B 706 -23.18 -3.18 11.94
C LEU B 706 -22.72 -2.21 10.84
N ILE B 707 -21.44 -2.34 10.46
CA ILE B 707 -20.85 -1.51 9.38
C ILE B 707 -20.75 -2.33 8.10
N LEU B 708 -21.56 -1.96 7.09
CA LEU B 708 -21.57 -2.62 5.78
C LEU B 708 -21.23 -1.65 4.65
N LYS B 709 -20.61 -0.52 4.95
CA LYS B 709 -20.38 0.47 3.89
C LYS B 709 -19.45 -0.13 2.82
N ASN B 710 -19.59 0.36 1.58
CA ASN B 710 -18.65 0.03 0.49
C ASN B 710 -18.65 -1.47 0.21
N ASN B 711 -19.83 -1.99 -0.12
CA ASN B 711 -20.06 -3.35 -0.50
C ASN B 711 -20.84 -3.30 -1.80
N GLN B 712 -21.47 -4.41 -2.19
CA GLN B 712 -22.18 -4.45 -3.46
C GLN B 712 -23.65 -4.85 -3.22
N ILE B 713 -24.22 -4.38 -2.11
CA ILE B 713 -25.59 -4.81 -1.78
C ILE B 713 -26.60 -4.07 -2.67
N ARG B 714 -27.52 -4.81 -3.33
CA ARG B 714 -28.44 -4.23 -4.30
C ARG B 714 -29.88 -4.16 -3.77
N SER B 715 -30.20 -5.02 -2.79
CA SER B 715 -31.48 -4.97 -2.10
C SER B 715 -31.37 -5.64 -0.74
N LEU B 716 -32.36 -5.37 0.09
CA LEU B 716 -32.39 -5.92 1.41
C LEU B 716 -33.35 -7.11 1.41
N THR B 717 -33.14 -8.05 2.32
CA THR B 717 -34.08 -9.15 2.55
C THR B 717 -35.40 -8.59 3.09
N LYS B 718 -36.49 -9.31 2.79
CA LYS B 718 -37.86 -8.89 3.11
C LYS B 718 -38.02 -8.50 4.59
N TYR B 719 -37.46 -9.27 5.52
CA TYR B 719 -37.68 -9.03 6.96
C TYR B 719 -36.35 -8.77 7.70
N PHE B 720 -35.35 -8.29 6.95
CA PHE B 720 -33.96 -8.00 7.41
C PHE B 720 -33.90 -7.63 8.92
N LEU B 721 -34.47 -6.51 9.32
CA LEU B 721 -34.22 -6.03 10.70
C LEU B 721 -35.38 -6.40 11.67
N GLN B 722 -36.38 -7.18 11.23
CA GLN B 722 -37.54 -7.51 12.08
C GLN B 722 -37.04 -8.11 13.39
N ASP B 723 -37.45 -7.46 14.47
CA ASP B 723 -37.19 -7.86 15.89
C ASP B 723 -35.73 -7.70 16.28
N ALA B 724 -34.94 -6.93 15.54
CA ALA B 724 -33.54 -6.72 15.91
C ALA B 724 -33.44 -5.52 16.85
N PHE B 725 -34.01 -5.68 18.06
CA PHE B 725 -34.25 -4.57 18.99
C PHE B 725 -32.94 -4.06 19.61
N GLN B 726 -31.89 -4.88 19.55
CA GLN B 726 -30.60 -4.47 20.16
C GLN B 726 -29.81 -3.53 19.22
N LEU B 727 -30.21 -3.44 17.94
CA LEU B 727 -29.40 -2.70 16.92
C LEU B 727 -29.46 -1.19 17.21
N ARG B 728 -28.28 -0.52 17.15
CA ARG B 728 -28.14 0.91 17.46
C ARG B 728 -27.48 1.71 16.34
N TYR B 729 -26.70 1.07 15.48
CA TYR B 729 -25.95 1.79 14.44
C TYR B 729 -25.88 0.90 13.20
N LEU B 730 -26.30 1.42 12.06
CA LEU B 730 -26.30 0.66 10.81
C LEU B 730 -25.73 1.56 9.70
N ASP B 731 -24.63 1.11 9.09
CA ASP B 731 -24.02 1.80 7.93
C ASP B 731 -24.20 0.94 6.68
N LEU B 732 -25.11 1.37 5.79
CA LEU B 732 -25.29 0.76 4.50
C LEU B 732 -24.84 1.72 3.37
N SER B 733 -24.04 2.74 3.69
CA SER B 733 -23.63 3.71 2.64
C SER B 733 -22.69 3.06 1.63
N SER B 734 -22.62 3.68 0.44
CA SER B 734 -21.76 3.22 -0.65
C SER B 734 -22.02 1.74 -0.99
N ASN B 735 -23.30 1.43 -1.22
CA ASN B 735 -23.78 0.16 -1.73
C ASN B 735 -24.53 0.47 -3.04
N LYS B 736 -25.36 -0.46 -3.52
CA LYS B 736 -26.08 -0.29 -4.78
C LYS B 736 -27.59 -0.48 -4.55
N ILE B 737 -28.08 -0.04 -3.39
CA ILE B 737 -29.45 -0.29 -2.99
C ILE B 737 -30.36 0.61 -3.83
N GLN B 738 -31.42 0.01 -4.39
CA GLN B 738 -32.40 0.74 -5.19
C GLN B 738 -33.63 1.10 -4.36
N MET B 739 -34.09 0.17 -3.51
CA MET B 739 -35.43 0.22 -2.85
C MET B 739 -35.30 -0.26 -1.41
N ILE B 740 -36.02 0.39 -0.50
CA ILE B 740 -36.14 -0.14 0.83
C ILE B 740 -37.60 -0.06 1.27
N GLN B 741 -38.16 -1.20 1.73
CA GLN B 741 -39.58 -1.32 2.15
C GLN B 741 -39.62 -1.50 3.65
N LYS B 742 -40.77 -1.14 4.24
CA LYS B 742 -41.00 -1.15 5.69
C LYS B 742 -40.83 -2.56 6.28
N THR B 743 -41.13 -3.61 5.53
CA THR B 743 -40.96 -4.97 6.08
C THR B 743 -39.49 -5.20 6.45
N SER B 744 -38.57 -4.67 5.63
CA SER B 744 -37.10 -4.83 5.87
C SER B 744 -36.64 -3.92 7.01
N PHE B 745 -37.29 -2.75 7.10
CA PHE B 745 -36.88 -1.65 7.95
C PHE B 745 -38.07 -1.25 8.82
N PRO B 746 -38.52 -2.13 9.75
CA PRO B 746 -39.63 -1.81 10.64
C PRO B 746 -39.29 -0.62 11.55
N GLU B 747 -40.29 0.26 11.75
CA GLU B 747 -40.11 1.51 12.46
C GLU B 747 -39.77 1.24 13.94
N ASN B 748 -40.27 0.11 14.48
CA ASN B 748 -40.05 -0.23 15.91
C ASN B 748 -38.58 -0.64 16.13
N VAL B 749 -37.82 -0.86 15.05
CA VAL B 749 -36.32 -1.00 15.11
C VAL B 749 -35.64 0.32 14.68
N LEU B 750 -36.02 0.87 13.53
CA LEU B 750 -35.32 2.09 13.00
C LEU B 750 -35.32 3.18 14.07
N ASN B 751 -36.45 3.34 14.78
CA ASN B 751 -36.62 4.54 15.59
C ASN B 751 -35.77 4.41 16.87
N ASN B 752 -35.13 3.26 17.12
CA ASN B 752 -34.12 3.14 18.25
C ASN B 752 -32.68 3.38 17.75
N LEU B 753 -32.44 3.64 16.46
CA LEU B 753 -31.04 3.73 15.95
C LEU B 753 -30.44 5.08 16.36
N LYS B 754 -29.18 5.10 16.76
CA LYS B 754 -28.48 6.36 16.98
C LYS B 754 -28.05 6.95 15.63
N MET B 755 -27.75 6.10 14.65
CA MET B 755 -27.40 6.59 13.31
C MET B 755 -27.73 5.52 12.27
N LEU B 756 -28.21 5.97 11.12
CA LEU B 756 -28.46 5.17 9.96
C LEU B 756 -27.83 5.88 8.78
N LEU B 757 -26.84 5.22 8.13
CA LEU B 757 -26.08 5.80 7.03
C LEU B 757 -26.55 5.12 5.73
N LEU B 758 -26.96 5.95 4.77
CA LEU B 758 -27.71 5.51 3.57
C LEU B 758 -27.19 6.14 2.28
N HIS B 759 -26.19 7.02 2.38
CA HIS B 759 -25.73 7.83 1.28
C HIS B 759 -24.97 7.00 0.25
N HIS B 760 -24.96 7.53 -0.98
CA HIS B 760 -24.26 6.98 -2.12
C HIS B 760 -24.79 5.58 -2.42
N ASN B 761 -26.11 5.44 -2.42
CA ASN B 761 -26.80 4.21 -2.93
C ASN B 761 -27.34 4.51 -4.33
N ARG B 762 -28.34 3.78 -4.80
CA ARG B 762 -28.87 3.90 -6.16
C ARG B 762 -30.40 3.98 -6.09
N PHE B 763 -30.92 4.87 -5.22
CA PHE B 763 -32.33 4.90 -4.92
C PHE B 763 -33.16 5.25 -6.18
N LEU B 764 -34.19 4.43 -6.43
CA LEU B 764 -35.13 4.60 -7.51
C LEU B 764 -36.36 5.28 -6.90
N CYS B 765 -36.73 6.47 -7.37
CA CYS B 765 -37.73 7.25 -6.64
C CYS B 765 -39.09 7.18 -7.34
N THR B 766 -39.66 5.98 -7.37
CA THR B 766 -40.95 5.69 -7.96
C THR B 766 -41.98 5.67 -6.84
N CYS B 767 -43.24 5.41 -7.23
CA CYS B 767 -44.34 5.34 -6.32
C CYS B 767 -44.15 4.12 -5.40
N ASP B 768 -43.33 3.15 -5.78
CA ASP B 768 -42.94 2.03 -4.88
C ASP B 768 -42.09 2.52 -3.69
N ALA B 769 -41.48 3.70 -3.81
CA ALA B 769 -40.56 4.28 -2.81
C ALA B 769 -41.26 5.23 -1.82
N VAL B 770 -42.58 5.35 -1.90
CA VAL B 770 -43.31 6.36 -1.13
C VAL B 770 -43.00 6.21 0.38
N TRP B 771 -43.04 4.97 0.91
CA TRP B 771 -42.82 4.77 2.34
C TRP B 771 -41.43 5.29 2.75
N PHE B 772 -40.40 4.86 2.02
CA PHE B 772 -39.03 5.20 2.38
C PHE B 772 -38.81 6.72 2.33
N VAL B 773 -39.34 7.34 1.28
CA VAL B 773 -39.15 8.75 1.09
C VAL B 773 -39.85 9.51 2.22
N TRP B 774 -41.11 9.12 2.51
CA TRP B 774 -41.86 9.75 3.60
C TRP B 774 -41.03 9.58 4.89
N TRP B 775 -40.57 8.34 5.16
CA TRP B 775 -39.93 8.03 6.43
C TRP B 775 -38.62 8.82 6.59
N VAL B 776 -37.78 8.86 5.55
CA VAL B 776 -36.52 9.67 5.58
C VAL B 776 -36.85 11.14 5.82
N GLN B 777 -37.93 11.64 5.19
CA GLN B 777 -38.25 13.07 5.25
C GLN B 777 -38.69 13.42 6.68
N HIS B 778 -39.34 12.48 7.36
CA HIS B 778 -40.07 12.75 8.63
C HIS B 778 -39.38 12.16 9.89
N THR B 779 -38.30 11.38 9.73
CA THR B 779 -37.61 10.75 10.93
C THR B 779 -36.72 11.76 11.68
N GLU B 780 -36.63 11.51 13.01
CA GLU B 780 -35.62 12.14 13.91
C GLU B 780 -34.30 11.36 13.98
N VAL B 781 -34.28 10.09 13.52
CA VAL B 781 -33.01 9.31 13.42
C VAL B 781 -32.00 10.13 12.62
N THR B 782 -30.76 10.19 13.12
CA THR B 782 -29.69 10.87 12.42
C THR B 782 -29.26 10.12 11.15
N ILE B 783 -29.30 10.80 10.01
CA ILE B 783 -28.87 10.27 8.73
C ILE B 783 -27.99 11.33 8.09
N PRO B 784 -26.65 11.16 8.07
CA PRO B 784 -25.80 12.17 7.42
C PRO B 784 -25.86 12.25 5.89
N TYR B 785 -25.44 13.42 5.38
CA TYR B 785 -25.22 13.73 3.97
C TYR B 785 -26.52 13.81 3.16
N LEU B 786 -27.64 14.00 3.86
CA LEU B 786 -28.97 14.16 3.20
C LEU B 786 -28.96 15.29 2.15
N ALA B 787 -28.18 16.35 2.40
CA ALA B 787 -28.16 17.57 1.59
C ALA B 787 -27.37 17.31 0.31
N THR B 788 -26.55 16.27 0.34
CA THR B 788 -25.41 16.14 -0.49
C THR B 788 -25.45 14.85 -1.30
N ASP B 789 -25.81 13.71 -0.67
CA ASP B 789 -25.49 12.39 -1.28
C ASP B 789 -26.51 11.32 -0.89
N VAL B 790 -27.75 11.71 -0.61
CA VAL B 790 -28.88 10.79 -0.54
C VAL B 790 -29.83 11.19 -1.68
N THR B 791 -29.56 10.63 -2.86
CA THR B 791 -30.02 11.17 -4.13
C THR B 791 -30.85 10.10 -4.86
N CYS B 792 -31.83 10.50 -5.65
CA CYS B 792 -32.51 9.60 -6.62
C CYS B 792 -31.59 9.47 -7.82
N VAL B 793 -31.49 8.28 -8.38
CA VAL B 793 -30.76 8.04 -9.64
C VAL B 793 -31.76 7.98 -10.81
N GLY B 794 -33.04 7.87 -10.49
CA GLY B 794 -34.13 7.86 -11.44
C GLY B 794 -35.45 7.77 -10.70
N PRO B 795 -36.57 7.64 -11.44
CA PRO B 795 -36.62 7.72 -12.89
C PRO B 795 -36.37 9.16 -13.40
N GLY B 796 -36.40 9.33 -14.73
CA GLY B 796 -35.89 10.53 -15.41
C GLY B 796 -36.31 11.84 -14.78
N ALA B 797 -37.60 11.98 -14.48
CA ALA B 797 -38.11 13.21 -13.86
C ALA B 797 -37.21 13.60 -12.67
N HIS B 798 -36.89 12.62 -11.80
CA HIS B 798 -36.33 12.85 -10.45
C HIS B 798 -34.80 12.59 -10.39
N LYS B 799 -34.17 12.26 -11.52
CA LYS B 799 -32.76 11.94 -11.52
C LYS B 799 -31.95 13.08 -10.86
N GLY B 800 -31.04 12.70 -9.96
CA GLY B 800 -30.16 13.60 -9.22
C GLY B 800 -30.88 14.44 -8.17
N GLN B 801 -32.18 14.26 -7.99
CA GLN B 801 -32.88 15.00 -6.96
C GLN B 801 -32.60 14.37 -5.58
N SER B 802 -32.37 15.24 -4.60
CA SER B 802 -32.30 14.86 -3.19
C SER B 802 -33.62 14.19 -2.76
N VAL B 803 -33.55 13.03 -2.08
CA VAL B 803 -34.82 12.44 -1.64
C VAL B 803 -35.51 13.35 -0.61
N ILE B 804 -34.76 14.17 0.13
CA ILE B 804 -35.36 15.00 1.19
C ILE B 804 -36.34 16.06 0.60
N SER B 805 -36.13 16.45 -0.66
CA SER B 805 -36.93 17.48 -1.36
C SER B 805 -38.03 16.87 -2.25
N LEU B 806 -38.08 15.54 -2.32
CA LEU B 806 -38.89 14.86 -3.30
C LEU B 806 -40.37 15.06 -2.98
N ASP B 807 -41.18 15.41 -3.97
CA ASP B 807 -42.64 15.49 -3.78
C ASP B 807 -43.25 14.42 -4.69
N LEU B 808 -43.89 13.42 -4.08
CA LEU B 808 -44.46 12.29 -4.77
C LEU B 808 -45.99 12.35 -4.70
N TYR B 809 -46.55 13.58 -4.69
CA TYR B 809 -48.01 13.78 -4.68
C TYR B 809 -48.68 13.02 -5.83
N THR B 810 -47.99 12.85 -6.97
CA THR B 810 -48.69 12.18 -8.11
C THR B 810 -49.04 10.73 -7.74
N CYS B 811 -48.29 10.12 -6.82
CA CYS B 811 -48.55 8.74 -6.30
C CYS B 811 -49.83 8.67 -5.47
N GLU B 812 -50.38 9.81 -5.05
CA GLU B 812 -51.58 9.88 -4.20
C GLU B 812 -52.81 10.51 -4.90
N LEU B 813 -52.87 10.60 -6.23
CA LEU B 813 -53.97 11.34 -6.89
C LEU B 813 -55.32 10.62 -6.70
#